data_1TVG
# 
_entry.id   1TVG 
# 
_audit_conform.dict_name       mmcif_pdbx.dic 
_audit_conform.dict_version    5.386 
_audit_conform.dict_location   http://mmcif.pdb.org/dictionaries/ascii/mmcif_pdbx.dic 
# 
loop_
_database_2.database_id 
_database_2.database_code 
_database_2.pdbx_database_accession 
_database_2.pdbx_DOI 
PDB   1TVG         pdb_00001tvg 10.2210/pdb1tvg/pdb 
RCSB  RCSB022940   ?            ?                   
WWPDB D_1000022940 ?            ?                   
# 
loop_
_pdbx_audit_revision_history.ordinal 
_pdbx_audit_revision_history.data_content_type 
_pdbx_audit_revision_history.major_revision 
_pdbx_audit_revision_history.minor_revision 
_pdbx_audit_revision_history.revision_date 
1 'Structure model' 1 0 2004-11-09 
2 'Structure model' 1 1 2008-04-30 
3 'Structure model' 1 2 2011-07-13 
4 'Structure model' 1 3 2024-02-14 
# 
_pdbx_audit_revision_details.ordinal             1 
_pdbx_audit_revision_details.revision_ordinal    1 
_pdbx_audit_revision_details.data_content_type   'Structure model' 
_pdbx_audit_revision_details.provider            repository 
_pdbx_audit_revision_details.type                'Initial release' 
_pdbx_audit_revision_details.description         ? 
_pdbx_audit_revision_details.details             ? 
# 
loop_
_pdbx_audit_revision_group.ordinal 
_pdbx_audit_revision_group.revision_ordinal 
_pdbx_audit_revision_group.data_content_type 
_pdbx_audit_revision_group.group 
1 2 'Structure model' 'Version format compliance' 
2 3 'Structure model' 'Version format compliance' 
3 4 'Structure model' 'Data collection'           
4 4 'Structure model' 'Database references'       
5 4 'Structure model' 'Derived calculations'      
# 
loop_
_pdbx_audit_revision_category.ordinal 
_pdbx_audit_revision_category.revision_ordinal 
_pdbx_audit_revision_category.data_content_type 
_pdbx_audit_revision_category.category 
1 4 'Structure model' chem_comp_atom         
2 4 'Structure model' chem_comp_bond         
3 4 'Structure model' database_2             
4 4 'Structure model' pdbx_database_related  
5 4 'Structure model' pdbx_struct_conn_angle 
6 4 'Structure model' struct_conn            
7 4 'Structure model' struct_ref_seq_dif     
8 4 'Structure model' struct_site            
# 
loop_
_pdbx_audit_revision_item.ordinal 
_pdbx_audit_revision_item.revision_ordinal 
_pdbx_audit_revision_item.data_content_type 
_pdbx_audit_revision_item.item 
1  4 'Structure model' '_database_2.pdbx_DOI'                        
2  4 'Structure model' '_database_2.pdbx_database_accession'         
3  4 'Structure model' '_pdbx_database_related.db_name'              
4  4 'Structure model' '_pdbx_struct_conn_angle.ptnr1_auth_comp_id'  
5  4 'Structure model' '_pdbx_struct_conn_angle.ptnr1_auth_seq_id'   
6  4 'Structure model' '_pdbx_struct_conn_angle.ptnr1_label_asym_id' 
7  4 'Structure model' '_pdbx_struct_conn_angle.ptnr1_label_atom_id' 
8  4 'Structure model' '_pdbx_struct_conn_angle.ptnr1_label_comp_id' 
9  4 'Structure model' '_pdbx_struct_conn_angle.ptnr1_label_seq_id'  
10 4 'Structure model' '_pdbx_struct_conn_angle.ptnr3_auth_comp_id'  
11 4 'Structure model' '_pdbx_struct_conn_angle.ptnr3_auth_seq_id'   
12 4 'Structure model' '_pdbx_struct_conn_angle.ptnr3_label_asym_id' 
13 4 'Structure model' '_pdbx_struct_conn_angle.ptnr3_label_atom_id' 
14 4 'Structure model' '_pdbx_struct_conn_angle.ptnr3_label_comp_id' 
15 4 'Structure model' '_pdbx_struct_conn_angle.ptnr3_label_seq_id'  
16 4 'Structure model' '_pdbx_struct_conn_angle.value'               
17 4 'Structure model' '_struct_conn.pdbx_dist_value'                
18 4 'Structure model' '_struct_conn.ptnr1_auth_comp_id'             
19 4 'Structure model' '_struct_conn.ptnr1_auth_seq_id'              
20 4 'Structure model' '_struct_conn.ptnr1_label_asym_id'            
21 4 'Structure model' '_struct_conn.ptnr1_label_atom_id'            
22 4 'Structure model' '_struct_conn.ptnr1_label_comp_id'            
23 4 'Structure model' '_struct_conn.ptnr1_label_seq_id'             
24 4 'Structure model' '_struct_conn.ptnr1_symmetry'                 
25 4 'Structure model' '_struct_conn.ptnr2_auth_comp_id'             
26 4 'Structure model' '_struct_conn.ptnr2_auth_seq_id'              
27 4 'Structure model' '_struct_conn.ptnr2_label_asym_id'            
28 4 'Structure model' '_struct_conn.ptnr2_label_atom_id'            
29 4 'Structure model' '_struct_conn.ptnr2_label_comp_id'            
30 4 'Structure model' '_struct_conn.ptnr2_label_seq_id'             
31 4 'Structure model' '_struct_conn.ptnr2_symmetry'                 
32 4 'Structure model' '_struct_ref_seq_dif.details'                 
33 4 'Structure model' '_struct_site.pdbx_auth_asym_id'              
34 4 'Structure model' '_struct_site.pdbx_auth_comp_id'              
35 4 'Structure model' '_struct_site.pdbx_auth_seq_id'               
# 
_pdbx_database_status.status_code                     REL 
_pdbx_database_status.entry_id                        1TVG 
_pdbx_database_status.recvd_initial_deposition_date   2004-06-29 
_pdbx_database_status.deposit_site                    RCSB 
_pdbx_database_status.process_site                    RCSB 
_pdbx_database_status.status_code_sf                  REL 
_pdbx_database_status.status_code_mr                  ? 
_pdbx_database_status.SG_entry                        Y 
_pdbx_database_status.pdb_format_compatible           Y 
_pdbx_database_status.status_code_cs                  ? 
_pdbx_database_status.status_code_nmr_data            ? 
_pdbx_database_status.methods_development_category    ? 
# 
_pdbx_database_related.db_name        TargetDB 
_pdbx_database_related.db_id          HR1958 
_pdbx_database_related.details        . 
_pdbx_database_related.content_type   unspecified 
# 
loop_
_audit_author.name 
_audit_author.pdbx_ordinal 
'Kuzin, A.P.'                                     1 
'Vorobiev, S.M.'                                  2 
'Lee, I.'                                         3 
'Acton, T.B.'                                     4 
'Montelione, G.T.'                                5 
'Tong, L.'                                        6 
'Hunt, J.F.'                                      7 
'Northeast Structural Genomics Consortium (NESG)' 8 
# 
_citation.id                        primary 
_citation.title                     'Improving NMR protein structure quality by Rosetta refinement: a molecular replacement study.' 
_citation.journal_abbrev            Proteins 
_citation.journal_volume            75 
_citation.page_first                147 
_citation.page_last                 167 
_citation.year                      2009 
_citation.journal_id_ASTM           PSFGEY 
_citation.country                   US 
_citation.journal_id_ISSN           0887-3585 
_citation.journal_id_CSD            0867 
_citation.book_publisher            ? 
_citation.pdbx_database_id_PubMed   18816799 
_citation.pdbx_database_id_DOI      10.1002/prot.22229 
# 
loop_
_citation_author.citation_id 
_citation_author.name 
_citation_author.ordinal 
_citation_author.identifier_ORCID 
primary 'Ramelot, T.A.'    1  ? 
primary 'Raman, S.'        2  ? 
primary 'Kuzin, A.P.'      3  ? 
primary 'Xiao, R.'         4  ? 
primary 'Ma, L.C.'         5  ? 
primary 'Acton, T.B.'      6  ? 
primary 'Hunt, J.F.'       7  ? 
primary 'Montelione, G.T.' 8  ? 
primary 'Baker, D.'        9  ? 
primary 'Kennedy, M.A.'    10 ? 
# 
loop_
_entity.id 
_entity.type 
_entity.src_method 
_entity.pdbx_description 
_entity.formula_weight 
_entity.pdbx_number_of_molecules 
_entity.pdbx_ec 
_entity.pdbx_mutation 
_entity.pdbx_fragment 
_entity.details 
1 polymer     man 'LOC51668 protein'   17442.545 1   ? ? ? 'This protein is probably a mutant because ASP109 is deleted.' 
2 non-polymer syn 'CALCIUM ION'        40.078    1   ? ? ? ?                                                              
3 non-polymer syn 'SAMARIUM (III) ION' 150.360   1   ? ? ? ?                                                              
4 water       nat water                18.015    116 ? ? ? ?                                                              
# 
_entity_name_com.entity_id   1 
_entity_name_com.name        'Anaphase-Promoting Complex, subunit 10 (APC10), HR1958' 
# 
_entity_poly.entity_id                      1 
_entity_poly.type                           'polypeptide(L)' 
_entity_poly.nstd_linkage                   no 
_entity_poly.nstd_monomer                   no 
_entity_poly.pdbx_seq_one_letter_code       
;MGHHHHHHSHMRKIDLCLSSEGSEVILATSSDEKHPPENIIDGNPETFWTTTGMFPQEFIICFHKHVRIERLVIQSYFVQ
TLKIEKSTSKEPVDFEQWIEKDLVHTEGQLQNEEIVAHGSATYLRFIIVSAFDHFASVHSVSAEGTVVSNLSS
;
_entity_poly.pdbx_seq_one_letter_code_can   
;MGHHHHHHSHMRKIDLCLSSEGSEVILATSSDEKHPPENIIDGNPETFWTTTGMFPQEFIICFHKHVRIERLVIQSYFVQ
TLKIEKSTSKEPVDFEQWIEKDLVHTEGQLQNEEIVAHGSATYLRFIIVSAFDHFASVHSVSAEGTVVSNLSS
;
_entity_poly.pdbx_strand_id                 A 
_entity_poly.pdbx_target_identifier         HR1958 
# 
loop_
_pdbx_entity_nonpoly.entity_id 
_pdbx_entity_nonpoly.name 
_pdbx_entity_nonpoly.comp_id 
2 'CALCIUM ION'        CA  
3 'SAMARIUM (III) ION' SM  
4 water                HOH 
# 
loop_
_entity_poly_seq.entity_id 
_entity_poly_seq.num 
_entity_poly_seq.mon_id 
_entity_poly_seq.hetero 
1 1   MET n 
1 2   GLY n 
1 3   HIS n 
1 4   HIS n 
1 5   HIS n 
1 6   HIS n 
1 7   HIS n 
1 8   HIS n 
1 9   SER n 
1 10  HIS n 
1 11  MET n 
1 12  ARG n 
1 13  LYS n 
1 14  ILE n 
1 15  ASP n 
1 16  LEU n 
1 17  CYS n 
1 18  LEU n 
1 19  SER n 
1 20  SER n 
1 21  GLU n 
1 22  GLY n 
1 23  SER n 
1 24  GLU n 
1 25  VAL n 
1 26  ILE n 
1 27  LEU n 
1 28  ALA n 
1 29  THR n 
1 30  SER n 
1 31  SER n 
1 32  ASP n 
1 33  GLU n 
1 34  LYS n 
1 35  HIS n 
1 36  PRO n 
1 37  PRO n 
1 38  GLU n 
1 39  ASN n 
1 40  ILE n 
1 41  ILE n 
1 42  ASP n 
1 43  GLY n 
1 44  ASN n 
1 45  PRO n 
1 46  GLU n 
1 47  THR n 
1 48  PHE n 
1 49  TRP n 
1 50  THR n 
1 51  THR n 
1 52  THR n 
1 53  GLY n 
1 54  MET n 
1 55  PHE n 
1 56  PRO n 
1 57  GLN n 
1 58  GLU n 
1 59  PHE n 
1 60  ILE n 
1 61  ILE n 
1 62  CYS n 
1 63  PHE n 
1 64  HIS n 
1 65  LYS n 
1 66  HIS n 
1 67  VAL n 
1 68  ARG n 
1 69  ILE n 
1 70  GLU n 
1 71  ARG n 
1 72  LEU n 
1 73  VAL n 
1 74  ILE n 
1 75  GLN n 
1 76  SER n 
1 77  TYR n 
1 78  PHE n 
1 79  VAL n 
1 80  GLN n 
1 81  THR n 
1 82  LEU n 
1 83  LYS n 
1 84  ILE n 
1 85  GLU n 
1 86  LYS n 
1 87  SER n 
1 88  THR n 
1 89  SER n 
1 90  LYS n 
1 91  GLU n 
1 92  PRO n 
1 93  VAL n 
1 94  ASP n 
1 95  PHE n 
1 96  GLU n 
1 97  GLN n 
1 98  TRP n 
1 99  ILE n 
1 100 GLU n 
1 101 LYS n 
1 102 ASP n 
1 103 LEU n 
1 104 VAL n 
1 105 HIS n 
1 106 THR n 
1 107 GLU n 
1 108 GLY n 
1 109 GLN n 
1 110 LEU n 
1 111 GLN n 
1 112 ASN n 
1 113 GLU n 
1 114 GLU n 
1 115 ILE n 
1 116 VAL n 
1 117 ALA n 
1 118 HIS n 
1 119 GLY n 
1 120 SER n 
1 121 ALA n 
1 122 THR n 
1 123 TYR n 
1 124 LEU n 
1 125 ARG n 
1 126 PHE n 
1 127 ILE n 
1 128 ILE n 
1 129 VAL n 
1 130 SER n 
1 131 ALA n 
1 132 PHE n 
1 133 ASP n 
1 134 HIS n 
1 135 PHE n 
1 136 ALA n 
1 137 SER n 
1 138 VAL n 
1 139 HIS n 
1 140 SER n 
1 141 VAL n 
1 142 SER n 
1 143 ALA n 
1 144 GLU n 
1 145 GLY n 
1 146 THR n 
1 147 VAL n 
1 148 VAL n 
1 149 SER n 
1 150 ASN n 
1 151 LEU n 
1 152 SER n 
1 153 SER n 
# 
_entity_src_gen.entity_id                          1 
_entity_src_gen.pdbx_src_id                        1 
_entity_src_gen.pdbx_alt_source_flag               sample 
_entity_src_gen.pdbx_seq_type                      ? 
_entity_src_gen.pdbx_beg_seq_num                   ? 
_entity_src_gen.pdbx_end_seq_num                   ? 
_entity_src_gen.gene_src_common_name               human 
_entity_src_gen.gene_src_genus                     Homo 
_entity_src_gen.pdbx_gene_src_gene                 ? 
_entity_src_gen.gene_src_species                   ? 
_entity_src_gen.gene_src_strain                    ? 
_entity_src_gen.gene_src_tissue                    ? 
_entity_src_gen.gene_src_tissue_fraction           ? 
_entity_src_gen.gene_src_details                   ? 
_entity_src_gen.pdbx_gene_src_fragment             ? 
_entity_src_gen.pdbx_gene_src_scientific_name      'Homo sapiens' 
_entity_src_gen.pdbx_gene_src_ncbi_taxonomy_id     9606 
_entity_src_gen.pdbx_gene_src_variant              ? 
_entity_src_gen.pdbx_gene_src_cell_line            ? 
_entity_src_gen.pdbx_gene_src_atcc                 ? 
_entity_src_gen.pdbx_gene_src_organ                ? 
_entity_src_gen.pdbx_gene_src_organelle            ? 
_entity_src_gen.pdbx_gene_src_cell                 ? 
_entity_src_gen.pdbx_gene_src_cellular_location    ? 
_entity_src_gen.host_org_common_name               ? 
_entity_src_gen.pdbx_host_org_scientific_name      ? 
_entity_src_gen.pdbx_host_org_ncbi_taxonomy_id     ? 
_entity_src_gen.host_org_genus                     ? 
_entity_src_gen.pdbx_host_org_gene                 ? 
_entity_src_gen.pdbx_host_org_organ                ? 
_entity_src_gen.host_org_species                   ? 
_entity_src_gen.pdbx_host_org_tissue               ? 
_entity_src_gen.pdbx_host_org_tissue_fraction      ? 
_entity_src_gen.pdbx_host_org_strain               ? 
_entity_src_gen.pdbx_host_org_variant              ? 
_entity_src_gen.pdbx_host_org_cell_line            ? 
_entity_src_gen.pdbx_host_org_atcc                 ? 
_entity_src_gen.pdbx_host_org_culture_collection   ? 
_entity_src_gen.pdbx_host_org_cell                 ? 
_entity_src_gen.pdbx_host_org_organelle            ? 
_entity_src_gen.pdbx_host_org_cellular_location    ? 
_entity_src_gen.pdbx_host_org_vector_type          ? 
_entity_src_gen.pdbx_host_org_vector               ? 
_entity_src_gen.host_org_details                   ? 
_entity_src_gen.expression_system_id               ? 
_entity_src_gen.plasmid_name                       ? 
_entity_src_gen.plasmid_details                    ? 
_entity_src_gen.pdbx_description                   ? 
# 
loop_
_chem_comp.id 
_chem_comp.type 
_chem_comp.mon_nstd_flag 
_chem_comp.name 
_chem_comp.pdbx_synonyms 
_chem_comp.formula 
_chem_comp.formula_weight 
ALA 'L-peptide linking' y ALANINE              ? 'C3 H7 N O2'     89.093  
ARG 'L-peptide linking' y ARGININE             ? 'C6 H15 N4 O2 1' 175.209 
ASN 'L-peptide linking' y ASPARAGINE           ? 'C4 H8 N2 O3'    132.118 
ASP 'L-peptide linking' y 'ASPARTIC ACID'      ? 'C4 H7 N O4'     133.103 
CA  non-polymer         . 'CALCIUM ION'        ? 'Ca 2'           40.078  
CYS 'L-peptide linking' y CYSTEINE             ? 'C3 H7 N O2 S'   121.158 
GLN 'L-peptide linking' y GLUTAMINE            ? 'C5 H10 N2 O3'   146.144 
GLU 'L-peptide linking' y 'GLUTAMIC ACID'      ? 'C5 H9 N O4'     147.129 
GLY 'peptide linking'   y GLYCINE              ? 'C2 H5 N O2'     75.067  
HIS 'L-peptide linking' y HISTIDINE            ? 'C6 H10 N3 O2 1' 156.162 
HOH non-polymer         . WATER                ? 'H2 O'           18.015  
ILE 'L-peptide linking' y ISOLEUCINE           ? 'C6 H13 N O2'    131.173 
LEU 'L-peptide linking' y LEUCINE              ? 'C6 H13 N O2'    131.173 
LYS 'L-peptide linking' y LYSINE               ? 'C6 H15 N2 O2 1' 147.195 
MET 'L-peptide linking' y METHIONINE           ? 'C5 H11 N O2 S'  149.211 
PHE 'L-peptide linking' y PHENYLALANINE        ? 'C9 H11 N O2'    165.189 
PRO 'L-peptide linking' y PROLINE              ? 'C5 H9 N O2'     115.130 
SER 'L-peptide linking' y SERINE               ? 'C3 H7 N O3'     105.093 
SM  non-polymer         . 'SAMARIUM (III) ION' ? 'Sm 3'           150.360 
THR 'L-peptide linking' y THREONINE            ? 'C4 H9 N O3'     119.119 
TRP 'L-peptide linking' y TRYPTOPHAN           ? 'C11 H12 N2 O2'  204.225 
TYR 'L-peptide linking' y TYROSINE             ? 'C9 H11 N O3'    181.189 
VAL 'L-peptide linking' y VALINE               ? 'C5 H11 N O2'    117.146 
# 
loop_
_pdbx_poly_seq_scheme.asym_id 
_pdbx_poly_seq_scheme.entity_id 
_pdbx_poly_seq_scheme.seq_id 
_pdbx_poly_seq_scheme.mon_id 
_pdbx_poly_seq_scheme.ndb_seq_num 
_pdbx_poly_seq_scheme.pdb_seq_num 
_pdbx_poly_seq_scheme.auth_seq_num 
_pdbx_poly_seq_scheme.pdb_mon_id 
_pdbx_poly_seq_scheme.auth_mon_id 
_pdbx_poly_seq_scheme.pdb_strand_id 
_pdbx_poly_seq_scheme.pdb_ins_code 
_pdbx_poly_seq_scheme.hetero 
A 1 1   MET 1   -9  ?   ?   ?   A . n 
A 1 2   GLY 2   -8  ?   ?   ?   A . n 
A 1 3   HIS 3   -7  ?   ?   ?   A . n 
A 1 4   HIS 4   -6  ?   ?   ?   A . n 
A 1 5   HIS 5   -5  ?   ?   ?   A . n 
A 1 6   HIS 6   -4  ?   ?   ?   A . n 
A 1 7   HIS 7   -3  ?   ?   ?   A . n 
A 1 8   HIS 8   -2  ?   ?   ?   A . n 
A 1 9   SER 9   -1  ?   ?   ?   A . n 
A 1 10  HIS 10  0   ?   ?   ?   A . n 
A 1 11  MET 11  1   ?   ?   ?   A . n 
A 1 12  ARG 12  2   ?   ?   ?   A . n 
A 1 13  LYS 13  3   ?   ?   ?   A . n 
A 1 14  ILE 14  4   4   ILE ILE A . n 
A 1 15  ASP 15  5   5   ASP ASP A . n 
A 1 16  LEU 16  6   6   LEU LEU A . n 
A 1 17  CYS 17  7   7   CYS CYS A . n 
A 1 18  LEU 18  8   8   LEU LEU A . n 
A 1 19  SER 19  9   9   SER SER A . n 
A 1 20  SER 20  10  10  SER SER A . n 
A 1 21  GLU 21  11  11  GLU GLU A . n 
A 1 22  GLY 22  12  12  GLY GLY A . n 
A 1 23  SER 23  13  13  SER SER A . n 
A 1 24  GLU 24  14  14  GLU GLU A . n 
A 1 25  VAL 25  15  15  VAL VAL A . n 
A 1 26  ILE 26  16  16  ILE ILE A . n 
A 1 27  LEU 27  17  17  LEU LEU A . n 
A 1 28  ALA 28  18  18  ALA ALA A . n 
A 1 29  THR 29  19  19  THR THR A . n 
A 1 30  SER 30  20  20  SER SER A . n 
A 1 31  SER 31  21  21  SER SER A . n 
A 1 32  ASP 32  22  22  ASP ASP A . n 
A 1 33  GLU 33  23  23  GLU GLU A . n 
A 1 34  LYS 34  24  24  LYS LYS A . n 
A 1 35  HIS 35  25  25  HIS HIS A . n 
A 1 36  PRO 36  26  26  PRO PRO A . n 
A 1 37  PRO 37  27  27  PRO PRO A . n 
A 1 38  GLU 38  28  28  GLU GLU A . n 
A 1 39  ASN 39  29  29  ASN ASN A . n 
A 1 40  ILE 40  30  30  ILE ILE A . n 
A 1 41  ILE 41  31  31  ILE ILE A . n 
A 1 42  ASP 42  32  32  ASP ASP A . n 
A 1 43  GLY 43  33  33  GLY GLY A . n 
A 1 44  ASN 44  34  34  ASN ASN A . n 
A 1 45  PRO 45  35  35  PRO PRO A . n 
A 1 46  GLU 46  36  36  GLU GLU A . n 
A 1 47  THR 47  37  37  THR THR A . n 
A 1 48  PHE 48  38  38  PHE PHE A . n 
A 1 49  TRP 49  39  39  TRP TRP A . n 
A 1 50  THR 50  40  40  THR THR A . n 
A 1 51  THR 51  41  41  THR THR A . n 
A 1 52  THR 52  42  42  THR THR A . n 
A 1 53  GLY 53  43  43  GLY GLY A . n 
A 1 54  MET 54  44  44  MET MET A . n 
A 1 55  PHE 55  45  45  PHE PHE A . n 
A 1 56  PRO 56  46  46  PRO PRO A . n 
A 1 57  GLN 57  47  47  GLN GLN A . n 
A 1 58  GLU 58  48  48  GLU GLU A . n 
A 1 59  PHE 59  49  49  PHE PHE A . n 
A 1 60  ILE 60  50  50  ILE ILE A . n 
A 1 61  ILE 61  51  51  ILE ILE A . n 
A 1 62  CYS 62  52  52  CYS CYS A . n 
A 1 63  PHE 63  53  53  PHE PHE A . n 
A 1 64  HIS 64  54  54  HIS HIS A . n 
A 1 65  LYS 65  55  55  LYS LYS A . n 
A 1 66  HIS 66  56  56  HIS HIS A . n 
A 1 67  VAL 67  57  57  VAL VAL A . n 
A 1 68  ARG 68  58  58  ARG ARG A . n 
A 1 69  ILE 69  59  59  ILE ILE A . n 
A 1 70  GLU 70  60  60  GLU GLU A . n 
A 1 71  ARG 71  61  61  ARG ARG A . n 
A 1 72  LEU 72  62  62  LEU LEU A . n 
A 1 73  VAL 73  63  63  VAL VAL A . n 
A 1 74  ILE 74  64  64  ILE ILE A . n 
A 1 75  GLN 75  65  65  GLN GLN A . n 
A 1 76  SER 76  66  66  SER SER A . n 
A 1 77  TYR 77  67  67  TYR TYR A . n 
A 1 78  PHE 78  68  68  PHE PHE A . n 
A 1 79  VAL 79  69  69  VAL VAL A . n 
A 1 80  GLN 80  70  70  GLN GLN A . n 
A 1 81  THR 81  71  71  THR THR A . n 
A 1 82  LEU 82  72  72  LEU LEU A . n 
A 1 83  LYS 83  73  73  LYS LYS A . n 
A 1 84  ILE 84  74  74  ILE ILE A . n 
A 1 85  GLU 85  75  75  GLU GLU A . n 
A 1 86  LYS 86  76  76  LYS LYS A . n 
A 1 87  SER 87  77  77  SER SER A . n 
A 1 88  THR 88  78  78  THR THR A . n 
A 1 89  SER 89  79  79  SER SER A . n 
A 1 90  LYS 90  80  80  LYS LYS A . n 
A 1 91  GLU 91  81  81  GLU GLU A . n 
A 1 92  PRO 92  82  82  PRO PRO A . n 
A 1 93  VAL 93  83  83  VAL VAL A . n 
A 1 94  ASP 94  84  84  ASP ASP A . n 
A 1 95  PHE 95  85  85  PHE PHE A . n 
A 1 96  GLU 96  86  86  GLU GLU A . n 
A 1 97  GLN 97  87  87  GLN GLN A . n 
A 1 98  TRP 98  88  88  TRP TRP A . n 
A 1 99  ILE 99  89  89  ILE ILE A . n 
A 1 100 GLU 100 90  90  GLU GLU A . n 
A 1 101 LYS 101 91  91  LYS LYS A . n 
A 1 102 ASP 102 92  92  ASP ASP A . n 
A 1 103 LEU 103 93  93  LEU LEU A . n 
A 1 104 VAL 104 94  94  VAL VAL A . n 
A 1 105 HIS 105 95  95  HIS HIS A . n 
A 1 106 THR 106 96  96  THR THR A . n 
A 1 107 GLU 107 97  97  GLU GLU A . n 
A 1 108 GLY 108 98  98  GLY GLY A . n 
A 1 109 GLN 109 99  99  GLN GLN A . n 
A 1 110 LEU 110 100 100 LEU LEU A . n 
A 1 111 GLN 111 101 101 GLN GLN A . n 
A 1 112 ASN 112 102 102 ASN ASN A . n 
A 1 113 GLU 113 103 103 GLU GLU A . n 
A 1 114 GLU 114 104 104 GLU GLU A . n 
A 1 115 ILE 115 105 105 ILE ILE A . n 
A 1 116 VAL 116 106 106 VAL VAL A . n 
A 1 117 ALA 117 107 107 ALA ALA A . n 
A 1 118 HIS 118 108 108 HIS HIS A . n 
A 1 119 GLY 119 110 110 GLY GLY A . n 
A 1 120 SER 120 111 111 SER SER A . n 
A 1 121 ALA 121 112 112 ALA ALA A . n 
A 1 122 THR 122 113 113 THR THR A . n 
A 1 123 TYR 123 114 114 TYR TYR A . n 
A 1 124 LEU 124 115 115 LEU LEU A . n 
A 1 125 ARG 125 116 116 ARG ARG A . n 
A 1 126 PHE 126 117 117 PHE PHE A . n 
A 1 127 ILE 127 118 118 ILE ILE A . n 
A 1 128 ILE 128 119 119 ILE ILE A . n 
A 1 129 VAL 129 120 120 VAL VAL A . n 
A 1 130 SER 130 121 121 SER SER A . n 
A 1 131 ALA 131 122 122 ALA ALA A . n 
A 1 132 PHE 132 123 123 PHE PHE A . n 
A 1 133 ASP 133 124 124 ASP ASP A . n 
A 1 134 HIS 134 125 125 HIS HIS A . n 
A 1 135 PHE 135 126 126 PHE PHE A . n 
A 1 136 ALA 136 127 127 ALA ALA A . n 
A 1 137 SER 137 128 128 SER SER A . n 
A 1 138 VAL 138 129 129 VAL VAL A . n 
A 1 139 HIS 139 130 130 HIS HIS A . n 
A 1 140 SER 140 131 131 SER SER A . n 
A 1 141 VAL 141 132 132 VAL VAL A . n 
A 1 142 SER 142 133 133 SER SER A . n 
A 1 143 ALA 143 134 134 ALA ALA A . n 
A 1 144 GLU 144 135 135 GLU GLU A . n 
A 1 145 GLY 145 136 136 GLY GLY A . n 
A 1 146 THR 146 137 137 THR THR A . n 
A 1 147 VAL 147 138 138 VAL VAL A . n 
A 1 148 VAL 148 139 139 VAL VAL A . n 
A 1 149 SER 149 140 140 SER SER A . n 
A 1 150 ASN 150 141 ?   ?   ?   A . n 
A 1 151 LEU 151 142 ?   ?   ?   A . n 
A 1 152 SER 152 143 ?   ?   ?   A . n 
A 1 153 SER 153 144 ?   ?   ?   A . n 
# 
loop_
_pdbx_nonpoly_scheme.asym_id 
_pdbx_nonpoly_scheme.entity_id 
_pdbx_nonpoly_scheme.mon_id 
_pdbx_nonpoly_scheme.ndb_seq_num 
_pdbx_nonpoly_scheme.pdb_seq_num 
_pdbx_nonpoly_scheme.auth_seq_num 
_pdbx_nonpoly_scheme.pdb_mon_id 
_pdbx_nonpoly_scheme.auth_mon_id 
_pdbx_nonpoly_scheme.pdb_strand_id 
_pdbx_nonpoly_scheme.pdb_ins_code 
B 2 CA  1   221 221 CA  CA  A . 
C 3 SM  1   331 331 SM  SM  A . 
D 4 HOH 1   332 4   HOH HOH A . 
D 4 HOH 2   333 7   HOH HOH A . 
D 4 HOH 3   334 5   HOH HOH A . 
D 4 HOH 4   335 3   HOH HOH A . 
D 4 HOH 5   336 6   HOH HOH A . 
D 4 HOH 6   337 8   HOH HOH A . 
D 4 HOH 7   338 11  HOH HOH A . 
D 4 HOH 8   339 17  HOH HOH A . 
D 4 HOH 9   340 56  HOH HOH A . 
D 4 HOH 10  341 9   HOH HOH A . 
D 4 HOH 11  342 20  HOH HOH A . 
D 4 HOH 12  343 21  HOH HOH A . 
D 4 HOH 13  344 10  HOH HOH A . 
D 4 HOH 14  345 14  HOH HOH A . 
D 4 HOH 15  346 87  HOH HOH A . 
D 4 HOH 16  347 53  HOH HOH A . 
D 4 HOH 17  348 25  HOH HOH A . 
D 4 HOH 18  349 43  HOH HOH A . 
D 4 HOH 19  350 58  HOH HOH A . 
D 4 HOH 20  351 18  HOH HOH A . 
D 4 HOH 21  352 23  HOH HOH A . 
D 4 HOH 22  353 42  HOH HOH A . 
D 4 HOH 23  354 41  HOH HOH A . 
D 4 HOH 24  355 19  HOH HOH A . 
D 4 HOH 25  356 34  HOH HOH A . 
D 4 HOH 26  357 31  HOH HOH A . 
D 4 HOH 27  358 35  HOH HOH A . 
D 4 HOH 28  359 90  HOH HOH A . 
D 4 HOH 29  360 12  HOH HOH A . 
D 4 HOH 30  361 52  HOH HOH A . 
D 4 HOH 31  362 22  HOH HOH A . 
D 4 HOH 32  363 46  HOH HOH A . 
D 4 HOH 33  364 125 HOH HOH A . 
D 4 HOH 34  365 27  HOH HOH A . 
D 4 HOH 35  366 26  HOH HOH A . 
D 4 HOH 36  367 29  HOH HOH A . 
D 4 HOH 37  368 16  HOH HOH A . 
D 4 HOH 38  369 93  HOH HOH A . 
D 4 HOH 39  370 62  HOH HOH A . 
D 4 HOH 40  371 15  HOH HOH A . 
D 4 HOH 41  372 45  HOH HOH A . 
D 4 HOH 42  373 40  HOH HOH A . 
D 4 HOH 43  374 33  HOH HOH A . 
D 4 HOH 44  375 86  HOH HOH A . 
D 4 HOH 45  376 83  HOH HOH A . 
D 4 HOH 46  377 32  HOH HOH A . 
D 4 HOH 47  378 30  HOH HOH A . 
D 4 HOH 48  379 67  HOH HOH A . 
D 4 HOH 49  380 37  HOH HOH A . 
D 4 HOH 50  381 96  HOH HOH A . 
D 4 HOH 51  382 92  HOH HOH A . 
D 4 HOH 52  383 28  HOH HOH A . 
D 4 HOH 53  384 44  HOH HOH A . 
D 4 HOH 54  385 36  HOH HOH A . 
D 4 HOH 55  386 38  HOH HOH A . 
D 4 HOH 56  387 48  HOH HOH A . 
D 4 HOH 57  388 47  HOH HOH A . 
D 4 HOH 58  389 94  HOH HOH A . 
D 4 HOH 59  390 91  HOH HOH A . 
D 4 HOH 60  391 77  HOH HOH A . 
D 4 HOH 61  392 65  HOH HOH A . 
D 4 HOH 62  393 88  HOH HOH A . 
D 4 HOH 63  394 95  HOH HOH A . 
D 4 HOH 64  395 81  HOH HOH A . 
D 4 HOH 65  396 115 HOH HOH A . 
D 4 HOH 66  397 49  HOH HOH A . 
D 4 HOH 67  398 101 HOH HOH A . 
D 4 HOH 68  399 98  HOH HOH A . 
D 4 HOH 69  400 74  HOH HOH A . 
D 4 HOH 70  401 104 HOH HOH A . 
D 4 HOH 71  402 57  HOH HOH A . 
D 4 HOH 72  403 63  HOH HOH A . 
D 4 HOH 73  404 59  HOH HOH A . 
D 4 HOH 74  405 124 HOH HOH A . 
D 4 HOH 75  406 106 HOH HOH A . 
D 4 HOH 76  407 24  HOH HOH A . 
D 4 HOH 77  408 112 HOH HOH A . 
D 4 HOH 78  409 69  HOH HOH A . 
D 4 HOH 79  410 97  HOH HOH A . 
D 4 HOH 80  411 39  HOH HOH A . 
D 4 HOH 81  412 121 HOH HOH A . 
D 4 HOH 82  413 123 HOH HOH A . 
D 4 HOH 83  414 64  HOH HOH A . 
D 4 HOH 84  415 99  HOH HOH A . 
D 4 HOH 85  416 71  HOH HOH A . 
D 4 HOH 86  417 114 HOH HOH A . 
D 4 HOH 87  418 61  HOH HOH A . 
D 4 HOH 88  419 120 HOH HOH A . 
D 4 HOH 89  420 76  HOH HOH A . 
D 4 HOH 90  421 78  HOH HOH A . 
D 4 HOH 91  422 84  HOH HOH A . 
D 4 HOH 92  423 111 HOH HOH A . 
D 4 HOH 93  424 108 HOH HOH A . 
D 4 HOH 94  425 75  HOH HOH A . 
D 4 HOH 95  426 103 HOH HOH A . 
D 4 HOH 96  427 89  HOH HOH A . 
D 4 HOH 97  428 118 HOH HOH A . 
D 4 HOH 98  429 82  HOH HOH A . 
D 4 HOH 99  430 55  HOH HOH A . 
D 4 HOH 100 431 105 HOH HOH A . 
D 4 HOH 101 432 107 HOH HOH A . 
D 4 HOH 102 433 54  HOH HOH A . 
D 4 HOH 103 434 100 HOH HOH A . 
D 4 HOH 104 435 117 HOH HOH A . 
D 4 HOH 105 436 102 HOH HOH A . 
D 4 HOH 106 437 66  HOH HOH A . 
D 4 HOH 107 438 80  HOH HOH A . 
D 4 HOH 108 439 60  HOH HOH A . 
D 4 HOH 109 440 116 HOH HOH A . 
D 4 HOH 110 441 122 HOH HOH A . 
D 4 HOH 111 442 79  HOH HOH A . 
D 4 HOH 112 443 73  HOH HOH A . 
D 4 HOH 113 444 110 HOH HOH A . 
D 4 HOH 114 445 119 HOH HOH A . 
D 4 HOH 115 446 72  HOH HOH A . 
D 4 HOH 116 447 13  HOH HOH A . 
# 
loop_
_software.name 
_software.classification 
_software.version 
_software.citation_id 
_software.pdbx_ordinal 
CNS       refinement       1.1 ? 1 
DENZO     'data reduction' .   ? 2 
SCALEPACK 'data scaling'   .   ? 3 
SOLVE     phasing          .   ? 4 
# 
_cell.entry_id           1TVG 
_cell.length_a           70.974 
_cell.length_b           41.617 
_cell.length_c           46.779 
_cell.angle_alpha        90.00 
_cell.angle_beta         102.19 
_cell.angle_gamma        90.00 
_cell.Z_PDB              4 
_cell.pdbx_unique_axis   ? 
_cell.length_a_esd       ? 
_cell.length_b_esd       ? 
_cell.length_c_esd       ? 
_cell.angle_alpha_esd    ? 
_cell.angle_beta_esd     ? 
_cell.angle_gamma_esd    ? 
# 
_symmetry.entry_id                         1TVG 
_symmetry.space_group_name_H-M             'C 1 2 1' 
_symmetry.pdbx_full_space_group_name_H-M   ? 
_symmetry.cell_setting                     ? 
_symmetry.Int_Tables_number                5 
_symmetry.space_group_name_Hall            ? 
# 
_exptl.entry_id          1TVG 
_exptl.method            'X-RAY DIFFRACTION' 
_exptl.crystals_number   1 
# 
_exptl_crystal.id                    1 
_exptl_crystal.density_meas          ? 
_exptl_crystal.density_Matthews      2.0 
_exptl_crystal.density_percent_sol   39 
_exptl_crystal.description           ? 
_exptl_crystal.F_000                 ? 
_exptl_crystal.preparation           ? 
# 
_exptl_crystal_grow.crystal_id      1 
_exptl_crystal_grow.method          'VAPOR DIFFUSION, HANGING DROP' 
_exptl_crystal_grow.temp            293 
_exptl_crystal_grow.temp_details    ? 
_exptl_crystal_grow.pH              ? 
_exptl_crystal_grow.pdbx_details    '18% PEG, 200 mM CaCl(2), VAPOR DIFFUSION, HANGING DROP, temperature 293K' 
_exptl_crystal_grow.pdbx_pH_range   . 
# 
_diffrn.id                     1 
_diffrn.ambient_temp           100.0 
_diffrn.ambient_temp_details   ? 
_diffrn.crystal_id             1 
# 
_diffrn_detector.diffrn_id              1 
_diffrn_detector.detector               CCD 
_diffrn_detector.type                   'ADSC QUANTUM 4' 
_diffrn_detector.pdbx_collection_date   2004-04-02 
_diffrn_detector.details                ? 
# 
_diffrn_radiation.diffrn_id                        1 
_diffrn_radiation.wavelength_id                    1 
_diffrn_radiation.pdbx_monochromatic_or_laue_m_l   M 
_diffrn_radiation.monochromator                    ? 
_diffrn_radiation.pdbx_diffrn_protocol             'SINGLE WAVELENGTH' 
_diffrn_radiation.pdbx_scattering_type             x-ray 
# 
_diffrn_radiation_wavelength.id           1 
_diffrn_radiation_wavelength.wavelength   0.97896 
_diffrn_radiation_wavelength.wt           1.0 
# 
_diffrn_source.diffrn_id                   1 
_diffrn_source.source                      SYNCHROTRON 
_diffrn_source.type                        'NSLS BEAMLINE X4A' 
_diffrn_source.pdbx_synchrotron_site       NSLS 
_diffrn_source.pdbx_synchrotron_beamline   X4A 
_diffrn_source.pdbx_wavelength             ? 
_diffrn_source.pdbx_wavelength_list        0.97896 
# 
_reflns.entry_id                     1TVG 
_reflns.observed_criterion_sigma_I   -3.0 
_reflns.observed_criterion_sigma_F   ? 
_reflns.d_resolution_low             30 
_reflns.d_resolution_high            1.4 
_reflns.number_obs                   48903 
_reflns.number_all                   ? 
_reflns.percent_possible_obs         ? 
_reflns.pdbx_Rmerge_I_obs            ? 
_reflns.pdbx_Rsym_value              0.071 
_reflns.pdbx_netI_over_sigmaI        18.47 
_reflns.B_iso_Wilson_estimate        11.2 
_reflns.pdbx_redundancy              3.59 
_reflns.R_free_details               ? 
_reflns.limit_h_max                  ? 
_reflns.limit_h_min                  ? 
_reflns.limit_k_max                  ? 
_reflns.limit_k_min                  ? 
_reflns.limit_l_max                  ? 
_reflns.limit_l_min                  ? 
_reflns.observed_criterion_F_max     ? 
_reflns.observed_criterion_F_min     ? 
_reflns.pdbx_chi_squared             ? 
_reflns.pdbx_scaling_rejects         ? 
_reflns.pdbx_diffrn_id               1 
_reflns.pdbx_ordinal                 1 
# 
_reflns_shell.d_res_high             1.40 
_reflns_shell.d_res_low              1.45 
_reflns_shell.percent_possible_all   60 
_reflns_shell.Rmerge_I_obs           0.407 
_reflns_shell.pdbx_Rsym_value        ? 
_reflns_shell.meanI_over_sigI_obs    1.65 
_reflns_shell.pdbx_redundancy        ? 
_reflns_shell.percent_possible_obs   ? 
_reflns_shell.number_unique_all      ? 
_reflns_shell.number_measured_all    ? 
_reflns_shell.number_measured_obs    ? 
_reflns_shell.number_unique_obs      ? 
_reflns_shell.pdbx_chi_squared       ? 
_reflns_shell.pdbx_diffrn_id         ? 
_reflns_shell.pdbx_ordinal           1 
# 
_refine.entry_id                                 1TVG 
_refine.ls_number_reflns_obs                     32294 
_refine.ls_number_reflns_all                     34479 
_refine.pdbx_ls_sigma_I                          ? 
_refine.pdbx_ls_sigma_F                          1.0 
_refine.pdbx_data_cutoff_high_absF               488056.06 
_refine.pdbx_data_cutoff_low_absF                0.000000 
_refine.pdbx_data_cutoff_high_rms_absF           ? 
_refine.ls_d_res_low                             29.74 
_refine.ls_d_res_high                            1.60 
_refine.ls_percent_reflns_obs                    93.5 
_refine.ls_R_factor_obs                          0.215 
_refine.ls_R_factor_all                          ? 
_refine.ls_R_factor_R_work                       0.215 
_refine.ls_R_factor_R_free                       0.244 
_refine.ls_R_factor_R_free_error                 0.004 
_refine.ls_R_factor_R_free_error_details         ? 
_refine.ls_percent_reflns_R_free                 9.9 
_refine.ls_number_reflns_R_free                  3200 
_refine.ls_number_parameters                     ? 
_refine.ls_number_restraints                     ? 
_refine.occupancy_min                            ? 
_refine.occupancy_max                            ? 
_refine.correlation_coeff_Fo_to_Fc               ? 
_refine.correlation_coeff_Fo_to_Fc_free          ? 
_refine.B_iso_mean                               14.7 
_refine.aniso_B[1][1]                            -1.42 
_refine.aniso_B[2][2]                            0.92 
_refine.aniso_B[3][3]                            0.50 
_refine.aniso_B[1][2]                            0.00 
_refine.aniso_B[1][3]                            -0.23 
_refine.aniso_B[2][3]                            0.00 
_refine.solvent_model_details                    'FLAT MODEL' 
_refine.solvent_model_param_ksol                 0.382308 
_refine.solvent_model_param_bsol                 38.6769 
_refine.pdbx_solvent_vdw_probe_radii             ? 
_refine.pdbx_solvent_ion_probe_radii             ? 
_refine.pdbx_solvent_shrinkage_radii             ? 
_refine.pdbx_ls_cross_valid_method               THROUGHOUT 
_refine.details                                  ? 
_refine.pdbx_starting_model                      ? 
_refine.pdbx_method_to_determine_struct          'SAD for Sm derivative' 
_refine.pdbx_isotropic_thermal_model             RESTRAINED 
_refine.pdbx_stereochemistry_target_values       ? 
_refine.pdbx_stereochem_target_val_spec_case     ? 
_refine.pdbx_R_Free_selection_details            RANDOM 
_refine.pdbx_overall_ESU_R                       ? 
_refine.pdbx_overall_ESU_R_Free                  ? 
_refine.overall_SU_ML                            ? 
_refine.overall_SU_B                             ? 
_refine.ls_redundancy_reflns_obs                 ? 
_refine.B_iso_min                                ? 
_refine.B_iso_max                                ? 
_refine.overall_SU_R_Cruickshank_DPI             ? 
_refine.overall_SU_R_free                        ? 
_refine.ls_wR_factor_R_free                      ? 
_refine.ls_wR_factor_R_work                      ? 
_refine.overall_FOM_free_R_set                   ? 
_refine.overall_FOM_work_R_set                   ? 
_refine.pdbx_refine_id                           'X-RAY DIFFRACTION' 
_refine.pdbx_overall_phase_error                 ? 
_refine.pdbx_diffrn_id                           1 
_refine.pdbx_TLS_residual_ADP_flag               ? 
_refine.pdbx_overall_SU_R_free_Cruickshank_DPI   ? 
_refine.pdbx_overall_SU_R_Blow_DPI               ? 
_refine.pdbx_overall_SU_R_free_Blow_DPI          ? 
# 
_refine_analyze.entry_id                        1TVG 
_refine_analyze.Luzzati_coordinate_error_obs    0.19 
_refine_analyze.Luzzati_sigma_a_obs             0.06 
_refine_analyze.Luzzati_d_res_low_obs           5.00 
_refine_analyze.Luzzati_coordinate_error_free   0.23 
_refine_analyze.Luzzati_sigma_a_free            0.06 
_refine_analyze.Luzzati_d_res_low_free          ? 
_refine_analyze.number_disordered_residues      ? 
_refine_analyze.occupancy_sum_hydrogen          ? 
_refine_analyze.occupancy_sum_non_hydrogen      ? 
_refine_analyze.pdbx_Luzzati_d_res_high_obs     ? 
_refine_analyze.pdbx_refine_id                  'X-RAY DIFFRACTION' 
# 
_refine_hist.pdbx_refine_id                   'X-RAY DIFFRACTION' 
_refine_hist.cycle_id                         LAST 
_refine_hist.pdbx_number_atoms_protein        1084 
_refine_hist.pdbx_number_atoms_nucleic_acid   0 
_refine_hist.pdbx_number_atoms_ligand         2 
_refine_hist.number_atoms_solvent             116 
_refine_hist.number_atoms_total               1202 
_refine_hist.d_res_high                       1.60 
_refine_hist.d_res_low                        29.74 
# 
loop_
_refine_ls_restr.type 
_refine_ls_restr.dev_ideal 
_refine_ls_restr.dev_ideal_target 
_refine_ls_restr.weight 
_refine_ls_restr.number 
_refine_ls_restr.pdbx_refine_id 
_refine_ls_restr.pdbx_restraint_function 
c_bond_d                0.005 ?    ? ? 'X-RAY DIFFRACTION' ? 
c_bond_d_na             ?     ?    ? ? 'X-RAY DIFFRACTION' ? 
c_bond_d_prot           ?     ?    ? ? 'X-RAY DIFFRACTION' ? 
c_angle_d               ?     ?    ? ? 'X-RAY DIFFRACTION' ? 
c_angle_d_na            ?     ?    ? ? 'X-RAY DIFFRACTION' ? 
c_angle_d_prot          ?     ?    ? ? 'X-RAY DIFFRACTION' ? 
c_angle_deg             1.3   ?    ? ? 'X-RAY DIFFRACTION' ? 
c_angle_deg_na          ?     ?    ? ? 'X-RAY DIFFRACTION' ? 
c_angle_deg_prot        ?     ?    ? ? 'X-RAY DIFFRACTION' ? 
c_dihedral_angle_d      26.5  ?    ? ? 'X-RAY DIFFRACTION' ? 
c_dihedral_angle_d_na   ?     ?    ? ? 'X-RAY DIFFRACTION' ? 
c_dihedral_angle_d_prot ?     ?    ? ? 'X-RAY DIFFRACTION' ? 
c_improper_angle_d      0.66  ?    ? ? 'X-RAY DIFFRACTION' ? 
c_improper_angle_d_na   ?     ?    ? ? 'X-RAY DIFFRACTION' ? 
c_improper_angle_d_prot ?     ?    ? ? 'X-RAY DIFFRACTION' ? 
c_mcbond_it             1.34  1.50 ? ? 'X-RAY DIFFRACTION' ? 
c_mcangle_it            1.98  2.00 ? ? 'X-RAY DIFFRACTION' ? 
c_scbond_it             2.25  2.00 ? ? 'X-RAY DIFFRACTION' ? 
c_scangle_it            3.33  2.50 ? ? 'X-RAY DIFFRACTION' ? 
# 
_refine_ls_shell.pdbx_total_number_of_bins_used   6 
_refine_ls_shell.d_res_high                       1.60 
_refine_ls_shell.d_res_low                        1.70 
_refine_ls_shell.number_reflns_R_work             4364 
_refine_ls_shell.R_factor_R_work                  0.227 
_refine_ls_shell.percent_reflns_obs               84.5 
_refine_ls_shell.R_factor_R_free                  0.28 
_refine_ls_shell.R_factor_R_free_error            0.012 
_refine_ls_shell.percent_reflns_R_free            10.3 
_refine_ls_shell.number_reflns_R_free             501 
_refine_ls_shell.redundancy_reflns_obs            ? 
_refine_ls_shell.number_reflns_all                ? 
_refine_ls_shell.number_reflns_obs                ? 
_refine_ls_shell.R_factor_all                     ? 
_refine_ls_shell.pdbx_refine_id                   'X-RAY DIFFRACTION' 
# 
loop_
_pdbx_xplor_file.serial_no 
_pdbx_xplor_file.param_file 
_pdbx_xplor_file.topol_file 
_pdbx_xplor_file.pdbx_refine_id 
1 PROTEIN_REP.PARAM PROTEIN.TOP 'X-RAY DIFFRACTION' 
2 WATER_REP.PARAM   WATER.TOP   'X-RAY DIFFRACTION' 
3 ION.PARAM         ION.TOP     'X-RAY DIFFRACTION' 
4 ION_SM.PARAM      ION_SM.TOP  'X-RAY DIFFRACTION' 
# 
_struct.entry_id                  1TVG 
_struct.title                     
'X-ray structure of human PP25 gene product, HSPC034. Northeast Structural Genomics Target HR1958.' 
_struct.pdbx_model_details        ? 
_struct.pdbx_CASP_flag            ? 
_struct.pdbx_model_type_details   ? 
# 
_struct_keywords.entry_id        1TVG 
_struct_keywords.pdbx_keywords   'CELL CYCLE' 
_struct_keywords.text            
'CELL CYCLE, Structural Genomics, PSI, Protein Structure Initiative, Northeast Structural Genomics Consortium, NESG' 
# 
loop_
_struct_asym.id 
_struct_asym.pdbx_blank_PDB_chainid_flag 
_struct_asym.pdbx_modified 
_struct_asym.entity_id 
_struct_asym.details 
A N N 1 ? 
B N N 2 ? 
C N N 3 ? 
D N N 4 ? 
# 
_struct_ref.id                         1 
_struct_ref.db_name                    UNP 
_struct_ref.db_code                    Q9Y547_HUMAN 
_struct_ref.pdbx_db_accession          Q9Y547 
_struct_ref.entity_id                  1 
_struct_ref.pdbx_seq_one_letter_code   
;MRKIDLCLSSEGSEVILATSSDEKHPPENIIDGNPETFWTTTGMFPQEFIICFHKHVRIERLVIQSYFVQTLKIEKSTSK
EPVDFEQWIEKDLVHTEGQLQNEEIVAHDGSATYLRFIIVSAFDHFASVHSVSAEGTVVSNLSS
;
_struct_ref.pdbx_align_begin           1 
_struct_ref.pdbx_db_isoform            ? 
# 
_struct_ref_seq.align_id                      1 
_struct_ref_seq.ref_id                        1 
_struct_ref_seq.pdbx_PDB_id_code              1TVG 
_struct_ref_seq.pdbx_strand_id                A 
_struct_ref_seq.seq_align_beg                 11 
_struct_ref_seq.pdbx_seq_align_beg_ins_code   ? 
_struct_ref_seq.seq_align_end                 152 
_struct_ref_seq.pdbx_seq_align_end_ins_code   ? 
_struct_ref_seq.pdbx_db_accession             Q9Y547 
_struct_ref_seq.db_align_beg                  1 
_struct_ref_seq.pdbx_db_align_beg_ins_code    ? 
_struct_ref_seq.db_align_end                  144 
_struct_ref_seq.pdbx_db_align_end_ins_code    ? 
_struct_ref_seq.pdbx_auth_seq_align_beg       1 
_struct_ref_seq.pdbx_auth_seq_align_end       143 
# 
loop_
_struct_ref_seq_dif.align_id 
_struct_ref_seq_dif.pdbx_pdb_id_code 
_struct_ref_seq_dif.mon_id 
_struct_ref_seq_dif.pdbx_pdb_strand_id 
_struct_ref_seq_dif.seq_num 
_struct_ref_seq_dif.pdbx_pdb_ins_code 
_struct_ref_seq_dif.pdbx_seq_db_name 
_struct_ref_seq_dif.pdbx_seq_db_accession_code 
_struct_ref_seq_dif.db_mon_id 
_struct_ref_seq_dif.pdbx_seq_db_seq_num 
_struct_ref_seq_dif.details 
_struct_ref_seq_dif.pdbx_auth_seq_num 
_struct_ref_seq_dif.pdbx_ordinal 
1 1TVG MET A 1  ? UNP Q9Y547 ?   ?   'expression tag' -9 1  
1 1TVG GLY A 2  ? UNP Q9Y547 ?   ?   'expression tag' -8 2  
1 1TVG HIS A 3  ? UNP Q9Y547 ?   ?   'expression tag' -7 3  
1 1TVG HIS A 4  ? UNP Q9Y547 ?   ?   'expression tag' -6 4  
1 1TVG HIS A 5  ? UNP Q9Y547 ?   ?   'expression tag' -5 5  
1 1TVG HIS A 6  ? UNP Q9Y547 ?   ?   'expression tag' -4 6  
1 1TVG HIS A 7  ? UNP Q9Y547 ?   ?   'expression tag' -3 7  
1 1TVG HIS A 8  ? UNP Q9Y547 ?   ?   'expression tag' -2 8  
1 1TVG SER A 9  ? UNP Q9Y547 ?   ?   'expression tag' -1 9  
1 1TVG HIS A 10 ? UNP Q9Y547 ?   ?   'expression tag' 0  10 
1 1TVG ?   A ?  ? UNP Q9Y547 ASP 109 deletion         ?  11 
# 
_pdbx_struct_assembly.id                   1 
_pdbx_struct_assembly.details              author_defined_assembly 
_pdbx_struct_assembly.method_details       ? 
_pdbx_struct_assembly.oligomeric_details   monomeric 
_pdbx_struct_assembly.oligomeric_count     1 
# 
_pdbx_struct_assembly_gen.assembly_id       1 
_pdbx_struct_assembly_gen.oper_expression   1 
_pdbx_struct_assembly_gen.asym_id_list      A,B,C,D 
# 
_pdbx_struct_oper_list.id                   1 
_pdbx_struct_oper_list.type                 'identity operation' 
_pdbx_struct_oper_list.name                 1_555 
_pdbx_struct_oper_list.symmetry_operation   x,y,z 
_pdbx_struct_oper_list.matrix[1][1]         1.0000000000 
_pdbx_struct_oper_list.matrix[1][2]         0.0000000000 
_pdbx_struct_oper_list.matrix[1][3]         0.0000000000 
_pdbx_struct_oper_list.vector[1]            0.0000000000 
_pdbx_struct_oper_list.matrix[2][1]         0.0000000000 
_pdbx_struct_oper_list.matrix[2][2]         1.0000000000 
_pdbx_struct_oper_list.matrix[2][3]         0.0000000000 
_pdbx_struct_oper_list.vector[2]            0.0000000000 
_pdbx_struct_oper_list.matrix[3][1]         0.0000000000 
_pdbx_struct_oper_list.matrix[3][2]         0.0000000000 
_pdbx_struct_oper_list.matrix[3][3]         1.0000000000 
_pdbx_struct_oper_list.vector[3]            0.0000000000 
# 
_struct_biol.id   1 
# 
loop_
_struct_conf.conf_type_id 
_struct_conf.id 
_struct_conf.pdbx_PDB_helix_id 
_struct_conf.beg_label_comp_id 
_struct_conf.beg_label_asym_id 
_struct_conf.beg_label_seq_id 
_struct_conf.pdbx_beg_PDB_ins_code 
_struct_conf.end_label_comp_id 
_struct_conf.end_label_asym_id 
_struct_conf.end_label_seq_id 
_struct_conf.pdbx_end_PDB_ins_code 
_struct_conf.beg_auth_comp_id 
_struct_conf.beg_auth_asym_id 
_struct_conf.beg_auth_seq_id 
_struct_conf.end_auth_comp_id 
_struct_conf.end_auth_asym_id 
_struct_conf.end_auth_seq_id 
_struct_conf.pdbx_PDB_helix_class 
_struct_conf.details 
_struct_conf.pdbx_PDB_helix_length 
HELX_P HELX_P1 1 ILE A 14 ? GLY A 22 ? ILE A 4  GLY A 12 5 ? 9 
HELX_P HELX_P2 2 PRO A 36 ? ASP A 42 ? PRO A 26 ASP A 32 5 ? 7 
# 
_struct_conf_type.id          HELX_P 
_struct_conf_type.criteria    ? 
_struct_conf_type.reference   ? 
# 
loop_
_struct_conn.id 
_struct_conn.conn_type_id 
_struct_conn.pdbx_leaving_atom_flag 
_struct_conn.pdbx_PDB_id 
_struct_conn.ptnr1_label_asym_id 
_struct_conn.ptnr1_label_comp_id 
_struct_conn.ptnr1_label_seq_id 
_struct_conn.ptnr1_label_atom_id 
_struct_conn.pdbx_ptnr1_label_alt_id 
_struct_conn.pdbx_ptnr1_PDB_ins_code 
_struct_conn.pdbx_ptnr1_standard_comp_id 
_struct_conn.ptnr1_symmetry 
_struct_conn.ptnr2_label_asym_id 
_struct_conn.ptnr2_label_comp_id 
_struct_conn.ptnr2_label_seq_id 
_struct_conn.ptnr2_label_atom_id 
_struct_conn.pdbx_ptnr2_label_alt_id 
_struct_conn.pdbx_ptnr2_PDB_ins_code 
_struct_conn.ptnr1_auth_asym_id 
_struct_conn.ptnr1_auth_comp_id 
_struct_conn.ptnr1_auth_seq_id 
_struct_conn.ptnr2_auth_asym_id 
_struct_conn.ptnr2_auth_comp_id 
_struct_conn.ptnr2_auth_seq_id 
_struct_conn.ptnr2_symmetry 
_struct_conn.pdbx_ptnr3_label_atom_id 
_struct_conn.pdbx_ptnr3_label_seq_id 
_struct_conn.pdbx_ptnr3_label_comp_id 
_struct_conn.pdbx_ptnr3_label_asym_id 
_struct_conn.pdbx_ptnr3_label_alt_id 
_struct_conn.pdbx_ptnr3_PDB_ins_code 
_struct_conn.details 
_struct_conn.pdbx_dist_value 
_struct_conn.pdbx_value_order 
_struct_conn.pdbx_role 
metalc1 metalc ? ? A ASN 39  O   ? ? ? 1_555 B CA  . CA ? ? A ASN 29  A CA  221 1_555 ? ? ? ? ? ? ? 2.371 ? ? 
metalc2 metalc ? ? A ASP 42  OD1 ? ? ? 1_555 B CA  . CA ? ? A ASP 32  A CA  221 1_555 ? ? ? ? ? ? ? 2.641 ? ? 
metalc3 metalc ? ? A ASN 44  O   ? ? ? 1_555 B CA  . CA ? ? A ASN 34  A CA  221 1_555 ? ? ? ? ? ? ? 2.457 ? ? 
metalc4 metalc ? ? A THR 47  OG1 ? ? ? 1_555 B CA  . CA ? ? A THR 37  A CA  221 1_555 ? ? ? ? ? ? ? 2.645 ? ? 
metalc5 metalc ? ? A THR 47  O   ? ? ? 1_555 B CA  . CA ? ? A THR 37  A CA  221 1_555 ? ? ? ? ? ? ? 2.573 ? ? 
metalc6 metalc ? ? A ASP 102 OD2 ? ? ? 1_555 C SM  . SM ? ? A ASP 92  A SM  331 1_555 ? ? ? ? ? ? ? 2.270 ? ? 
metalc7 metalc ? ? A ASP 102 OD2 ? ? ? 2_656 C SM  . SM ? ? A ASP 92  A SM  331 1_555 ? ? ? ? ? ? ? 2.953 ? ? 
metalc8 metalc ? ? A HIS 139 O   ? ? ? 1_555 B CA  . CA ? ? A HIS 130 A CA  221 1_555 ? ? ? ? ? ? ? 2.551 ? ? 
metalc9 metalc ? ? B CA  .   CA  ? ? ? 1_555 D HOH . O  ? ? A CA  221 A HOH 334 1_555 ? ? ? ? ? ? ? 2.623 ? ? 
# 
_struct_conn_type.id          metalc 
_struct_conn_type.criteria    ? 
_struct_conn_type.reference   ? 
# 
loop_
_pdbx_struct_conn_angle.id 
_pdbx_struct_conn_angle.ptnr1_label_atom_id 
_pdbx_struct_conn_angle.ptnr1_label_alt_id 
_pdbx_struct_conn_angle.ptnr1_label_asym_id 
_pdbx_struct_conn_angle.ptnr1_label_comp_id 
_pdbx_struct_conn_angle.ptnr1_label_seq_id 
_pdbx_struct_conn_angle.ptnr1_auth_atom_id 
_pdbx_struct_conn_angle.ptnr1_auth_asym_id 
_pdbx_struct_conn_angle.ptnr1_auth_comp_id 
_pdbx_struct_conn_angle.ptnr1_auth_seq_id 
_pdbx_struct_conn_angle.ptnr1_PDB_ins_code 
_pdbx_struct_conn_angle.ptnr1_symmetry 
_pdbx_struct_conn_angle.ptnr2_label_atom_id 
_pdbx_struct_conn_angle.ptnr2_label_alt_id 
_pdbx_struct_conn_angle.ptnr2_label_asym_id 
_pdbx_struct_conn_angle.ptnr2_label_comp_id 
_pdbx_struct_conn_angle.ptnr2_label_seq_id 
_pdbx_struct_conn_angle.ptnr2_auth_atom_id 
_pdbx_struct_conn_angle.ptnr2_auth_asym_id 
_pdbx_struct_conn_angle.ptnr2_auth_comp_id 
_pdbx_struct_conn_angle.ptnr2_auth_seq_id 
_pdbx_struct_conn_angle.ptnr2_PDB_ins_code 
_pdbx_struct_conn_angle.ptnr2_symmetry 
_pdbx_struct_conn_angle.ptnr3_label_atom_id 
_pdbx_struct_conn_angle.ptnr3_label_alt_id 
_pdbx_struct_conn_angle.ptnr3_label_asym_id 
_pdbx_struct_conn_angle.ptnr3_label_comp_id 
_pdbx_struct_conn_angle.ptnr3_label_seq_id 
_pdbx_struct_conn_angle.ptnr3_auth_atom_id 
_pdbx_struct_conn_angle.ptnr3_auth_asym_id 
_pdbx_struct_conn_angle.ptnr3_auth_comp_id 
_pdbx_struct_conn_angle.ptnr3_auth_seq_id 
_pdbx_struct_conn_angle.ptnr3_PDB_ins_code 
_pdbx_struct_conn_angle.ptnr3_symmetry 
_pdbx_struct_conn_angle.value 
_pdbx_struct_conn_angle.value_esd 
1  O   ? A ASN 39  ? A ASN 29  ? 1_555 CA ? B CA . ? A CA 221 ? 1_555 OD1 ? A ASP 42  ? A ASP 32  ? 1_555 77.6  ? 
2  O   ? A ASN 39  ? A ASN 29  ? 1_555 CA ? B CA . ? A CA 221 ? 1_555 O   ? A ASN 44  ? A ASN 34  ? 1_555 171.8 ? 
3  OD1 ? A ASP 42  ? A ASP 32  ? 1_555 CA ? B CA . ? A CA 221 ? 1_555 O   ? A ASN 44  ? A ASN 34  ? 1_555 94.5  ? 
4  O   ? A ASN 39  ? A ASN 29  ? 1_555 CA ? B CA . ? A CA 221 ? 1_555 OG1 ? A THR 47  ? A THR 37  ? 1_555 93.8  ? 
5  OD1 ? A ASP 42  ? A ASP 32  ? 1_555 CA ? B CA . ? A CA 221 ? 1_555 OG1 ? A THR 47  ? A THR 37  ? 1_555 71.8  ? 
6  O   ? A ASN 44  ? A ASN 34  ? 1_555 CA ? B CA . ? A CA 221 ? 1_555 OG1 ? A THR 47  ? A THR 37  ? 1_555 81.6  ? 
7  O   ? A ASN 39  ? A ASN 29  ? 1_555 CA ? B CA . ? A CA 221 ? 1_555 O   ? A THR 47  ? A THR 37  ? 1_555 95.2  ? 
8  OD1 ? A ASP 42  ? A ASP 32  ? 1_555 CA ? B CA . ? A CA 221 ? 1_555 O   ? A THR 47  ? A THR 37  ? 1_555 138.9 ? 
9  O   ? A ASN 44  ? A ASN 34  ? 1_555 CA ? B CA . ? A CA 221 ? 1_555 O   ? A THR 47  ? A THR 37  ? 1_555 89.3  ? 
10 OG1 ? A THR 47  ? A THR 37  ? 1_555 CA ? B CA . ? A CA 221 ? 1_555 O   ? A THR 47  ? A THR 37  ? 1_555 68.4  ? 
11 O   ? A ASN 39  ? A ASN 29  ? 1_555 CA ? B CA . ? A CA 221 ? 1_555 O   ? A HIS 139 ? A HIS 130 ? 1_555 81.5  ? 
12 OD1 ? A ASP 42  ? A ASP 32  ? 1_555 CA ? B CA . ? A CA 221 ? 1_555 O   ? A HIS 139 ? A HIS 130 ? 1_555 137.6 ? 
13 O   ? A ASN 44  ? A ASN 34  ? 1_555 CA ? B CA . ? A CA 221 ? 1_555 O   ? A HIS 139 ? A HIS 130 ? 1_555 106.1 ? 
14 OG1 ? A THR 47  ? A THR 37  ? 1_555 CA ? B CA . ? A CA 221 ? 1_555 O   ? A HIS 139 ? A HIS 130 ? 1_555 146.6 ? 
15 O   ? A THR 47  ? A THR 37  ? 1_555 CA ? B CA . ? A CA 221 ? 1_555 O   ? A HIS 139 ? A HIS 130 ? 1_555 79.1  ? 
16 O   ? A ASN 39  ? A ASN 29  ? 1_555 CA ? B CA . ? A CA 221 ? 1_555 O   ? D HOH .   ? A HOH 334 ? 1_555 101.4 ? 
17 OD1 ? A ASP 42  ? A ASP 32  ? 1_555 CA ? B CA . ? A CA 221 ? 1_555 O   ? D HOH .   ? A HOH 334 ? 1_555 74.7  ? 
18 O   ? A ASN 44  ? A ASN 34  ? 1_555 CA ? B CA . ? A CA 221 ? 1_555 O   ? D HOH .   ? A HOH 334 ? 1_555 78.3  ? 
19 OG1 ? A THR 47  ? A THR 37  ? 1_555 CA ? B CA . ? A CA 221 ? 1_555 O   ? D HOH .   ? A HOH 334 ? 1_555 139.0 ? 
20 O   ? A THR 47  ? A THR 37  ? 1_555 CA ? B CA . ? A CA 221 ? 1_555 O   ? D HOH .   ? A HOH 334 ? 1_555 145.6 ? 
21 O   ? A HIS 139 ? A HIS 130 ? 1_555 CA ? B CA . ? A CA 221 ? 1_555 O   ? D HOH .   ? A HOH 334 ? 1_555 73.9  ? 
22 OD2 ? A ASP 102 ? A ASP 92  ? 1_555 SM ? C SM . ? A SM 331 ? 1_555 OD2 ? A ASP 102 ? A ASP 92  ? 2_656 107.8 ? 
# 
_struct_mon_prot_cis.pdbx_id                1 
_struct_mon_prot_cis.label_comp_id          PHE 
_struct_mon_prot_cis.label_seq_id           55 
_struct_mon_prot_cis.label_asym_id          A 
_struct_mon_prot_cis.label_alt_id           . 
_struct_mon_prot_cis.pdbx_PDB_ins_code      ? 
_struct_mon_prot_cis.auth_comp_id           PHE 
_struct_mon_prot_cis.auth_seq_id            45 
_struct_mon_prot_cis.auth_asym_id           A 
_struct_mon_prot_cis.pdbx_label_comp_id_2   PRO 
_struct_mon_prot_cis.pdbx_label_seq_id_2    56 
_struct_mon_prot_cis.pdbx_label_asym_id_2   A 
_struct_mon_prot_cis.pdbx_PDB_ins_code_2    ? 
_struct_mon_prot_cis.pdbx_auth_comp_id_2    PRO 
_struct_mon_prot_cis.pdbx_auth_seq_id_2     46 
_struct_mon_prot_cis.pdbx_auth_asym_id_2    A 
_struct_mon_prot_cis.pdbx_PDB_model_num     1 
_struct_mon_prot_cis.pdbx_omega_angle       0.78 
# 
loop_
_struct_sheet.id 
_struct_sheet.type 
_struct_sheet.number_strands 
_struct_sheet.details 
A ? 5 ? 
B ? 4 ? 
# 
loop_
_struct_sheet_order.sheet_id 
_struct_sheet_order.range_id_1 
_struct_sheet_order.range_id_2 
_struct_sheet_order.offset 
_struct_sheet_order.sense 
A 1 2 ? anti-parallel 
A 2 3 ? anti-parallel 
A 3 4 ? anti-parallel 
A 4 5 ? anti-parallel 
B 1 2 ? anti-parallel 
B 2 3 ? anti-parallel 
B 3 4 ? anti-parallel 
# 
loop_
_struct_sheet_range.sheet_id 
_struct_sheet_range.id 
_struct_sheet_range.beg_label_comp_id 
_struct_sheet_range.beg_label_asym_id 
_struct_sheet_range.beg_label_seq_id 
_struct_sheet_range.pdbx_beg_PDB_ins_code 
_struct_sheet_range.end_label_comp_id 
_struct_sheet_range.end_label_asym_id 
_struct_sheet_range.end_label_seq_id 
_struct_sheet_range.pdbx_end_PDB_ins_code 
_struct_sheet_range.beg_auth_comp_id 
_struct_sheet_range.beg_auth_asym_id 
_struct_sheet_range.beg_auth_seq_id 
_struct_sheet_range.end_auth_comp_id 
_struct_sheet_range.end_auth_asym_id 
_struct_sheet_range.end_auth_seq_id 
A 1 GLU A 24  ? ILE A 26  ? GLU A 14  ILE A 16  
A 2 GLN A 57  ? TYR A 77  ? GLN A 47  TYR A 67  
A 3 GLY A 119 ? ALA A 131 ? GLY A 110 ALA A 122 
A 4 VAL A 79  ? SER A 87  ? VAL A 69  SER A 77  
A 5 GLU A 96  ? ASP A 102 ? GLU A 86  ASP A 92  
B 1 TRP A 49  ? THR A 50  ? TRP A 39  THR A 40  
B 2 SER A 137 ? VAL A 148 ? SER A 128 VAL A 139 
B 3 GLN A 57  ? TYR A 77  ? GLN A 47  TYR A 67  
B 4 GLN A 111 ? ILE A 115 ? GLN A 101 ILE A 105 
# 
loop_
_pdbx_struct_sheet_hbond.sheet_id 
_pdbx_struct_sheet_hbond.range_id_1 
_pdbx_struct_sheet_hbond.range_id_2 
_pdbx_struct_sheet_hbond.range_1_label_atom_id 
_pdbx_struct_sheet_hbond.range_1_label_comp_id 
_pdbx_struct_sheet_hbond.range_1_label_asym_id 
_pdbx_struct_sheet_hbond.range_1_label_seq_id 
_pdbx_struct_sheet_hbond.range_1_PDB_ins_code 
_pdbx_struct_sheet_hbond.range_1_auth_atom_id 
_pdbx_struct_sheet_hbond.range_1_auth_comp_id 
_pdbx_struct_sheet_hbond.range_1_auth_asym_id 
_pdbx_struct_sheet_hbond.range_1_auth_seq_id 
_pdbx_struct_sheet_hbond.range_2_label_atom_id 
_pdbx_struct_sheet_hbond.range_2_label_comp_id 
_pdbx_struct_sheet_hbond.range_2_label_asym_id 
_pdbx_struct_sheet_hbond.range_2_label_seq_id 
_pdbx_struct_sheet_hbond.range_2_PDB_ins_code 
_pdbx_struct_sheet_hbond.range_2_auth_atom_id 
_pdbx_struct_sheet_hbond.range_2_auth_comp_id 
_pdbx_struct_sheet_hbond.range_2_auth_asym_id 
_pdbx_struct_sheet_hbond.range_2_auth_seq_id 
A 1 2 N GLU A 24  ? N GLU A 14  O CYS A 62  ? O CYS A 52  
A 2 3 N ILE A 69  ? N ILE A 59  O GLY A 119 ? O GLY A 110 
A 3 4 O THR A 122 ? O THR A 113 N SER A 87  ? N SER A 77  
A 4 5 N ILE A 84  ? N ILE A 74  O ILE A 99  ? O ILE A 89  
B 1 2 N TRP A 49  ? N TRP A 39  O VAL A 138 ? O VAL A 129 
B 2 3 O VAL A 148 ? O VAL A 139 N HIS A 66  ? N HIS A 56  
B 3 4 N SER A 76  ? N SER A 66  O GLN A 111 ? O GLN A 101 
# 
loop_
_struct_site.id 
_struct_site.pdbx_evidence_code 
_struct_site.pdbx_auth_asym_id 
_struct_site.pdbx_auth_comp_id 
_struct_site.pdbx_auth_seq_id 
_struct_site.pdbx_auth_ins_code 
_struct_site.pdbx_num_residues 
_struct_site.details 
AC1 Software A CA 221 ? 6 'BINDING SITE FOR RESIDUE CA A 221' 
AC2 Software A SM 331 ? 2 'BINDING SITE FOR RESIDUE SM A 331' 
# 
loop_
_struct_site_gen.id 
_struct_site_gen.site_id 
_struct_site_gen.pdbx_num_res 
_struct_site_gen.label_comp_id 
_struct_site_gen.label_asym_id 
_struct_site_gen.label_seq_id 
_struct_site_gen.pdbx_auth_ins_code 
_struct_site_gen.auth_comp_id 
_struct_site_gen.auth_asym_id 
_struct_site_gen.auth_seq_id 
_struct_site_gen.label_atom_id 
_struct_site_gen.label_alt_id 
_struct_site_gen.symmetry 
_struct_site_gen.details 
1 AC1 6 ASN A 39  ? ASN A 29  . ? 1_555 ? 
2 AC1 6 ASP A 42  ? ASP A 32  . ? 1_555 ? 
3 AC1 6 ASN A 44  ? ASN A 34  . ? 1_555 ? 
4 AC1 6 THR A 47  ? THR A 37  . ? 1_555 ? 
5 AC1 6 HIS A 139 ? HIS A 130 . ? 1_555 ? 
6 AC1 6 HOH D .   ? HOH A 334 . ? 1_555 ? 
7 AC2 2 ASP A 102 ? ASP A 92  . ? 2_656 ? 
8 AC2 2 ASP A 102 ? ASP A 92  . ? 1_555 ? 
# 
loop_
_pdbx_validate_torsion.id 
_pdbx_validate_torsion.PDB_model_num 
_pdbx_validate_torsion.auth_comp_id 
_pdbx_validate_torsion.auth_asym_id 
_pdbx_validate_torsion.auth_seq_id 
_pdbx_validate_torsion.PDB_ins_code 
_pdbx_validate_torsion.label_alt_id 
_pdbx_validate_torsion.phi 
_pdbx_validate_torsion.psi 
1 1 ASP A 5  ? ? 53.43   -123.59 
2 1 TRP A 88 ? ? -125.27 -63.79  
# 
_pdbx_SG_project.id                    1 
_pdbx_SG_project.project_name          'PSI, Protein Structure Initiative' 
_pdbx_SG_project.full_name_of_center   'Northeast Structural Genomics Consortium' 
_pdbx_SG_project.initial_of_center     NESG 
# 
loop_
_pdbx_unobs_or_zero_occ_residues.id 
_pdbx_unobs_or_zero_occ_residues.PDB_model_num 
_pdbx_unobs_or_zero_occ_residues.polymer_flag 
_pdbx_unobs_or_zero_occ_residues.occupancy_flag 
_pdbx_unobs_or_zero_occ_residues.auth_asym_id 
_pdbx_unobs_or_zero_occ_residues.auth_comp_id 
_pdbx_unobs_or_zero_occ_residues.auth_seq_id 
_pdbx_unobs_or_zero_occ_residues.PDB_ins_code 
_pdbx_unobs_or_zero_occ_residues.label_asym_id 
_pdbx_unobs_or_zero_occ_residues.label_comp_id 
_pdbx_unobs_or_zero_occ_residues.label_seq_id 
1  1 Y 1 A MET -9  ? A MET 1   
2  1 Y 1 A GLY -8  ? A GLY 2   
3  1 Y 1 A HIS -7  ? A HIS 3   
4  1 Y 1 A HIS -6  ? A HIS 4   
5  1 Y 1 A HIS -5  ? A HIS 5   
6  1 Y 1 A HIS -4  ? A HIS 6   
7  1 Y 1 A HIS -3  ? A HIS 7   
8  1 Y 1 A HIS -2  ? A HIS 8   
9  1 Y 1 A SER -1  ? A SER 9   
10 1 Y 1 A HIS 0   ? A HIS 10  
11 1 Y 1 A MET 1   ? A MET 11  
12 1 Y 1 A ARG 2   ? A ARG 12  
13 1 Y 1 A LYS 3   ? A LYS 13  
14 1 Y 1 A ASN 141 ? A ASN 150 
15 1 Y 1 A LEU 142 ? A LEU 151 
16 1 Y 1 A SER 143 ? A SER 152 
17 1 Y 1 A SER 144 ? A SER 153 
# 
loop_
_chem_comp_atom.comp_id 
_chem_comp_atom.atom_id 
_chem_comp_atom.type_symbol 
_chem_comp_atom.pdbx_aromatic_flag 
_chem_comp_atom.pdbx_stereo_config 
_chem_comp_atom.pdbx_ordinal 
ALA N    N  N N 1   
ALA CA   C  N S 2   
ALA C    C  N N 3   
ALA O    O  N N 4   
ALA CB   C  N N 5   
ALA OXT  O  N N 6   
ALA H    H  N N 7   
ALA H2   H  N N 8   
ALA HA   H  N N 9   
ALA HB1  H  N N 10  
ALA HB2  H  N N 11  
ALA HB3  H  N N 12  
ALA HXT  H  N N 13  
ARG N    N  N N 14  
ARG CA   C  N S 15  
ARG C    C  N N 16  
ARG O    O  N N 17  
ARG CB   C  N N 18  
ARG CG   C  N N 19  
ARG CD   C  N N 20  
ARG NE   N  N N 21  
ARG CZ   C  N N 22  
ARG NH1  N  N N 23  
ARG NH2  N  N N 24  
ARG OXT  O  N N 25  
ARG H    H  N N 26  
ARG H2   H  N N 27  
ARG HA   H  N N 28  
ARG HB2  H  N N 29  
ARG HB3  H  N N 30  
ARG HG2  H  N N 31  
ARG HG3  H  N N 32  
ARG HD2  H  N N 33  
ARG HD3  H  N N 34  
ARG HE   H  N N 35  
ARG HH11 H  N N 36  
ARG HH12 H  N N 37  
ARG HH21 H  N N 38  
ARG HH22 H  N N 39  
ARG HXT  H  N N 40  
ASN N    N  N N 41  
ASN CA   C  N S 42  
ASN C    C  N N 43  
ASN O    O  N N 44  
ASN CB   C  N N 45  
ASN CG   C  N N 46  
ASN OD1  O  N N 47  
ASN ND2  N  N N 48  
ASN OXT  O  N N 49  
ASN H    H  N N 50  
ASN H2   H  N N 51  
ASN HA   H  N N 52  
ASN HB2  H  N N 53  
ASN HB3  H  N N 54  
ASN HD21 H  N N 55  
ASN HD22 H  N N 56  
ASN HXT  H  N N 57  
ASP N    N  N N 58  
ASP CA   C  N S 59  
ASP C    C  N N 60  
ASP O    O  N N 61  
ASP CB   C  N N 62  
ASP CG   C  N N 63  
ASP OD1  O  N N 64  
ASP OD2  O  N N 65  
ASP OXT  O  N N 66  
ASP H    H  N N 67  
ASP H2   H  N N 68  
ASP HA   H  N N 69  
ASP HB2  H  N N 70  
ASP HB3  H  N N 71  
ASP HD2  H  N N 72  
ASP HXT  H  N N 73  
CA  CA   CA N N 74  
CYS N    N  N N 75  
CYS CA   C  N R 76  
CYS C    C  N N 77  
CYS O    O  N N 78  
CYS CB   C  N N 79  
CYS SG   S  N N 80  
CYS OXT  O  N N 81  
CYS H    H  N N 82  
CYS H2   H  N N 83  
CYS HA   H  N N 84  
CYS HB2  H  N N 85  
CYS HB3  H  N N 86  
CYS HG   H  N N 87  
CYS HXT  H  N N 88  
GLN N    N  N N 89  
GLN CA   C  N S 90  
GLN C    C  N N 91  
GLN O    O  N N 92  
GLN CB   C  N N 93  
GLN CG   C  N N 94  
GLN CD   C  N N 95  
GLN OE1  O  N N 96  
GLN NE2  N  N N 97  
GLN OXT  O  N N 98  
GLN H    H  N N 99  
GLN H2   H  N N 100 
GLN HA   H  N N 101 
GLN HB2  H  N N 102 
GLN HB3  H  N N 103 
GLN HG2  H  N N 104 
GLN HG3  H  N N 105 
GLN HE21 H  N N 106 
GLN HE22 H  N N 107 
GLN HXT  H  N N 108 
GLU N    N  N N 109 
GLU CA   C  N S 110 
GLU C    C  N N 111 
GLU O    O  N N 112 
GLU CB   C  N N 113 
GLU CG   C  N N 114 
GLU CD   C  N N 115 
GLU OE1  O  N N 116 
GLU OE2  O  N N 117 
GLU OXT  O  N N 118 
GLU H    H  N N 119 
GLU H2   H  N N 120 
GLU HA   H  N N 121 
GLU HB2  H  N N 122 
GLU HB3  H  N N 123 
GLU HG2  H  N N 124 
GLU HG3  H  N N 125 
GLU HE2  H  N N 126 
GLU HXT  H  N N 127 
GLY N    N  N N 128 
GLY CA   C  N N 129 
GLY C    C  N N 130 
GLY O    O  N N 131 
GLY OXT  O  N N 132 
GLY H    H  N N 133 
GLY H2   H  N N 134 
GLY HA2  H  N N 135 
GLY HA3  H  N N 136 
GLY HXT  H  N N 137 
HIS N    N  N N 138 
HIS CA   C  N S 139 
HIS C    C  N N 140 
HIS O    O  N N 141 
HIS CB   C  N N 142 
HIS CG   C  Y N 143 
HIS ND1  N  Y N 144 
HIS CD2  C  Y N 145 
HIS CE1  C  Y N 146 
HIS NE2  N  Y N 147 
HIS OXT  O  N N 148 
HIS H    H  N N 149 
HIS H2   H  N N 150 
HIS HA   H  N N 151 
HIS HB2  H  N N 152 
HIS HB3  H  N N 153 
HIS HD1  H  N N 154 
HIS HD2  H  N N 155 
HIS HE1  H  N N 156 
HIS HE2  H  N N 157 
HIS HXT  H  N N 158 
HOH O    O  N N 159 
HOH H1   H  N N 160 
HOH H2   H  N N 161 
ILE N    N  N N 162 
ILE CA   C  N S 163 
ILE C    C  N N 164 
ILE O    O  N N 165 
ILE CB   C  N S 166 
ILE CG1  C  N N 167 
ILE CG2  C  N N 168 
ILE CD1  C  N N 169 
ILE OXT  O  N N 170 
ILE H    H  N N 171 
ILE H2   H  N N 172 
ILE HA   H  N N 173 
ILE HB   H  N N 174 
ILE HG12 H  N N 175 
ILE HG13 H  N N 176 
ILE HG21 H  N N 177 
ILE HG22 H  N N 178 
ILE HG23 H  N N 179 
ILE HD11 H  N N 180 
ILE HD12 H  N N 181 
ILE HD13 H  N N 182 
ILE HXT  H  N N 183 
LEU N    N  N N 184 
LEU CA   C  N S 185 
LEU C    C  N N 186 
LEU O    O  N N 187 
LEU CB   C  N N 188 
LEU CG   C  N N 189 
LEU CD1  C  N N 190 
LEU CD2  C  N N 191 
LEU OXT  O  N N 192 
LEU H    H  N N 193 
LEU H2   H  N N 194 
LEU HA   H  N N 195 
LEU HB2  H  N N 196 
LEU HB3  H  N N 197 
LEU HG   H  N N 198 
LEU HD11 H  N N 199 
LEU HD12 H  N N 200 
LEU HD13 H  N N 201 
LEU HD21 H  N N 202 
LEU HD22 H  N N 203 
LEU HD23 H  N N 204 
LEU HXT  H  N N 205 
LYS N    N  N N 206 
LYS CA   C  N S 207 
LYS C    C  N N 208 
LYS O    O  N N 209 
LYS CB   C  N N 210 
LYS CG   C  N N 211 
LYS CD   C  N N 212 
LYS CE   C  N N 213 
LYS NZ   N  N N 214 
LYS OXT  O  N N 215 
LYS H    H  N N 216 
LYS H2   H  N N 217 
LYS HA   H  N N 218 
LYS HB2  H  N N 219 
LYS HB3  H  N N 220 
LYS HG2  H  N N 221 
LYS HG3  H  N N 222 
LYS HD2  H  N N 223 
LYS HD3  H  N N 224 
LYS HE2  H  N N 225 
LYS HE3  H  N N 226 
LYS HZ1  H  N N 227 
LYS HZ2  H  N N 228 
LYS HZ3  H  N N 229 
LYS HXT  H  N N 230 
MET N    N  N N 231 
MET CA   C  N S 232 
MET C    C  N N 233 
MET O    O  N N 234 
MET CB   C  N N 235 
MET CG   C  N N 236 
MET SD   S  N N 237 
MET CE   C  N N 238 
MET OXT  O  N N 239 
MET H    H  N N 240 
MET H2   H  N N 241 
MET HA   H  N N 242 
MET HB2  H  N N 243 
MET HB3  H  N N 244 
MET HG2  H  N N 245 
MET HG3  H  N N 246 
MET HE1  H  N N 247 
MET HE2  H  N N 248 
MET HE3  H  N N 249 
MET HXT  H  N N 250 
PHE N    N  N N 251 
PHE CA   C  N S 252 
PHE C    C  N N 253 
PHE O    O  N N 254 
PHE CB   C  N N 255 
PHE CG   C  Y N 256 
PHE CD1  C  Y N 257 
PHE CD2  C  Y N 258 
PHE CE1  C  Y N 259 
PHE CE2  C  Y N 260 
PHE CZ   C  Y N 261 
PHE OXT  O  N N 262 
PHE H    H  N N 263 
PHE H2   H  N N 264 
PHE HA   H  N N 265 
PHE HB2  H  N N 266 
PHE HB3  H  N N 267 
PHE HD1  H  N N 268 
PHE HD2  H  N N 269 
PHE HE1  H  N N 270 
PHE HE2  H  N N 271 
PHE HZ   H  N N 272 
PHE HXT  H  N N 273 
PRO N    N  N N 274 
PRO CA   C  N S 275 
PRO C    C  N N 276 
PRO O    O  N N 277 
PRO CB   C  N N 278 
PRO CG   C  N N 279 
PRO CD   C  N N 280 
PRO OXT  O  N N 281 
PRO H    H  N N 282 
PRO HA   H  N N 283 
PRO HB2  H  N N 284 
PRO HB3  H  N N 285 
PRO HG2  H  N N 286 
PRO HG3  H  N N 287 
PRO HD2  H  N N 288 
PRO HD3  H  N N 289 
PRO HXT  H  N N 290 
SER N    N  N N 291 
SER CA   C  N S 292 
SER C    C  N N 293 
SER O    O  N N 294 
SER CB   C  N N 295 
SER OG   O  N N 296 
SER OXT  O  N N 297 
SER H    H  N N 298 
SER H2   H  N N 299 
SER HA   H  N N 300 
SER HB2  H  N N 301 
SER HB3  H  N N 302 
SER HG   H  N N 303 
SER HXT  H  N N 304 
SM  SM   SM N N 305 
THR N    N  N N 306 
THR CA   C  N S 307 
THR C    C  N N 308 
THR O    O  N N 309 
THR CB   C  N R 310 
THR OG1  O  N N 311 
THR CG2  C  N N 312 
THR OXT  O  N N 313 
THR H    H  N N 314 
THR H2   H  N N 315 
THR HA   H  N N 316 
THR HB   H  N N 317 
THR HG1  H  N N 318 
THR HG21 H  N N 319 
THR HG22 H  N N 320 
THR HG23 H  N N 321 
THR HXT  H  N N 322 
TRP N    N  N N 323 
TRP CA   C  N S 324 
TRP C    C  N N 325 
TRP O    O  N N 326 
TRP CB   C  N N 327 
TRP CG   C  Y N 328 
TRP CD1  C  Y N 329 
TRP CD2  C  Y N 330 
TRP NE1  N  Y N 331 
TRP CE2  C  Y N 332 
TRP CE3  C  Y N 333 
TRP CZ2  C  Y N 334 
TRP CZ3  C  Y N 335 
TRP CH2  C  Y N 336 
TRP OXT  O  N N 337 
TRP H    H  N N 338 
TRP H2   H  N N 339 
TRP HA   H  N N 340 
TRP HB2  H  N N 341 
TRP HB3  H  N N 342 
TRP HD1  H  N N 343 
TRP HE1  H  N N 344 
TRP HE3  H  N N 345 
TRP HZ2  H  N N 346 
TRP HZ3  H  N N 347 
TRP HH2  H  N N 348 
TRP HXT  H  N N 349 
TYR N    N  N N 350 
TYR CA   C  N S 351 
TYR C    C  N N 352 
TYR O    O  N N 353 
TYR CB   C  N N 354 
TYR CG   C  Y N 355 
TYR CD1  C  Y N 356 
TYR CD2  C  Y N 357 
TYR CE1  C  Y N 358 
TYR CE2  C  Y N 359 
TYR CZ   C  Y N 360 
TYR OH   O  N N 361 
TYR OXT  O  N N 362 
TYR H    H  N N 363 
TYR H2   H  N N 364 
TYR HA   H  N N 365 
TYR HB2  H  N N 366 
TYR HB3  H  N N 367 
TYR HD1  H  N N 368 
TYR HD2  H  N N 369 
TYR HE1  H  N N 370 
TYR HE2  H  N N 371 
TYR HH   H  N N 372 
TYR HXT  H  N N 373 
VAL N    N  N N 374 
VAL CA   C  N S 375 
VAL C    C  N N 376 
VAL O    O  N N 377 
VAL CB   C  N N 378 
VAL CG1  C  N N 379 
VAL CG2  C  N N 380 
VAL OXT  O  N N 381 
VAL H    H  N N 382 
VAL H2   H  N N 383 
VAL HA   H  N N 384 
VAL HB   H  N N 385 
VAL HG11 H  N N 386 
VAL HG12 H  N N 387 
VAL HG13 H  N N 388 
VAL HG21 H  N N 389 
VAL HG22 H  N N 390 
VAL HG23 H  N N 391 
VAL HXT  H  N N 392 
# 
loop_
_chem_comp_bond.comp_id 
_chem_comp_bond.atom_id_1 
_chem_comp_bond.atom_id_2 
_chem_comp_bond.value_order 
_chem_comp_bond.pdbx_aromatic_flag 
_chem_comp_bond.pdbx_stereo_config 
_chem_comp_bond.pdbx_ordinal 
ALA N   CA   sing N N 1   
ALA N   H    sing N N 2   
ALA N   H2   sing N N 3   
ALA CA  C    sing N N 4   
ALA CA  CB   sing N N 5   
ALA CA  HA   sing N N 6   
ALA C   O    doub N N 7   
ALA C   OXT  sing N N 8   
ALA CB  HB1  sing N N 9   
ALA CB  HB2  sing N N 10  
ALA CB  HB3  sing N N 11  
ALA OXT HXT  sing N N 12  
ARG N   CA   sing N N 13  
ARG N   H    sing N N 14  
ARG N   H2   sing N N 15  
ARG CA  C    sing N N 16  
ARG CA  CB   sing N N 17  
ARG CA  HA   sing N N 18  
ARG C   O    doub N N 19  
ARG C   OXT  sing N N 20  
ARG CB  CG   sing N N 21  
ARG CB  HB2  sing N N 22  
ARG CB  HB3  sing N N 23  
ARG CG  CD   sing N N 24  
ARG CG  HG2  sing N N 25  
ARG CG  HG3  sing N N 26  
ARG CD  NE   sing N N 27  
ARG CD  HD2  sing N N 28  
ARG CD  HD3  sing N N 29  
ARG NE  CZ   sing N N 30  
ARG NE  HE   sing N N 31  
ARG CZ  NH1  sing N N 32  
ARG CZ  NH2  doub N N 33  
ARG NH1 HH11 sing N N 34  
ARG NH1 HH12 sing N N 35  
ARG NH2 HH21 sing N N 36  
ARG NH2 HH22 sing N N 37  
ARG OXT HXT  sing N N 38  
ASN N   CA   sing N N 39  
ASN N   H    sing N N 40  
ASN N   H2   sing N N 41  
ASN CA  C    sing N N 42  
ASN CA  CB   sing N N 43  
ASN CA  HA   sing N N 44  
ASN C   O    doub N N 45  
ASN C   OXT  sing N N 46  
ASN CB  CG   sing N N 47  
ASN CB  HB2  sing N N 48  
ASN CB  HB3  sing N N 49  
ASN CG  OD1  doub N N 50  
ASN CG  ND2  sing N N 51  
ASN ND2 HD21 sing N N 52  
ASN ND2 HD22 sing N N 53  
ASN OXT HXT  sing N N 54  
ASP N   CA   sing N N 55  
ASP N   H    sing N N 56  
ASP N   H2   sing N N 57  
ASP CA  C    sing N N 58  
ASP CA  CB   sing N N 59  
ASP CA  HA   sing N N 60  
ASP C   O    doub N N 61  
ASP C   OXT  sing N N 62  
ASP CB  CG   sing N N 63  
ASP CB  HB2  sing N N 64  
ASP CB  HB3  sing N N 65  
ASP CG  OD1  doub N N 66  
ASP CG  OD2  sing N N 67  
ASP OD2 HD2  sing N N 68  
ASP OXT HXT  sing N N 69  
CYS N   CA   sing N N 70  
CYS N   H    sing N N 71  
CYS N   H2   sing N N 72  
CYS CA  C    sing N N 73  
CYS CA  CB   sing N N 74  
CYS CA  HA   sing N N 75  
CYS C   O    doub N N 76  
CYS C   OXT  sing N N 77  
CYS CB  SG   sing N N 78  
CYS CB  HB2  sing N N 79  
CYS CB  HB3  sing N N 80  
CYS SG  HG   sing N N 81  
CYS OXT HXT  sing N N 82  
GLN N   CA   sing N N 83  
GLN N   H    sing N N 84  
GLN N   H2   sing N N 85  
GLN CA  C    sing N N 86  
GLN CA  CB   sing N N 87  
GLN CA  HA   sing N N 88  
GLN C   O    doub N N 89  
GLN C   OXT  sing N N 90  
GLN CB  CG   sing N N 91  
GLN CB  HB2  sing N N 92  
GLN CB  HB3  sing N N 93  
GLN CG  CD   sing N N 94  
GLN CG  HG2  sing N N 95  
GLN CG  HG3  sing N N 96  
GLN CD  OE1  doub N N 97  
GLN CD  NE2  sing N N 98  
GLN NE2 HE21 sing N N 99  
GLN NE2 HE22 sing N N 100 
GLN OXT HXT  sing N N 101 
GLU N   CA   sing N N 102 
GLU N   H    sing N N 103 
GLU N   H2   sing N N 104 
GLU CA  C    sing N N 105 
GLU CA  CB   sing N N 106 
GLU CA  HA   sing N N 107 
GLU C   O    doub N N 108 
GLU C   OXT  sing N N 109 
GLU CB  CG   sing N N 110 
GLU CB  HB2  sing N N 111 
GLU CB  HB3  sing N N 112 
GLU CG  CD   sing N N 113 
GLU CG  HG2  sing N N 114 
GLU CG  HG3  sing N N 115 
GLU CD  OE1  doub N N 116 
GLU CD  OE2  sing N N 117 
GLU OE2 HE2  sing N N 118 
GLU OXT HXT  sing N N 119 
GLY N   CA   sing N N 120 
GLY N   H    sing N N 121 
GLY N   H2   sing N N 122 
GLY CA  C    sing N N 123 
GLY CA  HA2  sing N N 124 
GLY CA  HA3  sing N N 125 
GLY C   O    doub N N 126 
GLY C   OXT  sing N N 127 
GLY OXT HXT  sing N N 128 
HIS N   CA   sing N N 129 
HIS N   H    sing N N 130 
HIS N   H2   sing N N 131 
HIS CA  C    sing N N 132 
HIS CA  CB   sing N N 133 
HIS CA  HA   sing N N 134 
HIS C   O    doub N N 135 
HIS C   OXT  sing N N 136 
HIS CB  CG   sing N N 137 
HIS CB  HB2  sing N N 138 
HIS CB  HB3  sing N N 139 
HIS CG  ND1  sing Y N 140 
HIS CG  CD2  doub Y N 141 
HIS ND1 CE1  doub Y N 142 
HIS ND1 HD1  sing N N 143 
HIS CD2 NE2  sing Y N 144 
HIS CD2 HD2  sing N N 145 
HIS CE1 NE2  sing Y N 146 
HIS CE1 HE1  sing N N 147 
HIS NE2 HE2  sing N N 148 
HIS OXT HXT  sing N N 149 
HOH O   H1   sing N N 150 
HOH O   H2   sing N N 151 
ILE N   CA   sing N N 152 
ILE N   H    sing N N 153 
ILE N   H2   sing N N 154 
ILE CA  C    sing N N 155 
ILE CA  CB   sing N N 156 
ILE CA  HA   sing N N 157 
ILE C   O    doub N N 158 
ILE C   OXT  sing N N 159 
ILE CB  CG1  sing N N 160 
ILE CB  CG2  sing N N 161 
ILE CB  HB   sing N N 162 
ILE CG1 CD1  sing N N 163 
ILE CG1 HG12 sing N N 164 
ILE CG1 HG13 sing N N 165 
ILE CG2 HG21 sing N N 166 
ILE CG2 HG22 sing N N 167 
ILE CG2 HG23 sing N N 168 
ILE CD1 HD11 sing N N 169 
ILE CD1 HD12 sing N N 170 
ILE CD1 HD13 sing N N 171 
ILE OXT HXT  sing N N 172 
LEU N   CA   sing N N 173 
LEU N   H    sing N N 174 
LEU N   H2   sing N N 175 
LEU CA  C    sing N N 176 
LEU CA  CB   sing N N 177 
LEU CA  HA   sing N N 178 
LEU C   O    doub N N 179 
LEU C   OXT  sing N N 180 
LEU CB  CG   sing N N 181 
LEU CB  HB2  sing N N 182 
LEU CB  HB3  sing N N 183 
LEU CG  CD1  sing N N 184 
LEU CG  CD2  sing N N 185 
LEU CG  HG   sing N N 186 
LEU CD1 HD11 sing N N 187 
LEU CD1 HD12 sing N N 188 
LEU CD1 HD13 sing N N 189 
LEU CD2 HD21 sing N N 190 
LEU CD2 HD22 sing N N 191 
LEU CD2 HD23 sing N N 192 
LEU OXT HXT  sing N N 193 
LYS N   CA   sing N N 194 
LYS N   H    sing N N 195 
LYS N   H2   sing N N 196 
LYS CA  C    sing N N 197 
LYS CA  CB   sing N N 198 
LYS CA  HA   sing N N 199 
LYS C   O    doub N N 200 
LYS C   OXT  sing N N 201 
LYS CB  CG   sing N N 202 
LYS CB  HB2  sing N N 203 
LYS CB  HB3  sing N N 204 
LYS CG  CD   sing N N 205 
LYS CG  HG2  sing N N 206 
LYS CG  HG3  sing N N 207 
LYS CD  CE   sing N N 208 
LYS CD  HD2  sing N N 209 
LYS CD  HD3  sing N N 210 
LYS CE  NZ   sing N N 211 
LYS CE  HE2  sing N N 212 
LYS CE  HE3  sing N N 213 
LYS NZ  HZ1  sing N N 214 
LYS NZ  HZ2  sing N N 215 
LYS NZ  HZ3  sing N N 216 
LYS OXT HXT  sing N N 217 
MET N   CA   sing N N 218 
MET N   H    sing N N 219 
MET N   H2   sing N N 220 
MET CA  C    sing N N 221 
MET CA  CB   sing N N 222 
MET CA  HA   sing N N 223 
MET C   O    doub N N 224 
MET C   OXT  sing N N 225 
MET CB  CG   sing N N 226 
MET CB  HB2  sing N N 227 
MET CB  HB3  sing N N 228 
MET CG  SD   sing N N 229 
MET CG  HG2  sing N N 230 
MET CG  HG3  sing N N 231 
MET SD  CE   sing N N 232 
MET CE  HE1  sing N N 233 
MET CE  HE2  sing N N 234 
MET CE  HE3  sing N N 235 
MET OXT HXT  sing N N 236 
PHE N   CA   sing N N 237 
PHE N   H    sing N N 238 
PHE N   H2   sing N N 239 
PHE CA  C    sing N N 240 
PHE CA  CB   sing N N 241 
PHE CA  HA   sing N N 242 
PHE C   O    doub N N 243 
PHE C   OXT  sing N N 244 
PHE CB  CG   sing N N 245 
PHE CB  HB2  sing N N 246 
PHE CB  HB3  sing N N 247 
PHE CG  CD1  doub Y N 248 
PHE CG  CD2  sing Y N 249 
PHE CD1 CE1  sing Y N 250 
PHE CD1 HD1  sing N N 251 
PHE CD2 CE2  doub Y N 252 
PHE CD2 HD2  sing N N 253 
PHE CE1 CZ   doub Y N 254 
PHE CE1 HE1  sing N N 255 
PHE CE2 CZ   sing Y N 256 
PHE CE2 HE2  sing N N 257 
PHE CZ  HZ   sing N N 258 
PHE OXT HXT  sing N N 259 
PRO N   CA   sing N N 260 
PRO N   CD   sing N N 261 
PRO N   H    sing N N 262 
PRO CA  C    sing N N 263 
PRO CA  CB   sing N N 264 
PRO CA  HA   sing N N 265 
PRO C   O    doub N N 266 
PRO C   OXT  sing N N 267 
PRO CB  CG   sing N N 268 
PRO CB  HB2  sing N N 269 
PRO CB  HB3  sing N N 270 
PRO CG  CD   sing N N 271 
PRO CG  HG2  sing N N 272 
PRO CG  HG3  sing N N 273 
PRO CD  HD2  sing N N 274 
PRO CD  HD3  sing N N 275 
PRO OXT HXT  sing N N 276 
SER N   CA   sing N N 277 
SER N   H    sing N N 278 
SER N   H2   sing N N 279 
SER CA  C    sing N N 280 
SER CA  CB   sing N N 281 
SER CA  HA   sing N N 282 
SER C   O    doub N N 283 
SER C   OXT  sing N N 284 
SER CB  OG   sing N N 285 
SER CB  HB2  sing N N 286 
SER CB  HB3  sing N N 287 
SER OG  HG   sing N N 288 
SER OXT HXT  sing N N 289 
THR N   CA   sing N N 290 
THR N   H    sing N N 291 
THR N   H2   sing N N 292 
THR CA  C    sing N N 293 
THR CA  CB   sing N N 294 
THR CA  HA   sing N N 295 
THR C   O    doub N N 296 
THR C   OXT  sing N N 297 
THR CB  OG1  sing N N 298 
THR CB  CG2  sing N N 299 
THR CB  HB   sing N N 300 
THR OG1 HG1  sing N N 301 
THR CG2 HG21 sing N N 302 
THR CG2 HG22 sing N N 303 
THR CG2 HG23 sing N N 304 
THR OXT HXT  sing N N 305 
TRP N   CA   sing N N 306 
TRP N   H    sing N N 307 
TRP N   H2   sing N N 308 
TRP CA  C    sing N N 309 
TRP CA  CB   sing N N 310 
TRP CA  HA   sing N N 311 
TRP C   O    doub N N 312 
TRP C   OXT  sing N N 313 
TRP CB  CG   sing N N 314 
TRP CB  HB2  sing N N 315 
TRP CB  HB3  sing N N 316 
TRP CG  CD1  doub Y N 317 
TRP CG  CD2  sing Y N 318 
TRP CD1 NE1  sing Y N 319 
TRP CD1 HD1  sing N N 320 
TRP CD2 CE2  doub Y N 321 
TRP CD2 CE3  sing Y N 322 
TRP NE1 CE2  sing Y N 323 
TRP NE1 HE1  sing N N 324 
TRP CE2 CZ2  sing Y N 325 
TRP CE3 CZ3  doub Y N 326 
TRP CE3 HE3  sing N N 327 
TRP CZ2 CH2  doub Y N 328 
TRP CZ2 HZ2  sing N N 329 
TRP CZ3 CH2  sing Y N 330 
TRP CZ3 HZ3  sing N N 331 
TRP CH2 HH2  sing N N 332 
TRP OXT HXT  sing N N 333 
TYR N   CA   sing N N 334 
TYR N   H    sing N N 335 
TYR N   H2   sing N N 336 
TYR CA  C    sing N N 337 
TYR CA  CB   sing N N 338 
TYR CA  HA   sing N N 339 
TYR C   O    doub N N 340 
TYR C   OXT  sing N N 341 
TYR CB  CG   sing N N 342 
TYR CB  HB2  sing N N 343 
TYR CB  HB3  sing N N 344 
TYR CG  CD1  doub Y N 345 
TYR CG  CD2  sing Y N 346 
TYR CD1 CE1  sing Y N 347 
TYR CD1 HD1  sing N N 348 
TYR CD2 CE2  doub Y N 349 
TYR CD2 HD2  sing N N 350 
TYR CE1 CZ   doub Y N 351 
TYR CE1 HE1  sing N N 352 
TYR CE2 CZ   sing Y N 353 
TYR CE2 HE2  sing N N 354 
TYR CZ  OH   sing N N 355 
TYR OH  HH   sing N N 356 
TYR OXT HXT  sing N N 357 
VAL N   CA   sing N N 358 
VAL N   H    sing N N 359 
VAL N   H2   sing N N 360 
VAL CA  C    sing N N 361 
VAL CA  CB   sing N N 362 
VAL CA  HA   sing N N 363 
VAL C   O    doub N N 364 
VAL C   OXT  sing N N 365 
VAL CB  CG1  sing N N 366 
VAL CB  CG2  sing N N 367 
VAL CB  HB   sing N N 368 
VAL CG1 HG11 sing N N 369 
VAL CG1 HG12 sing N N 370 
VAL CG1 HG13 sing N N 371 
VAL CG2 HG21 sing N N 372 
VAL CG2 HG22 sing N N 373 
VAL CG2 HG23 sing N N 374 
VAL OXT HXT  sing N N 375 
# 
_atom_sites.entry_id                    1TVG 
_atom_sites.fract_transf_matrix[1][1]   -0.00329328 
_atom_sites.fract_transf_matrix[1][2]   0.00458192 
_atom_sites.fract_transf_matrix[1][3]   -0.01326478 
_atom_sites.fract_transf_matrix[2][1]   -0.02123435 
_atom_sites.fract_transf_matrix[2][2]   -0.01115726 
_atom_sites.fract_transf_matrix[2][3]   0.00141796 
_atom_sites.fract_transf_matrix[3][1]   -0.00978787 
_atom_sites.fract_transf_matrix[3][2]   0.01913934 
_atom_sites.fract_transf_matrix[3][3]   0.00402244 
_atom_sites.fract_transf_vector[1]      0.340453 
_atom_sites.fract_transf_vector[2]      0.659994 
_atom_sites.fract_transf_vector[3]      0.709727 
# 
loop_
_atom_type.symbol 
C  
CA 
N  
O  
S  
SM 
# 
loop_
_atom_site.group_PDB 
_atom_site.id 
_atom_site.type_symbol 
_atom_site.label_atom_id 
_atom_site.label_alt_id 
_atom_site.label_comp_id 
_atom_site.label_asym_id 
_atom_site.label_entity_id 
_atom_site.label_seq_id 
_atom_site.pdbx_PDB_ins_code 
_atom_site.Cartn_x 
_atom_site.Cartn_y 
_atom_site.Cartn_z 
_atom_site.occupancy 
_atom_site.B_iso_or_equiv 
_atom_site.pdbx_formal_charge 
_atom_site.auth_seq_id 
_atom_site.auth_comp_id 
_atom_site.auth_asym_id 
_atom_site.auth_atom_id 
_atom_site.pdbx_PDB_model_num 
ATOM   1    N  N   . ILE A 1 14  ? -5.142  4.634   5.895   1.00 27.35 ? 4   ILE A N   1 
ATOM   2    C  CA  . ILE A 1 14  ? -5.679  5.202   7.157   1.00 22.96 ? 4   ILE A CA  1 
ATOM   3    C  C   . ILE A 1 14  ? -5.716  4.113   8.229   1.00 22.42 ? 4   ILE A C   1 
ATOM   4    O  O   . ILE A 1 14  ? -5.230  2.997   8.010   1.00 17.43 ? 4   ILE A O   1 
ATOM   5    C  CB  . ILE A 1 14  ? -7.108  5.801   6.933   1.00 26.60 ? 4   ILE A CB  1 
ATOM   6    C  CG1 . ILE A 1 14  ? -7.351  6.962   7.900   1.00 27.96 ? 4   ILE A CG1 1 
ATOM   7    C  CG2 . ILE A 1 14  ? -8.171  4.727   7.132   1.00 27.87 ? 4   ILE A CG2 1 
ATOM   8    C  CD1 . ILE A 1 14  ? -8.658  7.707   7.655   1.00 28.88 ? 4   ILE A CD1 1 
ATOM   9    N  N   . ASP A 1 15  ? -6.294  4.447   9.378   1.00 21.57 ? 5   ASP A N   1 
ATOM   10   C  CA  . ASP A 1 15  ? -6.392  3.544   10.520  1.00 21.77 ? 5   ASP A CA  1 
ATOM   11   C  C   . ASP A 1 15  ? -5.026  2.984   10.905  1.00 17.92 ? 5   ASP A C   1 
ATOM   12   O  O   . ASP A 1 15  ? -4.101  3.745   11.168  1.00 18.97 ? 5   ASP A O   1 
ATOM   13   C  CB  . ASP A 1 15  ? -7.353  2.387   10.243  1.00 25.70 ? 5   ASP A CB  1 
ATOM   14   C  CG  . ASP A 1 15  ? -7.932  1.803   11.521  1.00 28.88 ? 5   ASP A CG  1 
ATOM   15   O  OD1 . ASP A 1 15  ? -8.078  0.564   11.613  1.00 32.51 ? 5   ASP A OD1 1 
ATOM   16   O  OD2 . ASP A 1 15  ? -8.248  2.590   12.438  1.00 30.97 ? 5   ASP A OD2 1 
ATOM   17   N  N   . LEU A 1 16  ? -4.902  1.659   10.929  1.00 14.52 ? 6   LEU A N   1 
ATOM   18   C  CA  . LEU A 1 16  ? -3.648  1.005   11.303  1.00 12.30 ? 6   LEU A CA  1 
ATOM   19   C  C   . LEU A 1 16  ? -2.421  1.457   10.518  1.00 11.07 ? 6   LEU A C   1 
ATOM   20   O  O   . LEU A 1 16  ? -1.319  1.476   11.059  1.00 10.80 ? 6   LEU A O   1 
ATOM   21   C  CB  . LEU A 1 16  ? -3.774  -0.512  11.162  1.00 13.70 ? 6   LEU A CB  1 
ATOM   22   C  CG  . LEU A 1 16  ? -4.696  -1.273  12.109  1.00 12.56 ? 6   LEU A CG  1 
ATOM   23   C  CD1 . LEU A 1 16  ? -4.773  -2.719  11.645  1.00 12.57 ? 6   LEU A CD1 1 
ATOM   24   C  CD2 . LEU A 1 16  ? -4.173  -1.201  13.542  1.00 14.31 ? 6   LEU A CD2 1 
ATOM   25   N  N   . CYS A 1 17  ? -2.616  1.809   9.251   1.00 10.98 ? 7   CYS A N   1 
ATOM   26   C  CA  . CYS A 1 17  ? -1.513  2.221   8.388   1.00 10.02 ? 7   CYS A CA  1 
ATOM   27   C  C   . CYS A 1 17  ? -1.019  3.651   8.575   1.00 9.90  ? 7   CYS A C   1 
ATOM   28   O  O   . CYS A 1 17  ? 0.066   3.994   8.114   1.00 7.70  ? 7   CYS A O   1 
ATOM   29   C  CB  . CYS A 1 17  ? -1.905  2.035   6.917   1.00 8.56  ? 7   CYS A CB  1 
ATOM   30   S  SG  . CYS A 1 17  ? -2.135  0.322   6.427   1.00 10.21 ? 7   CYS A SG  1 
ATOM   31   N  N   . LEU A 1 18  ? -1.810  4.485   9.237   1.00 9.58  ? 8   LEU A N   1 
ATOM   32   C  CA  . LEU A 1 18  ? -1.439  5.881   9.424   1.00 9.42  ? 8   LEU A CA  1 
ATOM   33   C  C   . LEU A 1 18  ? -0.099  6.088   10.112  1.00 9.18  ? 8   LEU A C   1 
ATOM   34   O  O   . LEU A 1 18  ? 0.236   5.402   11.075  1.00 9.58  ? 8   LEU A O   1 
ATOM   35   C  CB  . LEU A 1 18  ? -2.525  6.613   10.207  1.00 9.30  ? 8   LEU A CB  1 
ATOM   36   C  CG  . LEU A 1 18  ? -3.857  6.824   9.484   1.00 10.57 ? 8   LEU A CG  1 
ATOM   37   C  CD1 . LEU A 1 18  ? -4.889  7.307   10.487  1.00 12.37 ? 8   LEU A CD1 1 
ATOM   38   C  CD2 . LEU A 1 18  ? -3.691  7.829   8.353   1.00 12.08 ? 8   LEU A CD2 1 
ATOM   39   N  N   . SER A 1 19  ? 0.670   7.040   9.599   1.00 10.36 ? 9   SER A N   1 
ATOM   40   C  CA  . SER A 1 19  ? 1.963   7.351   10.184  1.00 12.57 ? 9   SER A CA  1 
ATOM   41   C  C   . SER A 1 19  ? 1.729   7.925   11.580  1.00 13.71 ? 9   SER A C   1 
ATOM   42   O  O   . SER A 1 19  ? 2.577   7.800   12.461  1.00 12.50 ? 9   SER A O   1 
ATOM   43   C  CB  . SER A 1 19  ? 2.712   8.360   9.311   1.00 13.76 ? 9   SER A CB  1 
ATOM   44   O  OG  . SER A 1 19  ? 1.938   9.524   9.113   1.00 18.22 ? 9   SER A OG  1 
ATOM   45   N  N   . SER A 1 20  ? 0.570   8.547   11.775  1.00 14.24 ? 10  SER A N   1 
ATOM   46   C  CA  . SER A 1 20  ? 0.225   9.125   13.073  1.00 15.25 ? 10  SER A CA  1 
ATOM   47   C  C   . SER A 1 20  ? -0.004  8.009   14.091  1.00 16.34 ? 10  SER A C   1 
ATOM   48   O  O   . SER A 1 20  ? -0.025  8.248   15.302  1.00 16.36 ? 10  SER A O   1 
ATOM   49   C  CB  . SER A 1 20  ? -1.032  9.989   12.952  1.00 15.12 ? 10  SER A CB  1 
ATOM   50   O  OG  . SER A 1 20  ? -2.159  9.217   12.565  1.00 16.50 ? 10  SER A OG  1 
ATOM   51   N  N   . GLU A 1 21  ? -0.186  6.790   13.591  1.00 15.52 ? 11  GLU A N   1 
ATOM   52   C  CA  . GLU A 1 21  ? -0.392  5.634   14.454  1.00 14.46 ? 11  GLU A CA  1 
ATOM   53   C  C   . GLU A 1 21  ? 0.932   4.911   14.682  1.00 14.08 ? 11  GLU A C   1 
ATOM   54   O  O   . GLU A 1 21  ? 0.982   3.890   15.373  1.00 15.69 ? 11  GLU A O   1 
ATOM   55   C  CB  . GLU A 1 21  ? -1.411  4.675   13.833  1.00 15.72 ? 11  GLU A CB  1 
ATOM   56   C  CG  . GLU A 1 21  ? -2.842  5.177   13.889  1.00 16.85 ? 11  GLU A CG  1 
ATOM   57   C  CD  . GLU A 1 21  ? -3.325  5.392   15.313  1.00 20.08 ? 11  GLU A CD  1 
ATOM   58   O  OE1 . GLU A 1 21  ? -3.196  4.457   16.131  1.00 18.60 ? 11  GLU A OE1 1 
ATOM   59   O  OE2 . GLU A 1 21  ? -3.841  6.491   15.610  1.00 22.46 ? 11  GLU A OE2 1 
ATOM   60   N  N   . GLY A 1 22  ? 2.001   5.436   14.087  1.00 13.17 ? 12  GLY A N   1 
ATOM   61   C  CA  . GLY A 1 22  ? 3.308   4.834   14.260  1.00 11.21 ? 12  GLY A CA  1 
ATOM   62   C  C   . GLY A 1 22  ? 3.839   4.043   13.079  1.00 11.26 ? 12  GLY A C   1 
ATOM   63   O  O   . GLY A 1 22  ? 4.994   3.629   13.082  1.00 12.76 ? 12  GLY A O   1 
ATOM   64   N  N   . SER A 1 23  ? 3.006   3.837   12.066  1.00 11.63 ? 13  SER A N   1 
ATOM   65   C  CA  . SER A 1 23  ? 3.424   3.082   10.897  1.00 10.17 ? 13  SER A CA  1 
ATOM   66   C  C   . SER A 1 23  ? 4.343   3.906   10.002  1.00 9.22  ? 13  SER A C   1 
ATOM   67   O  O   . SER A 1 23  ? 4.421   5.132   10.124  1.00 8.62  ? 13  SER A O   1 
ATOM   68   C  CB  . SER A 1 23  ? 2.193   2.604   10.127  1.00 11.28 ? 13  SER A CB  1 
ATOM   69   O  OG  . SER A 1 23  ? 1.381   1.801   10.971  1.00 10.93 ? 13  SER A OG  1 
ATOM   70   N  N   . GLU A 1 24  ? 5.047   3.229   9.102   1.00 9.64  ? 14  GLU A N   1 
ATOM   71   C  CA  . GLU A 1 24  ? 5.982   3.908   8.217   1.00 9.50  ? 14  GLU A CA  1 
ATOM   72   C  C   . GLU A 1 24  ? 6.105   3.185   6.881   1.00 8.09  ? 14  GLU A C   1 
ATOM   73   O  O   . GLU A 1 24  ? 6.005   1.960   6.818   1.00 8.70  ? 14  GLU A O   1 
ATOM   74   C  CB  . GLU A 1 24  ? 7.351   3.980   8.915   1.00 11.57 ? 14  GLU A CB  1 
ATOM   75   C  CG  . GLU A 1 24  ? 8.541   4.321   8.035   1.00 15.30 ? 14  GLU A CG  1 
ATOM   76   C  CD  . GLU A 1 24  ? 9.855   4.303   8.808   1.00 16.00 ? 14  GLU A CD  1 
ATOM   77   O  OE1 . GLU A 1 24  ? 10.052  3.381   9.630   1.00 17.22 ? 14  GLU A OE1 1 
ATOM   78   O  OE2 . GLU A 1 24  ? 10.692  5.201   8.589   1.00 17.29 ? 14  GLU A OE2 1 
ATOM   79   N  N   . VAL A 1 25  ? 6.301   3.949   5.814   1.00 7.82  ? 15  VAL A N   1 
ATOM   80   C  CA  . VAL A 1 25  ? 6.475   3.354   4.502   1.00 8.02  ? 15  VAL A CA  1 
ATOM   81   C  C   . VAL A 1 25  ? 7.972   3.277   4.258   1.00 8.62  ? 15  VAL A C   1 
ATOM   82   O  O   . VAL A 1 25  ? 8.685   4.280   4.381   1.00 9.77  ? 15  VAL A O   1 
ATOM   83   C  CB  . VAL A 1 25  ? 5.825   4.193   3.387   1.00 7.30  ? 15  VAL A CB  1 
ATOM   84   C  CG1 . VAL A 1 25  ? 6.043   3.503   2.052   1.00 8.78  ? 15  VAL A CG1 1 
ATOM   85   C  CG2 . VAL A 1 25  ? 4.329   4.350   3.654   1.00 8.92  ? 15  VAL A CG2 1 
ATOM   86   N  N   . ILE A 1 26  ? 8.448   2.082   3.928   1.00 7.50  ? 16  ILE A N   1 
ATOM   87   C  CA  . ILE A 1 26  ? 9.864   1.875   3.679   1.00 7.59  ? 16  ILE A CA  1 
ATOM   88   C  C   . ILE A 1 26  ? 10.104  1.091   2.394   1.00 7.21  ? 16  ILE A C   1 
ATOM   89   O  O   . ILE A 1 26  ? 9.189   0.500   1.824   1.00 5.92  ? 16  ILE A O   1 
ATOM   90   C  CB  . ILE A 1 26  ? 10.521  1.101   4.852   1.00 8.18  ? 16  ILE A CB  1 
ATOM   91   C  CG1 . ILE A 1 26  ? 9.832   -0.258  5.032   1.00 9.98  ? 16  ILE A CG1 1 
ATOM   92   C  CG2 . ILE A 1 26  ? 10.440  1.929   6.124   1.00 10.01 ? 16  ILE A CG2 1 
ATOM   93   C  CD1 . ILE A 1 26  ? 10.426  -1.128  6.133   1.00 9.28  ? 16  ILE A CD1 1 
ATOM   94   N  N   . LEU A 1 27  ? 11.346  1.122   1.926   1.00 7.71  ? 17  LEU A N   1 
ATOM   95   C  CA  . LEU A 1 27  ? 11.744  0.373   0.753   1.00 6.88  ? 17  LEU A CA  1 
ATOM   96   C  C   . LEU A 1 27  ? 10.889  0.586   -0.489  1.00 7.62  ? 17  LEU A C   1 
ATOM   97   O  O   . LEU A 1 27  ? 10.522  -0.374  -1.161  1.00 9.28  ? 17  LEU A O   1 
ATOM   98   C  CB  . LEU A 1 27  ? 11.796  -1.117  1.114   1.00 9.15  ? 17  LEU A CB  1 
ATOM   99   C  CG  . LEU A 1 27  ? 12.786  -1.387  2.250   1.00 10.60 ? 17  LEU A CG  1 
ATOM   100  C  CD1 . LEU A 1 27  ? 12.541  -2.749  2.885   1.00 12.26 ? 17  LEU A CD1 1 
ATOM   101  C  CD2 . LEU A 1 27  ? 14.203  -1.269  1.696   1.00 9.57  ? 17  LEU A CD2 1 
ATOM   102  N  N   . ALA A 1 28  ? 10.572  1.846   -0.781  1.00 7.37  ? 18  ALA A N   1 
ATOM   103  C  CA  . ALA A 1 28  ? 9.793   2.183   -1.972  1.00 6.86  ? 18  ALA A CA  1 
ATOM   104  C  C   . ALA A 1 28  ? 10.760  2.210   -3.163  1.00 7.42  ? 18  ALA A C   1 
ATOM   105  O  O   . ALA A 1 28  ? 11.907  2.652   -3.031  1.00 8.78  ? 18  ALA A O   1 
ATOM   106  C  CB  . ALA A 1 28  ? 9.128   3.540   -1.798  1.00 7.31  ? 18  ALA A CB  1 
ATOM   107  N  N   . THR A 1 29  ? 10.299  1.745   -4.321  1.00 5.44  ? 19  THR A N   1 
ATOM   108  C  CA  . THR A 1 29  ? 11.144  1.682   -5.512  1.00 5.96  ? 19  THR A CA  1 
ATOM   109  C  C   . THR A 1 29  ? 11.235  2.993   -6.292  1.00 5.71  ? 19  THR A C   1 
ATOM   110  O  O   . THR A 1 29  ? 11.967  3.097   -7.282  1.00 7.90  ? 19  THR A O   1 
ATOM   111  C  CB  . THR A 1 29  ? 10.679  0.545   -6.443  1.00 5.87  ? 19  THR A CB  1 
ATOM   112  O  OG1 . THR A 1 29  ? 9.265   0.643   -6.639  1.00 5.60  ? 19  THR A OG1 1 
ATOM   113  C  CG2 . THR A 1 29  ? 11.019  -0.809  -5.832  1.00 8.33  ? 19  THR A CG2 1 
ATOM   114  N  N   . SER A 1 30  ? 10.493  3.995   -5.839  1.00 6.07  ? 20  SER A N   1 
ATOM   115  C  CA  . SER A 1 30  ? 10.530  5.319   -6.445  1.00 9.60  ? 20  SER A CA  1 
ATOM   116  C  C   . SER A 1 30  ? 10.632  6.314   -5.305  1.00 11.15 ? 20  SER A C   1 
ATOM   117  O  O   . SER A 1 30  ? 10.038  6.112   -4.249  1.00 11.67 ? 20  SER A O   1 
ATOM   118  C  CB  . SER A 1 30  ? 9.270   5.591   -7.265  1.00 10.26 ? 20  SER A CB  1 
ATOM   119  O  OG  . SER A 1 30  ? 9.325   4.889   -8.494  1.00 7.27  ? 20  SER A OG  1 
ATOM   120  N  N   . SER A 1 31  ? 11.397  7.380   -5.512  1.00 14.80 ? 21  SER A N   1 
ATOM   121  C  CA  . SER A 1 31  ? 11.576  8.396   -4.484  1.00 18.42 ? 21  SER A CA  1 
ATOM   122  C  C   . SER A 1 31  ? 11.528  9.812   -5.052  1.00 20.00 ? 21  SER A C   1 
ATOM   123  O  O   . SER A 1 31  ? 12.450  10.601  -4.843  1.00 20.86 ? 21  SER A O   1 
ATOM   124  C  CB  . SER A 1 31  ? 12.907  8.174   -3.757  1.00 20.06 ? 21  SER A CB  1 
ATOM   125  O  OG  . SER A 1 31  ? 13.995  8.184   -4.667  1.00 24.37 ? 21  SER A OG  1 
ATOM   126  N  N   . ASP A 1 32  ? 10.456  10.127  -5.772  1.00 19.09 ? 22  ASP A N   1 
ATOM   127  C  CA  . ASP A 1 32  ? 10.291  11.460  -6.341  1.00 20.08 ? 22  ASP A CA  1 
ATOM   128  C  C   . ASP A 1 32  ? 10.069  12.437  -5.192  1.00 19.75 ? 22  ASP A C   1 
ATOM   129  O  O   . ASP A 1 32  ? 9.171   12.250  -4.372  1.00 17.89 ? 22  ASP A O   1 
ATOM   130  C  CB  . ASP A 1 32  ? 9.091   11.487  -7.289  1.00 21.99 ? 22  ASP A CB  1 
ATOM   131  C  CG  . ASP A 1 32  ? 8.827   12.867  -7.854  1.00 27.10 ? 22  ASP A CG  1 
ATOM   132  O  OD1 . ASP A 1 32  ? 9.686   13.380  -8.602  1.00 29.92 ? 22  ASP A OD1 1 
ATOM   133  O  OD2 . ASP A 1 32  ? 7.762   13.440  -7.546  1.00 29.21 ? 22  ASP A OD2 1 
ATOM   134  N  N   . GLU A 1 33  ? 10.894  13.478  -5.140  1.00 20.91 ? 23  GLU A N   1 
ATOM   135  C  CA  . GLU A 1 33  ? 10.816  14.487  -4.091  1.00 22.19 ? 23  GLU A CA  1 
ATOM   136  C  C   . GLU A 1 33  ? 9.435   15.136  -3.990  1.00 21.14 ? 23  GLU A C   1 
ATOM   137  O  O   . GLU A 1 33  ? 9.010   15.540  -2.907  1.00 21.43 ? 23  GLU A O   1 
ATOM   138  C  CB  . GLU A 1 33  ? 11.875  15.570  -4.337  1.00 25.04 ? 23  GLU A CB  1 
ATOM   139  C  CG  . GLU A 1 33  ? 12.024  16.578  -3.206  1.00 30.76 ? 23  GLU A CG  1 
ATOM   140  C  CD  . GLU A 1 33  ? 13.003  17.692  -3.541  1.00 33.20 ? 23  GLU A CD  1 
ATOM   141  O  OE1 . GLU A 1 33  ? 14.169  17.387  -3.879  1.00 35.07 ? 23  GLU A OE1 1 
ATOM   142  O  OE2 . GLU A 1 33  ? 12.606  18.875  -3.464  1.00 36.47 ? 23  GLU A OE2 1 
ATOM   143  N  N   . LYS A 1 34  ? 8.743   15.234  -5.119  1.00 20.37 ? 24  LYS A N   1 
ATOM   144  C  CA  . LYS A 1 34  ? 7.418   15.847  -5.163  1.00 20.15 ? 24  LYS A CA  1 
ATOM   145  C  C   . LYS A 1 34  ? 6.326   14.891  -4.692  1.00 18.56 ? 24  LYS A C   1 
ATOM   146  O  O   . LYS A 1 34  ? 5.226   15.322  -4.336  1.00 18.56 ? 24  LYS A O   1 
ATOM   147  C  CB  . LYS A 1 34  ? 7.100   16.303  -6.590  1.00 22.38 ? 24  LYS A CB  1 
ATOM   148  C  CG  . LYS A 1 34  ? 8.133   17.238  -7.205  1.00 25.56 ? 24  LYS A CG  1 
ATOM   149  C  CD  . LYS A 1 34  ? 7.849   17.491  -8.685  1.00 27.98 ? 24  LYS A CD  1 
ATOM   150  C  CE  . LYS A 1 34  ? 7.991   16.215  -9.511  1.00 28.77 ? 24  LYS A CE  1 
ATOM   151  N  NZ  . LYS A 1 34  ? 7.713   16.443  -10.959 1.00 30.36 ? 24  LYS A NZ  1 
ATOM   152  N  N   . HIS A 1 35  ? 6.631   13.598  -4.692  1.00 16.02 ? 25  HIS A N   1 
ATOM   153  C  CA  . HIS A 1 35  ? 5.657   12.583  -4.292  1.00 15.33 ? 25  HIS A CA  1 
ATOM   154  C  C   . HIS A 1 35  ? 6.293   11.461  -3.477  1.00 14.04 ? 25  HIS A C   1 
ATOM   155  O  O   . HIS A 1 35  ? 6.366   10.313  -3.928  1.00 11.12 ? 25  HIS A O   1 
ATOM   156  C  CB  . HIS A 1 35  ? 4.995   11.997  -5.541  1.00 16.29 ? 25  HIS A CB  1 
ATOM   157  C  CG  . HIS A 1 35  ? 4.394   13.031  -6.441  1.00 16.04 ? 25  HIS A CG  1 
ATOM   158  N  ND1 . HIS A 1 35  ? 3.301   13.788  -6.078  1.00 16.46 ? 25  HIS A ND1 1 
ATOM   159  C  CD2 . HIS A 1 35  ? 4.764   13.461  -7.669  1.00 16.43 ? 25  HIS A CD2 1 
ATOM   160  C  CE1 . HIS A 1 35  ? 3.026   14.645  -7.047  1.00 16.31 ? 25  HIS A CE1 1 
ATOM   161  N  NE2 . HIS A 1 35  ? 3.897   14.468  -8.022  1.00 17.60 ? 25  HIS A NE2 1 
ATOM   162  N  N   . PRO A 1 36  ? 6.744   11.776  -2.255  1.00 13.07 ? 26  PRO A N   1 
ATOM   163  C  CA  . PRO A 1 36  ? 7.388   10.829  -1.337  1.00 12.92 ? 26  PRO A CA  1 
ATOM   164  C  C   . PRO A 1 36  ? 6.502   9.690   -0.840  1.00 11.28 ? 26  PRO A C   1 
ATOM   165  O  O   . PRO A 1 36  ? 5.276   9.801   -0.824  1.00 9.56  ? 26  PRO A O   1 
ATOM   166  C  CB  . PRO A 1 36  ? 7.868   11.726  -0.199  1.00 13.63 ? 26  PRO A CB  1 
ATOM   167  C  CG  . PRO A 1 36  ? 6.841   12.803  -0.169  1.00 14.52 ? 26  PRO A CG  1 
ATOM   168  C  CD  . PRO A 1 36  ? 6.639   13.111  -1.637  1.00 14.18 ? 26  PRO A CD  1 
ATOM   169  N  N   . PRO A 1 37  ? 7.124   8.571   -0.431  1.00 10.33 ? 27  PRO A N   1 
ATOM   170  C  CA  . PRO A 1 37  ? 6.416   7.392   0.075   1.00 10.85 ? 27  PRO A CA  1 
ATOM   171  C  C   . PRO A 1 37  ? 5.491   7.703   1.246   1.00 10.45 ? 27  PRO A C   1 
ATOM   172  O  O   . PRO A 1 37  ? 4.407   7.125   1.362   1.00 9.35  ? 27  PRO A O   1 
ATOM   173  C  CB  . PRO A 1 37  ? 7.553   6.458   0.483   1.00 12.26 ? 27  PRO A CB  1 
ATOM   174  C  CG  . PRO A 1 37  ? 8.613   6.779   -0.507  1.00 10.89 ? 27  PRO A CG  1 
ATOM   175  C  CD  . PRO A 1 37  ? 8.566   8.289   -0.568  1.00 11.85 ? 27  PRO A CD  1 
ATOM   176  N  N   . GLU A 1 38  ? 5.920   8.612   2.115   1.00 11.86 ? 28  GLU A N   1 
ATOM   177  C  CA  . GLU A 1 38  ? 5.128   8.974   3.284   1.00 12.78 ? 28  GLU A CA  1 
ATOM   178  C  C   . GLU A 1 38  ? 3.718   9.438   2.904   1.00 10.26 ? 28  GLU A C   1 
ATOM   179  O  O   . GLU A 1 38  ? 2.805   9.401   3.728   1.00 11.38 ? 28  GLU A O   1 
ATOM   180  C  CB  . GLU A 1 38  ? 5.845   10.073  4.078   1.00 15.15 ? 28  GLU A CB  1 
ATOM   181  C  CG  . GLU A 1 38  ? 5.949   11.400  3.343   1.00 21.84 ? 28  GLU A CG  1 
ATOM   182  C  CD  . GLU A 1 38  ? 6.785   12.428  4.091   1.00 25.73 ? 28  GLU A CD  1 
ATOM   183  O  OE1 . GLU A 1 38  ? 6.532   12.643  5.295   1.00 27.76 ? 28  GLU A OE1 1 
ATOM   184  O  OE2 . GLU A 1 38  ? 7.691   13.026  3.470   1.00 28.77 ? 28  GLU A OE2 1 
ATOM   185  N  N   . ASN A 1 39  ? 3.549   9.862   1.652   1.00 9.98  ? 29  ASN A N   1 
ATOM   186  C  CA  . ASN A 1 39  ? 2.257   10.339  1.148   1.00 9.52  ? 29  ASN A CA  1 
ATOM   187  C  C   . ASN A 1 39  ? 1.200   9.237   1.106   1.00 8.18  ? 29  ASN A C   1 
ATOM   188  O  O   . ASN A 1 39  ? 0.018   9.513   1.006   1.00 8.06  ? 29  ASN A O   1 
ATOM   189  C  CB  . ASN A 1 39  ? 2.405   10.927  -0.262  1.00 9.18  ? 29  ASN A CB  1 
ATOM   190  C  CG  . ASN A 1 39  ? 2.929   12.353  -0.262  1.00 10.02 ? 29  ASN A CG  1 
ATOM   191  O  OD1 . ASN A 1 39  ? 3.150   12.943  -1.323  1.00 12.20 ? 29  ASN A OD1 1 
ATOM   192  N  ND2 . ASN A 1 39  ? 3.120   12.916  0.924   1.00 8.64  ? 29  ASN A ND2 1 
ATOM   193  N  N   . ILE A 1 40  ? 1.620   7.982   1.178   1.00 6.44  ? 30  ILE A N   1 
ATOM   194  C  CA  . ILE A 1 40  ? 0.679   6.868   1.147   1.00 7.13  ? 30  ILE A CA  1 
ATOM   195  C  C   . ILE A 1 40  ? -0.093  6.708   2.462   1.00 8.22  ? 30  ILE A C   1 
ATOM   196  O  O   . ILE A 1 40  ? -1.215  6.198   2.471   1.00 7.24  ? 30  ILE A O   1 
ATOM   197  C  CB  . ILE A 1 40  ? 1.439   5.552   0.827   1.00 5.86  ? 30  ILE A CB  1 
ATOM   198  C  CG1 . ILE A 1 40  ? 2.022   5.632   -0.582  1.00 5.01  ? 30  ILE A CG1 1 
ATOM   199  C  CG2 . ILE A 1 40  ? 0.514   4.336   0.960   1.00 5.28  ? 30  ILE A CG2 1 
ATOM   200  C  CD1 . ILE A 1 40  ? 3.115   4.608   -0.840  1.00 6.06  ? 30  ILE A CD1 1 
ATOM   201  N  N   . ILE A 1 41  ? 0.492   7.166   3.565   1.00 8.66  ? 31  ILE A N   1 
ATOM   202  C  CA  . ILE A 1 41  ? -0.151  7.013   4.865   1.00 9.31  ? 31  ILE A CA  1 
ATOM   203  C  C   . ILE A 1 41  ? -0.352  8.283   5.702   1.00 9.77  ? 31  ILE A C   1 
ATOM   204  O  O   . ILE A 1 41  ? -0.321  8.227   6.931   1.00 10.56 ? 31  ILE A O   1 
ATOM   205  C  CB  . ILE A 1 41  ? 0.614   5.965   5.717   1.00 8.38  ? 31  ILE A CB  1 
ATOM   206  C  CG1 . ILE A 1 41  ? 2.060   6.408   5.965   1.00 7.26  ? 31  ILE A CG1 1 
ATOM   207  C  CG2 . ILE A 1 41  ? 0.636   4.632   4.981   1.00 8.13  ? 31  ILE A CG2 1 
ATOM   208  C  CD1 . ILE A 1 41  ? 2.853   5.440   6.838   1.00 8.19  ? 31  ILE A CD1 1 
ATOM   209  N  N   . ASP A 1 42  ? -0.591  9.419   5.050   1.00 10.66 ? 32  ASP A N   1 
ATOM   210  C  CA  . ASP A 1 42  ? -0.783  10.662  5.787   1.00 11.85 ? 32  ASP A CA  1 
ATOM   211  C  C   . ASP A 1 42  ? -2.238  11.096  5.965   1.00 12.01 ? 32  ASP A C   1 
ATOM   212  O  O   . ASP A 1 42  ? -2.506  12.187  6.469   1.00 14.74 ? 32  ASP A O   1 
ATOM   213  C  CB  . ASP A 1 42  ? 0.026   11.796  5.146   1.00 12.29 ? 32  ASP A CB  1 
ATOM   214  C  CG  . ASP A 1 42  ? -0.378  12.073  3.716   1.00 12.76 ? 32  ASP A CG  1 
ATOM   215  O  OD1 . ASP A 1 42  ? -1.272  11.365  3.198   1.00 10.43 ? 32  ASP A OD1 1 
ATOM   216  O  OD2 . ASP A 1 42  ? 0.197   13.000  3.101   1.00 14.38 ? 32  ASP A OD2 1 
ATOM   217  N  N   . GLY A 1 43  ? -3.168  10.241  5.558   1.00 11.23 ? 33  GLY A N   1 
ATOM   218  C  CA  . GLY A 1 43  ? -4.581  10.549  5.700   1.00 14.56 ? 33  GLY A CA  1 
ATOM   219  C  C   . GLY A 1 43  ? -5.089  11.694  4.841   1.00 14.70 ? 33  GLY A C   1 
ATOM   220  O  O   . GLY A 1 43  ? -6.109  12.303  5.159   1.00 17.45 ? 33  GLY A O   1 
ATOM   221  N  N   . ASN A 1 44  ? -4.390  11.983  3.752   1.00 13.60 ? 34  ASN A N   1 
ATOM   222  C  CA  . ASN A 1 44  ? -4.783  13.060  2.849   1.00 12.26 ? 34  ASN A CA  1 
ATOM   223  C  C   . ASN A 1 44  ? -5.016  12.469  1.463   1.00 12.42 ? 34  ASN A C   1 
ATOM   224  O  O   . ASN A 1 44  ? -4.078  12.038  0.810   1.00 11.49 ? 34  ASN A O   1 
ATOM   225  C  CB  . ASN A 1 44  ? -3.672  14.116  2.782   1.00 13.10 ? 34  ASN A CB  1 
ATOM   226  C  CG  . ASN A 1 44  ? -4.051  15.310  1.926   1.00 12.74 ? 34  ASN A CG  1 
ATOM   227  O  OD1 . ASN A 1 44  ? -4.701  15.161  0.890   1.00 13.69 ? 34  ASN A OD1 1 
ATOM   228  N  ND2 . ASN A 1 44  ? -3.627  16.500  2.344   1.00 16.16 ? 34  ASN A ND2 1 
ATOM   229  N  N   . PRO A 1 45  ? -6.266  12.458  0.986   1.00 12.99 ? 35  PRO A N   1 
ATOM   230  C  CA  . PRO A 1 45  ? -6.544  11.897  -0.335  1.00 12.35 ? 35  PRO A CA  1 
ATOM   231  C  C   . PRO A 1 45  ? -5.853  12.558  -1.523  1.00 12.78 ? 35  PRO A C   1 
ATOM   232  O  O   . PRO A 1 45  ? -5.685  11.920  -2.560  1.00 12.45 ? 35  PRO A O   1 
ATOM   233  C  CB  . PRO A 1 45  ? -8.068  11.976  -0.431  1.00 12.76 ? 35  PRO A CB  1 
ATOM   234  C  CG  . PRO A 1 45  ? -8.380  13.167  0.375   1.00 12.57 ? 35  PRO A CG  1 
ATOM   235  C  CD  . PRO A 1 45  ? -7.486  13.026  1.578   1.00 11.82 ? 35  PRO A CD  1 
ATOM   236  N  N   . GLU A 1 46  ? -5.439  13.817  -1.410  1.00 12.07 ? 36  GLU A N   1 
ATOM   237  C  CA  . GLU A 1 46  ? -4.790  14.408  -2.576  1.00 12.41 ? 36  GLU A CA  1 
ATOM   238  C  C   . GLU A 1 46  ? -3.272  14.267  -2.698  1.00 12.24 ? 36  GLU A C   1 
ATOM   239  O  O   . GLU A 1 46  ? -2.727  14.452  -3.784  1.00 13.63 ? 36  GLU A O   1 
ATOM   240  C  CB  . GLU A 1 46  ? -5.233  15.869  -2.807  1.00 15.05 ? 36  GLU A CB  1 
ATOM   241  C  CG  . GLU A 1 46  ? -5.049  16.882  -1.708  1.00 15.09 ? 36  GLU A CG  1 
ATOM   242  C  CD  . GLU A 1 46  ? -5.435  18.281  -2.204  1.00 14.80 ? 36  GLU A CD  1 
ATOM   243  O  OE1 . GLU A 1 46  ? -6.391  18.381  -3.005  1.00 11.64 ? 36  GLU A OE1 1 
ATOM   244  O  OE2 . GLU A 1 46  ? -4.796  19.274  -1.807  1.00 14.54 ? 36  GLU A OE2 1 
ATOM   245  N  N   . THR A 1 47  ? -2.585  13.916  -1.614  1.00 10.87 ? 37  THR A N   1 
ATOM   246  C  CA  . THR A 1 47  ? -1.139  13.709  -1.705  1.00 8.61  ? 37  THR A CA  1 
ATOM   247  C  C   . THR A 1 47  ? -0.910  12.250  -2.094  1.00 9.08  ? 37  THR A C   1 
ATOM   248  O  O   . THR A 1 47  ? -1.647  11.364  -1.669  1.00 7.54  ? 37  THR A O   1 
ATOM   249  C  CB  . THR A 1 47  ? -0.417  13.956  -0.370  1.00 9.54  ? 37  THR A CB  1 
ATOM   250  O  OG1 . THR A 1 47  ? -0.902  13.040  0.618   1.00 7.97  ? 37  THR A OG1 1 
ATOM   251  C  CG2 . THR A 1 47  ? -0.654  15.370  0.115   1.00 10.22 ? 37  THR A CG2 1 
ATOM   252  N  N   . PHE A 1 48  ? 0.104   12.001  -2.908  1.00 7.95  ? 38  PHE A N   1 
ATOM   253  C  CA  . PHE A 1 48  ? 0.369   10.635  -3.333  1.00 8.66  ? 38  PHE A CA  1 
ATOM   254  C  C   . PHE A 1 48  ? 1.822   10.336  -3.638  1.00 7.72  ? 38  PHE A C   1 
ATOM   255  O  O   . PHE A 1 48  ? 2.652   11.238  -3.789  1.00 9.24  ? 38  PHE A O   1 
ATOM   256  C  CB  . PHE A 1 48  ? -0.450  10.304  -4.582  1.00 8.35  ? 38  PHE A CB  1 
ATOM   257  C  CG  . PHE A 1 48  ? -0.200  11.235  -5.743  1.00 9.48  ? 38  PHE A CG  1 
ATOM   258  C  CD1 . PHE A 1 48  ? -0.861  12.458  -5.824  1.00 7.68  ? 38  PHE A CD1 1 
ATOM   259  C  CD2 . PHE A 1 48  ? 0.682   10.883  -6.764  1.00 10.49 ? 38  PHE A CD2 1 
ATOM   260  C  CE1 . PHE A 1 48  ? -0.650  13.319  -6.907  1.00 9.94  ? 38  PHE A CE1 1 
ATOM   261  C  CE2 . PHE A 1 48  ? 0.902   11.740  -7.856  1.00 10.76 ? 38  PHE A CE2 1 
ATOM   262  C  CZ  . PHE A 1 48  ? 0.232   12.957  -7.923  1.00 11.34 ? 38  PHE A CZ  1 
ATOM   263  N  N   . TRP A 1 49  ? 2.113   9.040   -3.701  1.00 7.12  ? 39  TRP A N   1 
ATOM   264  C  CA  . TRP A 1 49  ? 3.437   8.543   -4.055  1.00 6.47  ? 39  TRP A CA  1 
ATOM   265  C  C   . TRP A 1 49  ? 3.249   8.117   -5.506  1.00 6.49  ? 39  TRP A C   1 
ATOM   266  O  O   . TRP A 1 49  ? 2.205   7.565   -5.858  1.00 7.58  ? 39  TRP A O   1 
ATOM   267  C  CB  . TRP A 1 49  ? 3.796   7.318   -3.204  1.00 6.15  ? 39  TRP A CB  1 
ATOM   268  C  CG  . TRP A 1 49  ? 4.995   6.532   -3.693  1.00 5.72  ? 39  TRP A CG  1 
ATOM   269  C  CD1 . TRP A 1 49  ? 6.313   6.859   -3.538  1.00 5.35  ? 39  TRP A CD1 1 
ATOM   270  C  CD2 . TRP A 1 49  ? 4.971   5.274   -4.382  1.00 5.99  ? 39  TRP A CD2 1 
ATOM   271  N  NE1 . TRP A 1 49  ? 7.113   5.876   -4.085  1.00 6.02  ? 39  TRP A NE1 1 
ATOM   272  C  CE2 . TRP A 1 49  ? 6.314   4.895   -4.609  1.00 5.68  ? 39  TRP A CE2 1 
ATOM   273  C  CE3 . TRP A 1 49  ? 3.946   4.429   -4.829  1.00 5.20  ? 39  TRP A CE3 1 
ATOM   274  C  CZ2 . TRP A 1 49  ? 6.659   3.702   -5.259  1.00 6.33  ? 39  TRP A CZ2 1 
ATOM   275  C  CZ3 . TRP A 1 49  ? 4.289   3.243   -5.477  1.00 8.00  ? 39  TRP A CZ3 1 
ATOM   276  C  CH2 . TRP A 1 49  ? 5.636   2.893   -5.685  1.00 6.13  ? 39  TRP A CH2 1 
ATOM   277  N  N   . THR A 1 50  ? 4.232   8.379   -6.358  1.00 7.25  ? 40  THR A N   1 
ATOM   278  C  CA  . THR A 1 50  ? 4.093   7.978   -7.745  1.00 8.19  ? 40  THR A CA  1 
ATOM   279  C  C   . THR A 1 50  ? 5.328   7.228   -8.218  1.00 7.87  ? 40  THR A C   1 
ATOM   280  O  O   . THR A 1 50  ? 6.421   7.405   -7.670  1.00 8.50  ? 40  THR A O   1 
ATOM   281  C  CB  . THR A 1 50  ? 3.852   9.202   -8.663  1.00 9.64  ? 40  THR A CB  1 
ATOM   282  O  OG1 . THR A 1 50  ? 3.286   8.760   -9.904  1.00 11.25 ? 40  THR A OG1 1 
ATOM   283  C  CG2 . THR A 1 50  ? 5.156   9.933   -8.941  1.00 11.20 ? 40  THR A CG2 1 
ATOM   284  N  N   . THR A 1 51  ? 5.149   6.378   -9.223  1.00 6.89  ? 41  THR A N   1 
ATOM   285  C  CA  . THR A 1 51  ? 6.272   5.623   -9.762  1.00 6.51  ? 41  THR A CA  1 
ATOM   286  C  C   . THR A 1 51  ? 7.018   6.484   -10.774 1.00 7.30  ? 41  THR A C   1 
ATOM   287  O  O   . THR A 1 51  ? 6.424   7.332   -11.457 1.00 9.01  ? 41  THR A O   1 
ATOM   288  C  CB  . THR A 1 51  ? 5.818   4.312   -10.443 1.00 4.20  ? 41  THR A CB  1 
ATOM   289  O  OG1 . THR A 1 51  ? 4.951   4.605   -11.550 1.00 6.55  ? 41  THR A OG1 1 
ATOM   290  C  CG2 . THR A 1 51  ? 5.077   3.430   -9.437  1.00 5.40  ? 41  THR A CG2 1 
ATOM   291  N  N   . THR A 1 52  ? 8.323   6.251   -10.859 1.00 8.43  ? 42  THR A N   1 
ATOM   292  C  CA  . THR A 1 52  ? 9.196   6.995   -11.756 1.00 9.83  ? 42  THR A CA  1 
ATOM   293  C  C   . THR A 1 52  ? 9.961   6.119   -12.741 1.00 12.58 ? 42  THR A C   1 
ATOM   294  O  O   . THR A 1 52  ? 10.549  6.630   -13.695 1.00 15.17 ? 42  THR A O   1 
ATOM   295  C  CB  . THR A 1 52  ? 10.234  7.808   -10.957 1.00 10.86 ? 42  THR A CB  1 
ATOM   296  O  OG1 . THR A 1 52  ? 11.027  6.918   -10.157 1.00 13.42 ? 42  THR A OG1 1 
ATOM   297  C  CG2 . THR A 1 52  ? 9.539   8.808   -10.049 1.00 13.97 ? 42  THR A CG2 1 
ATOM   298  N  N   . GLY A 1 53  ? 9.958   4.810   -12.516 1.00 12.25 ? 43  GLY A N   1 
ATOM   299  C  CA  . GLY A 1 53  ? 10.685  3.922   -13.406 1.00 10.77 ? 43  GLY A CA  1 
ATOM   300  C  C   . GLY A 1 53  ? 9.848   2.817   -14.013 1.00 9.62  ? 43  GLY A C   1 
ATOM   301  O  O   . GLY A 1 53  ? 8.661   3.006   -14.289 1.00 10.28 ? 43  GLY A O   1 
ATOM   302  N  N   . MET A 1 54  ? 10.474  1.664   -14.239 1.00 8.18  ? 44  MET A N   1 
ATOM   303  C  CA  . MET A 1 54  ? 9.781   0.526   -14.827 1.00 7.72  ? 44  MET A CA  1 
ATOM   304  C  C   . MET A 1 54  ? 9.168   -0.376  -13.765 1.00 6.63  ? 44  MET A C   1 
ATOM   305  O  O   . MET A 1 54  ? 9.248   -0.082  -12.571 1.00 9.46  ? 44  MET A O   1 
ATOM   306  C  CB  . MET A 1 54  ? 10.726  -0.259  -15.733 1.00 7.87  ? 44  MET A CB  1 
ATOM   307  C  CG  . MET A 1 54  ? 11.166  0.528   -16.965 1.00 10.32 ? 44  MET A CG  1 
ATOM   308  S  SD  . MET A 1 54  ? 9.858   0.979   -18.162 1.00 8.02  ? 44  MET A SD  1 
ATOM   309  C  CE  . MET A 1 54  ? 9.751   -0.539  -19.094 1.00 12.66 ? 44  MET A CE  1 
ATOM   310  N  N   . PHE A 1 55  ? 8.559   -1.475  -14.199 1.00 5.59  ? 45  PHE A N   1 
ATOM   311  C  CA  . PHE A 1 55  ? 7.871   -2.370  -13.274 1.00 6.07  ? 45  PHE A CA  1 
ATOM   312  C  C   . PHE A 1 55  ? 8.473   -3.762  -13.128 1.00 6.24  ? 45  PHE A C   1 
ATOM   313  O  O   . PHE A 1 55  ? 9.236   -4.215  -13.980 1.00 7.03  ? 45  PHE A O   1 
ATOM   314  C  CB  . PHE A 1 55  ? 6.400   -2.476  -13.701 1.00 5.87  ? 45  PHE A CB  1 
ATOM   315  C  CG  . PHE A 1 55  ? 5.690   -1.155  -13.715 1.00 5.68  ? 45  PHE A CG  1 
ATOM   316  C  CD1 . PHE A 1 55  ? 5.844   -0.276  -14.784 1.00 8.84  ? 45  PHE A CD1 1 
ATOM   317  C  CD2 . PHE A 1 55  ? 4.929   -0.754  -12.619 1.00 5.12  ? 45  PHE A CD2 1 
ATOM   318  C  CE1 . PHE A 1 55  ? 5.249   0.986   -14.764 1.00 7.24  ? 45  PHE A CE1 1 
ATOM   319  C  CE2 . PHE A 1 55  ? 4.326   0.512   -12.587 1.00 5.46  ? 45  PHE A CE2 1 
ATOM   320  C  CZ  . PHE A 1 55  ? 4.493   1.382   -13.664 1.00 7.37  ? 45  PHE A CZ  1 
ATOM   321  N  N   . PRO A 1 56  ? 8.144   -4.458  -12.028 1.00 7.18  ? 46  PRO A N   1 
ATOM   322  C  CA  . PRO A 1 56  ? 7.248   -4.035  -10.944 1.00 7.35  ? 46  PRO A CA  1 
ATOM   323  C  C   . PRO A 1 56  ? 7.825   -2.957  -10.020 1.00 6.60  ? 46  PRO A C   1 
ATOM   324  O  O   . PRO A 1 56  ? 9.038   -2.816  -9.884  1.00 6.95  ? 46  PRO A O   1 
ATOM   325  C  CB  . PRO A 1 56  ? 6.976   -5.337  -10.192 1.00 7.70  ? 46  PRO A CB  1 
ATOM   326  C  CG  . PRO A 1 56  ? 8.245   -6.109  -10.394 1.00 10.71 ? 46  PRO A CG  1 
ATOM   327  C  CD  . PRO A 1 56  ? 8.541   -5.866  -11.857 1.00 7.82  ? 46  PRO A CD  1 
ATOM   328  N  N   . GLN A 1 57  ? 6.930   -2.194  -9.403  1.00 6.12  ? 47  GLN A N   1 
ATOM   329  C  CA  . GLN A 1 57  ? 7.297   -1.150  -8.453  1.00 4.31  ? 47  GLN A CA  1 
ATOM   330  C  C   . GLN A 1 57  ? 6.695   -1.615  -7.133  1.00 6.27  ? 47  GLN A C   1 
ATOM   331  O  O   . GLN A 1 57  ? 5.748   -2.397  -7.137  1.00 6.82  ? 47  GLN A O   1 
ATOM   332  C  CB  . GLN A 1 57  ? 6.655   0.181   -8.850  1.00 4.90  ? 47  GLN A CB  1 
ATOM   333  C  CG  . GLN A 1 57  ? 7.248   0.828   -10.082 1.00 4.55  ? 47  GLN A CG  1 
ATOM   334  C  CD  . GLN A 1 57  ? 8.383   1.766   -9.742  1.00 4.54  ? 47  GLN A CD  1 
ATOM   335  O  OE1 . GLN A 1 57  ? 8.440   2.309   -8.641  1.00 7.26  ? 47  GLN A OE1 1 
ATOM   336  N  NE2 . GLN A 1 57  ? 9.279   1.987   -10.699 1.00 7.03  ? 47  GLN A NE2 1 
ATOM   337  N  N   . GLU A 1 58  ? 7.229   -1.160  -6.006  1.00 6.07  ? 48  GLU A N   1 
ATOM   338  C  CA  . GLU A 1 58  ? 6.651   -1.582  -4.736  1.00 6.87  ? 48  GLU A CA  1 
ATOM   339  C  C   . GLU A 1 58  ? 7.062   -0.708  -3.572  1.00 7.37  ? 48  GLU A C   1 
ATOM   340  O  O   . GLU A 1 58  ? 7.916   0.162   -3.693  1.00 7.10  ? 48  GLU A O   1 
ATOM   341  C  CB  . GLU A 1 58  ? 7.033   -3.035  -4.415  1.00 10.64 ? 48  GLU A CB  1 
ATOM   342  C  CG  . GLU A 1 58  ? 8.518   -3.285  -4.219  1.00 12.85 ? 48  GLU A CG  1 
ATOM   343  C  CD  . GLU A 1 58  ? 8.784   -4.655  -3.625  1.00 15.82 ? 48  GLU A CD  1 
ATOM   344  O  OE1 . GLU A 1 58  ? 9.082   -4.742  -2.413  1.00 15.55 ? 48  GLU A OE1 1 
ATOM   345  O  OE2 . GLU A 1 58  ? 8.670   -5.653  -4.370  1.00 18.91 ? 48  GLU A OE2 1 
ATOM   346  N  N   . PHE A 1 59  ? 6.414   -0.949  -2.440  1.00 4.88  ? 49  PHE A N   1 
ATOM   347  C  CA  . PHE A 1 59  ? 6.727   -0.255  -1.210  1.00 5.05  ? 49  PHE A CA  1 
ATOM   348  C  C   . PHE A 1 59  ? 6.208   -1.141  -0.102  1.00 6.09  ? 49  PHE A C   1 
ATOM   349  O  O   . PHE A 1 59  ? 5.343   -1.986  -0.326  1.00 6.02  ? 49  PHE A O   1 
ATOM   350  C  CB  . PHE A 1 59  ? 6.095   1.144   -1.138  1.00 4.03  ? 49  PHE A CB  1 
ATOM   351  C  CG  . PHE A 1 59  ? 4.604   1.148   -1.204  1.00 3.54  ? 49  PHE A CG  1 
ATOM   352  C  CD1 . PHE A 1 59  ? 3.944   1.296   -2.425  1.00 4.01  ? 49  PHE A CD1 1 
ATOM   353  C  CD2 . PHE A 1 59  ? 3.847   1.029   -0.039  1.00 3.86  ? 49  PHE A CD2 1 
ATOM   354  C  CE1 . PHE A 1 59  ? 2.551   1.321   -2.486  1.00 5.89  ? 49  PHE A CE1 1 
ATOM   355  C  CE2 . PHE A 1 59  ? 2.450   1.054   -0.092  1.00 5.06  ? 49  PHE A CE2 1 
ATOM   356  C  CZ  . PHE A 1 59  ? 1.802   1.203   -1.312  1.00 5.17  ? 49  PHE A CZ  1 
ATOM   357  N  N   . ILE A 1 60  ? 6.755   -0.960  1.088   1.00 4.75  ? 50  ILE A N   1 
ATOM   358  C  CA  . ILE A 1 60  ? 6.352   -1.770  2.221   1.00 5.21  ? 50  ILE A CA  1 
ATOM   359  C  C   . ILE A 1 60  ? 5.858   -0.882  3.343   1.00 4.71  ? 50  ILE A C   1 
ATOM   360  O  O   . ILE A 1 60  ? 6.422   0.179   3.597   1.00 6.58  ? 50  ILE A O   1 
ATOM   361  C  CB  . ILE A 1 60  ? 7.541   -2.609  2.728   1.00 6.09  ? 50  ILE A CB  1 
ATOM   362  C  CG1 . ILE A 1 60  ? 7.877   -3.691  1.698   1.00 7.67  ? 50  ILE A CG1 1 
ATOM   363  C  CG2 . ILE A 1 60  ? 7.220   -3.216  4.082   1.00 7.80  ? 50  ILE A CG2 1 
ATOM   364  C  CD1 . ILE A 1 60  ? 9.169   -4.438  1.980   1.00 7.48  ? 50  ILE A CD1 1 
ATOM   365  N  N   . ILE A 1 61  ? 4.782   -1.306  3.997   1.00 5.79  ? 51  ILE A N   1 
ATOM   366  C  CA  . ILE A 1 61  ? 4.270   -0.558  5.128   1.00 6.40  ? 51  ILE A CA  1 
ATOM   367  C  C   . ILE A 1 61  ? 4.672   -1.331  6.373   1.00 6.45  ? 51  ILE A C   1 
ATOM   368  O  O   . ILE A 1 61  ? 4.371   -2.516  6.505   1.00 7.99  ? 51  ILE A O   1 
ATOM   369  C  CB  . ILE A 1 61  ? 2.735   -0.409  5.084   1.00 6.69  ? 51  ILE A CB  1 
ATOM   370  C  CG1 . ILE A 1 61  ? 2.341   0.484   3.908   1.00 8.93  ? 51  ILE A CG1 1 
ATOM   371  C  CG2 . ILE A 1 61  ? 2.233   0.201   6.383   1.00 7.28  ? 51  ILE A CG2 1 
ATOM   372  C  CD1 . ILE A 1 61  ? 0.848   0.668   3.743   1.00 10.05 ? 51  ILE A CD1 1 
ATOM   373  N  N   . CYS A 1 62  ? 5.398   -0.659  7.256   1.00 6.55  ? 52  CYS A N   1 
ATOM   374  C  CA  . CYS A 1 62  ? 5.866   -1.250  8.502   1.00 8.05  ? 52  CYS A CA  1 
ATOM   375  C  C   . CYS A 1 62  ? 4.984   -0.719  9.618   1.00 8.08  ? 52  CYS A C   1 
ATOM   376  O  O   . CYS A 1 62  ? 4.913   0.490   9.831   1.00 9.37  ? 52  CYS A O   1 
ATOM   377  C  CB  . CYS A 1 62  ? 7.322   -0.848  8.743   1.00 8.08  ? 52  CYS A CB  1 
ATOM   378  S  SG  . CYS A 1 62  ? 7.998   -1.367  10.330  1.00 13.61 ? 52  CYS A SG  1 
ATOM   379  N  N   . PHE A 1 63  ? 4.304   -1.618  10.325  1.00 8.13  ? 53  PHE A N   1 
ATOM   380  C  CA  . PHE A 1 63  ? 3.424   -1.201  11.418  1.00 10.27 ? 53  PHE A CA  1 
ATOM   381  C  C   . PHE A 1 63  ? 4.189   -0.905  12.709  1.00 10.95 ? 53  PHE A C   1 
ATOM   382  O  O   . PHE A 1 63  ? 3.686   -0.199  13.579  1.00 12.54 ? 53  PHE A O   1 
ATOM   383  C  CB  . PHE A 1 63  ? 2.363   -2.275  11.703  1.00 10.09 ? 53  PHE A CB  1 
ATOM   384  C  CG  . PHE A 1 63  ? 1.373   -2.474  10.583  1.00 8.62  ? 53  PHE A CG  1 
ATOM   385  C  CD1 . PHE A 1 63  ? 1.348   -3.665  9.862   1.00 11.20 ? 53  PHE A CD1 1 
ATOM   386  C  CD2 . PHE A 1 63  ? 0.461   -1.472  10.256  1.00 9.61  ? 53  PHE A CD2 1 
ATOM   387  C  CE1 . PHE A 1 63  ? 0.424   -3.862  8.825   1.00 11.30 ? 53  PHE A CE1 1 
ATOM   388  C  CE2 . PHE A 1 63  ? -0.468  -1.649  9.224   1.00 8.67  ? 53  PHE A CE2 1 
ATOM   389  C  CZ  . PHE A 1 63  ? -0.485  -2.851  8.506   1.00 10.72 ? 53  PHE A CZ  1 
ATOM   390  N  N   . HIS A 1 64  ? 5.407   -1.432  12.820  1.00 13.29 ? 54  HIS A N   1 
ATOM   391  C  CA  . HIS A 1 64  ? 6.225   -1.247  14.016  1.00 14.48 ? 54  HIS A CA  1 
ATOM   392  C  C   . HIS A 1 64  ? 5.496   -1.841  15.217  1.00 16.10 ? 54  HIS A C   1 
ATOM   393  O  O   . HIS A 1 64  ? 5.633   -1.381  16.354  1.00 15.97 ? 54  HIS A O   1 
ATOM   394  C  CB  . HIS A 1 64  ? 6.533   0.236   14.246  1.00 15.78 ? 54  HIS A CB  1 
ATOM   395  C  CG  . HIS A 1 64  ? 7.623   0.766   13.364  1.00 14.96 ? 54  HIS A CG  1 
ATOM   396  N  ND1 . HIS A 1 64  ? 7.417   1.770   12.444  1.00 16.70 ? 54  HIS A ND1 1 
ATOM   397  C  CD2 . HIS A 1 64  ? 8.928   0.417   13.258  1.00 14.98 ? 54  HIS A CD2 1 
ATOM   398  C  CE1 . HIS A 1 64  ? 8.548   2.016   11.804  1.00 13.39 ? 54  HIS A CE1 1 
ATOM   399  N  NE2 . HIS A 1 64  ? 9.479   1.210   12.279  1.00 17.52 ? 54  HIS A NE2 1 
ATOM   400  N  N   . LYS A 1 65  ? 4.717   -2.876  14.929  1.00 14.98 ? 55  LYS A N   1 
ATOM   401  C  CA  . LYS A 1 65  ? 3.941   -3.597  15.926  1.00 16.28 ? 55  LYS A CA  1 
ATOM   402  C  C   . LYS A 1 65  ? 3.211   -4.720  15.201  1.00 15.17 ? 55  LYS A C   1 
ATOM   403  O  O   . LYS A 1 65  ? 3.260   -4.808  13.971  1.00 14.97 ? 55  LYS A O   1 
ATOM   404  C  CB  . LYS A 1 65  ? 2.930   -2.664  16.601  1.00 18.31 ? 55  LYS A CB  1 
ATOM   405  C  CG  . LYS A 1 65  ? 1.967   -1.980  15.645  1.00 21.57 ? 55  LYS A CG  1 
ATOM   406  C  CD  . LYS A 1 65  ? 0.894   -1.217  16.407  1.00 24.50 ? 55  LYS A CD  1 
ATOM   407  C  CE  . LYS A 1 65  ? 0.908   0.267   16.083  1.00 26.65 ? 55  LYS A CE  1 
ATOM   408  N  NZ  . LYS A 1 65  ? 2.150   0.948   16.539  1.00 28.34 ? 55  LYS A NZ  1 
ATOM   409  N  N   . HIS A 1 66  ? 2.543   -5.582  15.960  1.00 14.24 ? 56  HIS A N   1 
ATOM   410  C  CA  . HIS A 1 66  ? 1.799   -6.693  15.377  1.00 15.32 ? 56  HIS A CA  1 
ATOM   411  C  C   . HIS A 1 66  ? 0.336   -6.293  15.295  1.00 14.49 ? 56  HIS A C   1 
ATOM   412  O  O   . HIS A 1 66  ? -0.229  -5.806  16.270  1.00 15.68 ? 56  HIS A O   1 
ATOM   413  C  CB  . HIS A 1 66  ? 1.928   -7.944  16.251  1.00 17.60 ? 56  HIS A CB  1 
ATOM   414  C  CG  . HIS A 1 66  ? 3.316   -8.499  16.317  1.00 20.96 ? 56  HIS A CG  1 
ATOM   415  N  ND1 . HIS A 1 66  ? 3.731   -9.565  15.546  1.00 22.68 ? 56  HIS A ND1 1 
ATOM   416  C  CD2 . HIS A 1 66  ? 4.391   -8.130  17.055  1.00 21.66 ? 56  HIS A CD2 1 
ATOM   417  C  CE1 . HIS A 1 66  ? 4.997   -9.829  15.808  1.00 23.23 ? 56  HIS A CE1 1 
ATOM   418  N  NE2 . HIS A 1 66  ? 5.422   -8.972  16.720  1.00 22.73 ? 56  HIS A NE2 1 
ATOM   419  N  N   . VAL A 1 67  ? -0.269  -6.492  14.129  1.00 13.40 ? 57  VAL A N   1 
ATOM   420  C  CA  . VAL A 1 67  ? -1.669  -6.146  13.944  1.00 11.72 ? 57  VAL A CA  1 
ATOM   421  C  C   . VAL A 1 67  ? -2.457  -7.284  13.301  1.00 10.76 ? 57  VAL A C   1 
ATOM   422  O  O   . VAL A 1 67  ? -1.891  -8.183  12.677  1.00 11.64 ? 57  VAL A O   1 
ATOM   423  C  CB  . VAL A 1 67  ? -1.834  -4.891  13.039  1.00 10.82 ? 57  VAL A CB  1 
ATOM   424  C  CG1 . VAL A 1 67  ? -1.081  -3.708  13.628  1.00 11.29 ? 57  VAL A CG1 1 
ATOM   425  C  CG2 . VAL A 1 67  ? -1.339  -5.192  11.631  1.00 9.53  ? 57  VAL A CG2 1 
ATOM   426  N  N   . ARG A 1 68  ? -3.773  -7.240  13.482  1.00 8.49  ? 58  ARG A N   1 
ATOM   427  C  CA  . ARG A 1 68  ? -4.677  -8.208  12.883  1.00 8.53  ? 58  ARG A CA  1 
ATOM   428  C  C   . ARG A 1 68  ? -5.596  -7.367  12.005  1.00 7.34  ? 58  ARG A C   1 
ATOM   429  O  O   . ARG A 1 68  ? -6.335  -6.504  12.495  1.00 7.63  ? 58  ARG A O   1 
ATOM   430  C  CB  . ARG A 1 68  ? -5.460  -8.967  13.956  1.00 10.21 ? 58  ARG A CB  1 
ATOM   431  C  CG  . ARG A 1 68  ? -4.684  -10.155 14.498  1.00 14.12 ? 58  ARG A CG  1 
ATOM   432  C  CD  . ARG A 1 68  ? -5.439  -11.454 14.271  1.00 21.21 ? 58  ARG A CD  1 
ATOM   433  N  NE  . ARG A 1 68  ? -6.463  -11.647 15.289  1.00 20.31 ? 58  ARG A NE  1 
ATOM   434  C  CZ  . ARG A 1 68  ? -7.351  -12.636 15.295  1.00 21.86 ? 58  ARG A CZ  1 
ATOM   435  N  NH1 . ARG A 1 68  ? -7.362  -13.540 14.325  1.00 23.38 ? 58  ARG A NH1 1 
ATOM   436  N  NH2 . ARG A 1 68  ? -8.214  -12.731 16.292  1.00 23.90 ? 58  ARG A NH2 1 
ATOM   437  N  N   . ILE A 1 69  ? -5.510  -7.614  10.700  1.00 7.73  ? 59  ILE A N   1 
ATOM   438  C  CA  . ILE A 1 69  ? -6.271  -6.875  9.702   1.00 7.02  ? 59  ILE A CA  1 
ATOM   439  C  C   . ILE A 1 69  ? -7.566  -7.568  9.313   1.00 8.81  ? 59  ILE A C   1 
ATOM   440  O  O   . ILE A 1 69  ? -7.615  -8.790  9.176   1.00 8.76  ? 59  ILE A O   1 
ATOM   441  C  CB  . ILE A 1 69  ? -5.414  -6.658  8.434   1.00 6.54  ? 59  ILE A CB  1 
ATOM   442  C  CG1 . ILE A 1 69  ? -4.152  -5.873  8.806   1.00 9.22  ? 59  ILE A CG1 1 
ATOM   443  C  CG2 . ILE A 1 69  ? -6.228  -5.930  7.364   1.00 5.62  ? 59  ILE A CG2 1 
ATOM   444  C  CD1 . ILE A 1 69  ? -3.047  -5.927  7.759   1.00 10.86 ? 59  ILE A CD1 1 
ATOM   445  N  N   . GLU A 1 70  ? -8.610  -6.765  9.135   1.00 9.24  ? 60  GLU A N   1 
ATOM   446  C  CA  . GLU A 1 70  ? -9.922  -7.266  8.754   1.00 12.27 ? 60  GLU A CA  1 
ATOM   447  C  C   . GLU A 1 70  ? -10.397 -6.618  7.457   1.00 11.01 ? 60  GLU A C   1 
ATOM   448  O  O   . GLU A 1 70  ? -11.320 -7.110  6.808   1.00 10.03 ? 60  GLU A O   1 
ATOM   449  C  CB  . GLU A 1 70  ? -10.921 -6.983  9.883   1.00 16.16 ? 60  GLU A CB  1 
ATOM   450  C  CG  . GLU A 1 70  ? -12.334 -7.487  9.641   1.00 21.98 ? 60  GLU A CG  1 
ATOM   451  C  CD  . GLU A 1 70  ? -13.259 -7.191  10.814  1.00 27.47 ? 60  GLU A CD  1 
ATOM   452  O  OE1 . GLU A 1 70  ? -14.466 -7.513  10.724  1.00 30.28 ? 60  GLU A OE1 1 
ATOM   453  O  OE2 . GLU A 1 70  ? -12.775 -6.639  11.828  1.00 28.71 ? 60  GLU A OE2 1 
ATOM   454  N  N   . ARG A 1 71  ? -9.760  -5.515  7.071   1.00 10.09 ? 61  ARG A N   1 
ATOM   455  C  CA  . ARG A 1 71  ? -10.153 -4.814  5.852   1.00 11.67 ? 61  ARG A CA  1 
ATOM   456  C  C   . ARG A 1 71  ? -9.046  -3.888  5.347   1.00 9.12  ? 61  ARG A C   1 
ATOM   457  O  O   . ARG A 1 71  ? -8.303  -3.297  6.130   1.00 9.75  ? 61  ARG A O   1 
ATOM   458  C  CB  . ARG A 1 71  ? -11.437 -4.019  6.126   1.00 15.19 ? 61  ARG A CB  1 
ATOM   459  C  CG  . ARG A 1 71  ? -11.974 -3.199  4.966   1.00 19.45 ? 61  ARG A CG  1 
ATOM   460  C  CD  . ARG A 1 71  ? -13.429 -2.825  5.235   1.00 22.75 ? 61  ARG A CD  1 
ATOM   461  N  NE  . ARG A 1 71  ? -13.819 -1.586  4.576   1.00 28.34 ? 61  ARG A NE  1 
ATOM   462  C  CZ  . ARG A 1 71  ? -13.367 -0.386  4.923   1.00 29.62 ? 61  ARG A CZ  1 
ATOM   463  N  NH1 . ARG A 1 71  ? -12.507 -0.264  5.925   1.00 31.49 ? 61  ARG A NH1 1 
ATOM   464  N  NH2 . ARG A 1 71  ? -13.773 0.695   4.268   1.00 31.14 ? 61  ARG A NH2 1 
ATOM   465  N  N   . LEU A 1 72  ? -8.931  -3.787  4.028   1.00 9.63  ? 62  LEU A N   1 
ATOM   466  C  CA  . LEU A 1 72  ? -7.936  -2.921  3.409   1.00 8.45  ? 62  LEU A CA  1 
ATOM   467  C  C   . LEU A 1 72  ? -8.635  -1.989  2.430   1.00 9.07  ? 62  LEU A C   1 
ATOM   468  O  O   . LEU A 1 72  ? -9.569  -2.392  1.742   1.00 9.48  ? 62  LEU A O   1 
ATOM   469  C  CB  . LEU A 1 72  ? -6.905  -3.750  2.636   1.00 12.14 ? 62  LEU A CB  1 
ATOM   470  C  CG  . LEU A 1 72  ? -5.994  -4.733  3.375   1.00 13.29 ? 62  LEU A CG  1 
ATOM   471  C  CD1 . LEU A 1 72  ? -5.196  -5.528  2.357   1.00 16.26 ? 62  LEU A CD1 1 
ATOM   472  C  CD2 . LEU A 1 72  ? -5.055  -3.983  4.307   1.00 14.03 ? 62  LEU A CD2 1 
ATOM   473  N  N   . VAL A 1 73  ? -8.201  -0.736  2.380   1.00 6.74  ? 63  VAL A N   1 
ATOM   474  C  CA  . VAL A 1 73  ? -8.783  0.202   1.430   1.00 9.55  ? 63  VAL A CA  1 
ATOM   475  C  C   . VAL A 1 73  ? -7.633  0.852   0.696   1.00 7.91  ? 63  VAL A C   1 
ATOM   476  O  O   . VAL A 1 73  ? -6.675  1.316   1.310   1.00 9.88  ? 63  VAL A O   1 
ATOM   477  C  CB  . VAL A 1 73  ? -9.616  1.292   2.110   1.00 8.66  ? 63  VAL A CB  1 
ATOM   478  C  CG1 . VAL A 1 73  ? -10.120 2.278   1.062   1.00 10.71 ? 63  VAL A CG1 1 
ATOM   479  C  CG2 . VAL A 1 73  ? -10.788 0.663   2.845   1.00 10.84 ? 63  VAL A CG2 1 
ATOM   480  N  N   . ILE A 1 74  ? -7.718  0.885   -0.624  1.00 6.99  ? 64  ILE A N   1 
ATOM   481  C  CA  . ILE A 1 74  ? -6.639  1.462   -1.406  1.00 8.91  ? 64  ILE A CA  1 
ATOM   482  C  C   . ILE A 1 74  ? -7.170  2.522   -2.351  1.00 7.09  ? 64  ILE A C   1 
ATOM   483  O  O   . ILE A 1 74  ? -8.163  2.305   -3.042  1.00 9.04  ? 64  ILE A O   1 
ATOM   484  C  CB  . ILE A 1 74  ? -5.928  0.366   -2.215  1.00 11.81 ? 64  ILE A CB  1 
ATOM   485  C  CG1 . ILE A 1 74  ? -5.556  -0.791  -1.279  1.00 16.21 ? 64  ILE A CG1 1 
ATOM   486  C  CG2 . ILE A 1 74  ? -4.682  0.923   -2.866  1.00 13.19 ? 64  ILE A CG2 1 
ATOM   487  C  CD1 . ILE A 1 74  ? -5.074  -2.034  -1.986  1.00 23.19 ? 64  ILE A CD1 1 
ATOM   488  N  N   . GLN A 1 75  ? -6.520  3.681   -2.355  1.00 7.45  ? 65  GLN A N   1 
ATOM   489  C  CA  . GLN A 1 75  ? -6.907  4.784   -3.228  1.00 7.62  ? 65  GLN A CA  1 
ATOM   490  C  C   . GLN A 1 75  ? -5.706  4.997   -4.134  1.00 7.17  ? 65  GLN A C   1 
ATOM   491  O  O   . GLN A 1 75  ? -4.617  5.281   -3.650  1.00 7.60  ? 65  GLN A O   1 
ATOM   492  C  CB  . GLN A 1 75  ? -7.167  6.041   -2.404  1.00 11.23 ? 65  GLN A CB  1 
ATOM   493  C  CG  . GLN A 1 75  ? -7.981  7.083   -3.120  1.00 17.92 ? 65  GLN A CG  1 
ATOM   494  C  CD  . GLN A 1 75  ? -8.268  8.278   -2.238  1.00 21.32 ? 65  GLN A CD  1 
ATOM   495  O  OE1 . GLN A 1 75  ? -7.419  9.154   -2.063  1.00 22.44 ? 65  GLN A OE1 1 
ATOM   496  N  NE2 . GLN A 1 75  ? -9.461  8.312   -1.660  1.00 20.64 ? 65  GLN A NE2 1 
ATOM   497  N  N   . SER A 1 76  ? -5.908  4.880   -5.441  1.00 7.06  ? 66  SER A N   1 
ATOM   498  C  CA  . SER A 1 76  ? -4.799  5.002   -6.380  1.00 6.61  ? 66  SER A CA  1 
ATOM   499  C  C   . SER A 1 76  ? -5.226  5.525   -7.736  1.00 8.26  ? 66  SER A C   1 
ATOM   500  O  O   . SER A 1 76  ? -6.368  5.933   -7.927  1.00 7.49  ? 66  SER A O   1 
ATOM   501  C  CB  . SER A 1 76  ? -4.162  3.623   -6.567  1.00 6.49  ? 66  SER A CB  1 
ATOM   502  O  OG  . SER A 1 76  ? -5.137  2.700   -7.042  1.00 6.93  ? 66  SER A OG  1 
ATOM   503  N  N   . TYR A 1 77  ? -4.291  5.506   -8.680  1.00 7.67  ? 67  TYR A N   1 
ATOM   504  C  CA  . TYR A 1 77  ? -4.571  5.938   -10.040 1.00 7.68  ? 67  TYR A CA  1 
ATOM   505  C  C   . TYR A 1 77  ? -3.640  5.197   -10.991 1.00 7.25  ? 67  TYR A C   1 
ATOM   506  O  O   . TYR A 1 77  ? -2.444  5.069   -10.731 1.00 6.69  ? 67  TYR A O   1 
ATOM   507  C  CB  . TYR A 1 77  ? -4.368  7.451   -10.185 1.00 8.50  ? 67  TYR A CB  1 
ATOM   508  C  CG  . TYR A 1 77  ? -4.927  8.007   -11.478 1.00 9.23  ? 67  TYR A CG  1 
ATOM   509  C  CD1 . TYR A 1 77  ? -6.264  7.816   -11.817 1.00 9.20  ? 67  TYR A CD1 1 
ATOM   510  C  CD2 . TYR A 1 77  ? -4.123  8.734   -12.351 1.00 11.79 ? 67  TYR A CD2 1 
ATOM   511  C  CE1 . TYR A 1 77  ? -6.796  8.339   -13.001 1.00 11.20 ? 67  TYR A CE1 1 
ATOM   512  C  CE2 . TYR A 1 77  ? -4.643  9.265   -13.535 1.00 12.34 ? 67  TYR A CE2 1 
ATOM   513  C  CZ  . TYR A 1 77  ? -5.979  9.062   -13.846 1.00 12.97 ? 67  TYR A CZ  1 
ATOM   514  O  OH  . TYR A 1 77  ? -6.509  9.606   -14.998 1.00 15.72 ? 67  TYR A OH  1 
ATOM   515  N  N   . PHE A 1 78  ? -4.208  4.693   -12.078 1.00 6.78  ? 68  PHE A N   1 
ATOM   516  C  CA  . PHE A 1 78  ? -3.468  3.975   -13.105 1.00 8.18  ? 68  PHE A CA  1 
ATOM   517  C  C   . PHE A 1 78  ? -2.880  2.627   -12.692 1.00 6.34  ? 68  PHE A C   1 
ATOM   518  O  O   . PHE A 1 78  ? -2.119  2.037   -13.453 1.00 8.72  ? 68  PHE A O   1 
ATOM   519  C  CB  . PHE A 1 78  ? -2.350  4.856   -13.687 1.00 9.17  ? 68  PHE A CB  1 
ATOM   520  C  CG  . PHE A 1 78  ? -2.833  5.887   -14.675 1.00 11.10 ? 68  PHE A CG  1 
ATOM   521  C  CD1 . PHE A 1 78  ? -4.006  5.693   -15.397 1.00 11.93 ? 68  PHE A CD1 1 
ATOM   522  C  CD2 . PHE A 1 78  ? -2.079  7.030   -14.922 1.00 13.95 ? 68  PHE A CD2 1 
ATOM   523  C  CE1 . PHE A 1 78  ? -4.422  6.625   -16.357 1.00 13.49 ? 68  PHE A CE1 1 
ATOM   524  C  CE2 . PHE A 1 78  ? -2.484  7.965   -15.877 1.00 14.96 ? 68  PHE A CE2 1 
ATOM   525  C  CZ  . PHE A 1 78  ? -3.656  7.761   -16.594 1.00 13.72 ? 68  PHE A CZ  1 
ATOM   526  N  N   . VAL A 1 79  ? -3.221  2.133   -11.503 1.00 5.82  ? 69  VAL A N   1 
ATOM   527  C  CA  . VAL A 1 79  ? -2.718  0.824   -11.081 1.00 6.69  ? 69  VAL A CA  1 
ATOM   528  C  C   . VAL A 1 79  ? -3.530  -0.246  -11.806 1.00 8.17  ? 69  VAL A C   1 
ATOM   529  O  O   . VAL A 1 79  ? -4.751  -0.280  -11.691 1.00 8.35  ? 69  VAL A O   1 
ATOM   530  C  CB  . VAL A 1 79  ? -2.874  0.600   -9.558  1.00 5.75  ? 69  VAL A CB  1 
ATOM   531  C  CG1 . VAL A 1 79  ? -2.488  -0.843  -9.203  1.00 5.46  ? 69  VAL A CG1 1 
ATOM   532  C  CG2 . VAL A 1 79  ? -1.998  1.581   -8.793  1.00 6.09  ? 69  VAL A CG2 1 
ATOM   533  N  N   . GLN A 1 80  ? -2.859  -1.122  -12.546 1.00 8.43  ? 70  GLN A N   1 
ATOM   534  C  CA  . GLN A 1 80  ? -3.569  -2.171  -13.277 1.00 10.52 ? 70  GLN A CA  1 
ATOM   535  C  C   . GLN A 1 80  ? -3.684  -3.452  -12.456 1.00 10.59 ? 70  GLN A C   1 
ATOM   536  O  O   . GLN A 1 80  ? -4.785  -3.956  -12.225 1.00 13.56 ? 70  GLN A O   1 
ATOM   537  C  CB  . GLN A 1 80  ? -2.873  -2.465  -14.606 1.00 13.27 ? 70  GLN A CB  1 
ATOM   538  C  CG  . GLN A 1 80  ? -3.683  -3.396  -15.502 1.00 18.50 ? 70  GLN A CG  1 
ATOM   539  C  CD  . GLN A 1 80  ? -3.034  -3.657  -16.844 1.00 22.43 ? 70  GLN A CD  1 
ATOM   540  O  OE1 . GLN A 1 80  ? -3.679  -4.166  -17.765 1.00 25.99 ? 70  GLN A OE1 1 
ATOM   541  N  NE2 . GLN A 1 80  ? -1.756  -3.320  -16.966 1.00 24.16 ? 70  GLN A NE2 1 
ATOM   542  N  N   . THR A 1 81  ? -2.540  -3.984  -12.038 1.00 9.56  ? 71  THR A N   1 
ATOM   543  C  CA  . THR A 1 81  ? -2.495  -5.186  -11.218 1.00 8.81  ? 71  THR A CA  1 
ATOM   544  C  C   . THR A 1 81  ? -1.725  -4.845  -9.958  1.00 9.22  ? 71  THR A C   1 
ATOM   545  O  O   . THR A 1 81  ? -0.613  -4.319  -10.015 1.00 7.89  ? 71  THR A O   1 
ATOM   546  C  CB  . THR A 1 81  ? -1.792  -6.358  -11.937 1.00 9.62  ? 71  THR A CB  1 
ATOM   547  O  OG1 . THR A 1 81  ? -2.559  -6.745  -13.082 1.00 13.83 ? 71  THR A OG1 1 
ATOM   548  C  CG2 . THR A 1 81  ? -1.657  -7.553  -10.993 1.00 10.73 ? 71  THR A CG2 1 
ATOM   549  N  N   . LEU A 1 82  ? -2.336  -5.154  -8.821  1.00 8.13  ? 72  LEU A N   1 
ATOM   550  C  CA  . LEU A 1 82  ? -1.760  -4.873  -7.518  1.00 9.42  ? 72  LEU A CA  1 
ATOM   551  C  C   . LEU A 1 82  ? -1.633  -6.181  -6.746  1.00 10.51 ? 72  LEU A C   1 
ATOM   552  O  O   . LEU A 1 82  ? -2.585  -6.950  -6.653  1.00 11.38 ? 72  LEU A O   1 
ATOM   553  C  CB  . LEU A 1 82  ? -2.684  -3.893  -6.782  1.00 11.55 ? 72  LEU A CB  1 
ATOM   554  C  CG  . LEU A 1 82  ? -2.334  -3.224  -5.445  1.00 14.57 ? 72  LEU A CG  1 
ATOM   555  C  CD1 . LEU A 1 82  ? -2.615  -4.158  -4.304  1.00 19.58 ? 72  LEU A CD1 1 
ATOM   556  C  CD2 . LEU A 1 82  ? -0.898  -2.759  -5.456  1.00 14.76 ? 72  LEU A CD2 1 
ATOM   557  N  N   . LYS A 1 83  ? -0.443  -6.450  -6.223  1.00 9.71  ? 73  LYS A N   1 
ATOM   558  C  CA  . LYS A 1 83  ? -0.224  -7.657  -5.441  1.00 10.13 ? 73  LYS A CA  1 
ATOM   559  C  C   . LYS A 1 83  ? 0.082   -7.213  -4.023  1.00 9.70  ? 73  LYS A C   1 
ATOM   560  O  O   . LYS A 1 83  ? 0.880   -6.304  -3.817  1.00 10.81 ? 73  LYS A O   1 
ATOM   561  C  CB  . LYS A 1 83  ? 0.959   -8.453  -5.998  1.00 12.97 ? 73  LYS A CB  1 
ATOM   562  C  CG  . LYS A 1 83  ? 1.191   -9.783  -5.304  1.00 18.54 ? 73  LYS A CG  1 
ATOM   563  C  CD  . LYS A 1 83  ? 2.379   -10.515 -5.907  1.00 22.88 ? 73  LYS A CD  1 
ATOM   564  C  CE  . LYS A 1 83  ? 2.598   -11.857 -5.227  1.00 23.79 ? 73  LYS A CE  1 
ATOM   565  N  NZ  . LYS A 1 83  ? 3.774   -12.579 -5.790  1.00 27.92 ? 73  LYS A NZ  1 
ATOM   566  N  N   . ILE A 1 84  ? -0.561  -7.843  -3.047  1.00 8.64  ? 74  ILE A N   1 
ATOM   567  C  CA  . ILE A 1 84  ? -0.326  -7.501  -1.653  1.00 8.76  ? 74  ILE A CA  1 
ATOM   568  C  C   . ILE A 1 84  ? 0.206   -8.739  -0.953  1.00 8.83  ? 74  ILE A C   1 
ATOM   569  O  O   . ILE A 1 84  ? -0.394  -9.807  -1.040  1.00 9.40  ? 74  ILE A O   1 
ATOM   570  C  CB  . ILE A 1 84  ? -1.619  -7.069  -0.939  1.00 7.93  ? 74  ILE A CB  1 
ATOM   571  C  CG1 . ILE A 1 84  ? -2.283  -5.930  -1.710  1.00 10.35 ? 74  ILE A CG1 1 
ATOM   572  C  CG2 . ILE A 1 84  ? -1.299  -6.589  0.466   1.00 11.83 ? 74  ILE A CG2 1 
ATOM   573  C  CD1 . ILE A 1 84  ? -3.612  -5.506  -1.117  1.00 12.42 ? 74  ILE A CD1 1 
ATOM   574  N  N   . GLU A 1 85  ? 1.340   -8.592  -0.280  1.00 9.14  ? 75  GLU A N   1 
ATOM   575  C  CA  . GLU A 1 85  ? 1.947   -9.691  0.449   1.00 8.41  ? 75  GLU A CA  1 
ATOM   576  C  C   . GLU A 1 85  ? 2.062   -9.283  1.905   1.00 9.01  ? 75  GLU A C   1 
ATOM   577  O  O   . GLU A 1 85  ? 2.019   -8.097  2.233   1.00 8.23  ? 75  GLU A O   1 
ATOM   578  C  CB  . GLU A 1 85  ? 3.338   -10.010 -0.111  1.00 10.27 ? 75  GLU A CB  1 
ATOM   579  C  CG  . GLU A 1 85  ? 3.359   -10.303 -1.603  1.00 14.47 ? 75  GLU A CG  1 
ATOM   580  C  CD  . GLU A 1 85  ? 4.643   -10.974 -2.058  1.00 17.60 ? 75  GLU A CD  1 
ATOM   581  O  OE1 . GLU A 1 85  ? 5.726   -10.613 -1.548  1.00 21.51 ? 75  GLU A OE1 1 
ATOM   582  O  OE2 . GLU A 1 85  ? 4.571   -11.857 -2.939  1.00 20.57 ? 75  GLU A OE2 1 
ATOM   583  N  N   . LYS A 1 86  ? 2.192   -10.257 2.793   1.00 6.88  ? 76  LYS A N   1 
ATOM   584  C  CA  . LYS A 1 86  ? 2.309   -9.923  4.197   1.00 6.79  ? 76  LYS A CA  1 
ATOM   585  C  C   . LYS A 1 86  ? 3.368   -10.750 4.898   1.00 7.20  ? 76  LYS A C   1 
ATOM   586  O  O   . LYS A 1 86  ? 3.690   -11.868 4.486   1.00 8.07  ? 76  LYS A O   1 
ATOM   587  C  CB  . LYS A 1 86  ? 0.954   -10.088 4.904   1.00 11.21 ? 76  LYS A CB  1 
ATOM   588  C  CG  . LYS A 1 86  ? 0.445   -11.510 5.020   1.00 13.00 ? 76  LYS A CG  1 
ATOM   589  C  CD  . LYS A 1 86  ? -0.918  -11.530 5.703   1.00 16.80 ? 76  LYS A CD  1 
ATOM   590  C  CE  . LYS A 1 86  ? -1.299  -12.936 6.167   1.00 17.28 ? 76  LYS A CE  1 
ATOM   591  N  NZ  . LYS A 1 86  ? -0.444  -13.403 7.290   1.00 18.42 ? 76  LYS A NZ  1 
ATOM   592  N  N   . SER A 1 87  ? 3.908   -10.168 5.958   1.00 6.48  ? 77  SER A N   1 
ATOM   593  C  CA  . SER A 1 87  ? 4.921   -10.809 6.779   1.00 7.64  ? 77  SER A CA  1 
ATOM   594  C  C   . SER A 1 87  ? 4.567   -10.599 8.244   1.00 8.28  ? 77  SER A C   1 
ATOM   595  O  O   . SER A 1 87  ? 3.921   -9.606  8.602   1.00 6.71  ? 77  SER A O   1 
ATOM   596  C  CB  . SER A 1 87  ? 6.288   -10.194 6.503   1.00 7.50  ? 77  SER A CB  1 
ATOM   597  O  OG  . SER A 1 87  ? 7.220   -10.613 7.487   1.00 12.04 ? 77  SER A OG  1 
ATOM   598  N  N   . THR A 1 88  ? 4.981   -11.542 9.085   1.00 9.77  ? 78  THR A N   1 
ATOM   599  C  CA  . THR A 1 88  ? 4.744   -11.449 10.515  1.00 11.63 ? 78  THR A CA  1 
ATOM   600  C  C   . THR A 1 88  ? 6.091   -11.486 11.217  1.00 10.64 ? 78  THR A C   1 
ATOM   601  O  O   . THR A 1 88  ? 6.160   -11.640 12.430  1.00 11.40 ? 78  THR A O   1 
ATOM   602  C  CB  . THR A 1 88  ? 3.886   -12.619 11.037  1.00 13.74 ? 78  THR A CB  1 
ATOM   603  O  OG1 . THR A 1 88  ? 4.486   -13.863 10.653  1.00 14.39 ? 78  THR A OG1 1 
ATOM   604  C  CG2 . THR A 1 88  ? 2.472   -12.538 10.476  1.00 14.54 ? 78  THR A CG2 1 
ATOM   605  N  N   . SER A 1 89  ? 7.160   -11.342 10.439  1.00 9.80  ? 79  SER A N   1 
ATOM   606  C  CA  . SER A 1 89  ? 8.517   -11.378 10.976  1.00 9.91  ? 79  SER A CA  1 
ATOM   607  C  C   . SER A 1 89  ? 8.965   -10.056 11.600  1.00 10.17 ? 79  SER A C   1 
ATOM   608  O  O   . SER A 1 89  ? 8.338   -9.014  11.404  1.00 9.50  ? 79  SER A O   1 
ATOM   609  C  CB  . SER A 1 89  ? 9.492   -11.790 9.866   1.00 7.26  ? 79  SER A CB  1 
ATOM   610  O  OG  . SER A 1 89  ? 9.127   -13.042 9.309   1.00 11.54 ? 79  SER A OG  1 
ATOM   611  N  N   . LYS A 1 90  ? 10.057  -10.101 12.358  1.00 12.05 ? 80  LYS A N   1 
ATOM   612  C  CA  . LYS A 1 90  ? 10.587  -8.900  12.996  1.00 13.10 ? 80  LYS A CA  1 
ATOM   613  C  C   . LYS A 1 90  ? 11.108  -7.928  11.933  1.00 13.54 ? 80  LYS A C   1 
ATOM   614  O  O   . LYS A 1 90  ? 10.991  -6.708  12.068  1.00 15.65 ? 80  LYS A O   1 
ATOM   615  C  CB  . LYS A 1 90  ? 11.718  -9.270  13.958  1.00 15.76 ? 80  LYS A CB  1 
ATOM   616  C  CG  . LYS A 1 90  ? 12.349  -8.085  14.679  1.00 20.97 ? 80  LYS A CG  1 
ATOM   617  C  CD  . LYS A 1 90  ? 11.371  -7.432  15.648  1.00 24.59 ? 80  LYS A CD  1 
ATOM   618  C  CE  . LYS A 1 90  ? 12.039  -6.312  16.436  1.00 26.04 ? 80  LYS A CE  1 
ATOM   619  N  NZ  . LYS A 1 90  ? 11.094  -5.647  17.376  1.00 27.39 ? 80  LYS A NZ  1 
ATOM   620  N  N   . GLU A 1 91  ? 11.683  -8.489  10.875  1.00 13.28 ? 81  GLU A N   1 
ATOM   621  C  CA  . GLU A 1 91  ? 12.215  -7.708  9.766   1.00 11.25 ? 81  GLU A CA  1 
ATOM   622  C  C   . GLU A 1 91  ? 11.351  -7.933  8.532   1.00 10.18 ? 81  GLU A C   1 
ATOM   623  O  O   . GLU A 1 91  ? 10.566  -8.882  8.481   1.00 9.15  ? 81  GLU A O   1 
ATOM   624  C  CB  . GLU A 1 91  ? 13.658  -8.130  9.468   1.00 13.26 ? 81  GLU A CB  1 
ATOM   625  C  CG  . GLU A 1 91  ? 14.634  -7.745  10.562  1.00 16.57 ? 81  GLU A CG  1 
ATOM   626  C  CD  . GLU A 1 91  ? 14.566  -6.266  10.882  1.00 18.10 ? 81  GLU A CD  1 
ATOM   627  O  OE1 . GLU A 1 91  ? 14.791  -5.443  9.963   1.00 15.41 ? 81  GLU A OE1 1 
ATOM   628  O  OE2 . GLU A 1 91  ? 14.282  -5.923  12.050  1.00 22.55 ? 81  GLU A OE2 1 
ATOM   629  N  N   . PRO A 1 92  ? 11.472  -7.052  7.520   1.00 8.89  ? 82  PRO A N   1 
ATOM   630  C  CA  . PRO A 1 92  ? 10.684  -7.190  6.291   1.00 8.38  ? 82  PRO A CA  1 
ATOM   631  C  C   . PRO A 1 92  ? 11.212  -8.352  5.450   1.00 8.87  ? 82  PRO A C   1 
ATOM   632  O  O   . PRO A 1 92  ? 11.821  -8.163  4.398   1.00 8.59  ? 82  PRO A O   1 
ATOM   633  C  CB  . PRO A 1 92  ? 10.860  -5.831  5.613   1.00 8.98  ? 82  PRO A CB  1 
ATOM   634  C  CG  . PRO A 1 92  ? 12.236  -5.423  6.040   1.00 7.97  ? 82  PRO A CG  1 
ATOM   635  C  CD  . PRO A 1 92  ? 12.269  -5.815  7.504   1.00 8.95  ? 82  PRO A CD  1 
ATOM   636  N  N   . VAL A 1 93  ? 10.972  -9.563  5.939   1.00 9.75  ? 83  VAL A N   1 
ATOM   637  C  CA  . VAL A 1 93  ? 11.424  -10.772 5.267   1.00 11.08 ? 83  VAL A CA  1 
ATOM   638  C  C   . VAL A 1 93  ? 10.317  -11.815 5.279   1.00 11.97 ? 83  VAL A C   1 
ATOM   639  O  O   . VAL A 1 93  ? 9.289   -11.637 5.932   1.00 12.93 ? 83  VAL A O   1 
ATOM   640  C  CB  . VAL A 1 93  ? 12.663  -11.372 5.978   1.00 11.56 ? 83  VAL A CB  1 
ATOM   641  C  CG1 . VAL A 1 93  ? 13.790  -10.352 6.014   1.00 12.09 ? 83  VAL A CG1 1 
ATOM   642  C  CG2 . VAL A 1 93  ? 12.296  -11.801 7.390   1.00 12.42 ? 83  VAL A CG2 1 
ATOM   643  N  N   . ASP A 1 94  ? 10.537  -12.902 4.550   1.00 12.48 ? 84  ASP A N   1 
ATOM   644  C  CA  . ASP A 1 94  ? 9.576   -13.993 4.480   1.00 14.03 ? 84  ASP A CA  1 
ATOM   645  C  C   . ASP A 1 94  ? 8.143   -13.544 4.233   1.00 12.38 ? 84  ASP A C   1 
ATOM   646  O  O   . ASP A 1 94  ? 7.245   -13.852 5.015   1.00 12.58 ? 84  ASP A O   1 
ATOM   647  C  CB  . ASP A 1 94  ? 9.640   -14.813 5.767   1.00 17.35 ? 84  ASP A CB  1 
ATOM   648  C  CG  . ASP A 1 94  ? 11.016  -15.400 6.008   1.00 21.92 ? 84  ASP A CG  1 
ATOM   649  O  OD1 . ASP A 1 94  ? 11.531  -16.084 5.100   1.00 24.57 ? 84  ASP A OD1 1 
ATOM   650  O  OD2 . ASP A 1 94  ? 11.576  -15.180 7.100   1.00 27.15 ? 84  ASP A OD2 1 
ATOM   651  N  N   . PHE A 1 95  ? 7.935   -12.803 3.153   1.00 12.04 ? 85  PHE A N   1 
ATOM   652  C  CA  . PHE A 1 95  ? 6.592   -12.362 2.797   1.00 11.16 ? 85  PHE A CA  1 
ATOM   653  C  C   . PHE A 1 95  ? 5.895   -13.514 2.093   1.00 12.00 ? 85  PHE A C   1 
ATOM   654  O  O   . PHE A 1 95  ? 6.549   -14.350 1.464   1.00 12.91 ? 85  PHE A O   1 
ATOM   655  C  CB  . PHE A 1 95  ? 6.640   -11.176 1.838   1.00 10.98 ? 85  PHE A CB  1 
ATOM   656  C  CG  . PHE A 1 95  ? 6.940   -9.873  2.498   1.00 8.62  ? 85  PHE A CG  1 
ATOM   657  C  CD1 . PHE A 1 95  ? 8.252   -9.440  2.661   1.00 11.17 ? 85  PHE A CD1 1 
ATOM   658  C  CD2 . PHE A 1 95  ? 5.905   -9.070  2.960   1.00 9.24  ? 85  PHE A CD2 1 
ATOM   659  C  CE1 . PHE A 1 95  ? 8.525   -8.221  3.276   1.00 10.27 ? 85  PHE A CE1 1 
ATOM   660  C  CE2 . PHE A 1 95  ? 6.167   -7.847  3.580   1.00 9.83  ? 85  PHE A CE2 1 
ATOM   661  C  CZ  . PHE A 1 95  ? 7.481   -7.424  3.734   1.00 8.97  ? 85  PHE A CZ  1 
ATOM   662  N  N   . GLU A 1 96  ? 4.571   -13.562 2.198   1.00 10.94 ? 86  GLU A N   1 
ATOM   663  C  CA  . GLU A 1 96  ? 3.799   -14.603 1.531   1.00 13.33 ? 86  GLU A CA  1 
ATOM   664  C  C   . GLU A 1 96  ? 2.714   -13.898 0.726   1.00 13.44 ? 86  GLU A C   1 
ATOM   665  O  O   . GLU A 1 96  ? 2.174   -12.879 1.168   1.00 11.23 ? 86  GLU A O   1 
ATOM   666  C  CB  . GLU A 1 96  ? 3.163   -15.547 2.557   1.00 16.97 ? 86  GLU A CB  1 
ATOM   667  C  CG  . GLU A 1 96  ? 2.020   -14.945 3.363   1.00 22.47 ? 86  GLU A CG  1 
ATOM   668  C  CD  . GLU A 1 96  ? 1.536   -15.868 4.465   1.00 24.60 ? 86  GLU A CD  1 
ATOM   669  O  OE1 . GLU A 1 96  ? 1.369   -17.078 4.204   1.00 26.43 ? 86  GLU A OE1 1 
ATOM   670  O  OE2 . GLU A 1 96  ? 1.316   -15.382 5.596   1.00 28.77 ? 86  GLU A OE2 1 
ATOM   671  N  N   . GLN A 1 97  ? 2.404   -14.416 -0.459  1.00 14.01 ? 87  GLN A N   1 
ATOM   672  C  CA  . GLN A 1 97  ? 1.376   -13.791 -1.274  1.00 15.59 ? 87  GLN A CA  1 
ATOM   673  C  C   . GLN A 1 97  ? 0.062   -13.847 -0.516  1.00 15.40 ? 87  GLN A C   1 
ATOM   674  O  O   . GLN A 1 97  ? -0.244  -14.831 0.151   1.00 16.19 ? 87  GLN A O   1 
ATOM   675  C  CB  . GLN A 1 97  ? 1.225   -14.487 -2.628  1.00 19.80 ? 87  GLN A CB  1 
ATOM   676  C  CG  . GLN A 1 97  ? 0.243   -13.770 -3.550  1.00 24.99 ? 87  GLN A CG  1 
ATOM   677  C  CD  . GLN A 1 97  ? 0.138   -14.402 -4.925  1.00 28.75 ? 87  GLN A CD  1 
ATOM   678  O  OE1 . GLN A 1 97  ? 1.138   -14.559 -5.626  1.00 30.89 ? 87  GLN A OE1 1 
ATOM   679  N  NE2 . GLN A 1 97  ? -1.080  -14.758 -5.323  1.00 30.34 ? 87  GLN A NE2 1 
ATOM   680  N  N   . TRP A 1 98  ? -0.710  -12.778 -0.618  1.00 13.46 ? 88  TRP A N   1 
ATOM   681  C  CA  . TRP A 1 98  ? -1.981  -12.704 0.078   1.00 11.74 ? 88  TRP A CA  1 
ATOM   682  C  C   . TRP A 1 98  ? -3.079  -12.397 -0.927  1.00 11.65 ? 88  TRP A C   1 
ATOM   683  O  O   . TRP A 1 98  ? -3.965  -13.214 -1.166  1.00 9.47  ? 88  TRP A O   1 
ATOM   684  C  CB  . TRP A 1 98  ? -1.892  -11.610 1.148   1.00 11.48 ? 88  TRP A CB  1 
ATOM   685  C  CG  . TRP A 1 98  ? -3.100  -11.464 2.023   1.00 8.42  ? 88  TRP A CG  1 
ATOM   686  C  CD1 . TRP A 1 98  ? -4.127  -12.352 2.168   1.00 10.48 ? 88  TRP A CD1 1 
ATOM   687  C  CD2 . TRP A 1 98  ? -3.385  -10.372 2.904   1.00 11.91 ? 88  TRP A CD2 1 
ATOM   688  N  NE1 . TRP A 1 98  ? -5.037  -11.880 3.085   1.00 8.96  ? 88  TRP A NE1 1 
ATOM   689  C  CE2 . TRP A 1 98  ? -4.606  -10.666 3.554   1.00 10.04 ? 88  TRP A CE2 1 
ATOM   690  C  CE3 . TRP A 1 98  ? -2.727  -9.173  3.210   1.00 12.48 ? 88  TRP A CE3 1 
ATOM   691  C  CZ2 . TRP A 1 98  ? -5.185  -9.800  4.493   1.00 13.55 ? 88  TRP A CZ2 1 
ATOM   692  C  CZ3 . TRP A 1 98  ? -3.302  -8.309  4.144   1.00 13.54 ? 88  TRP A CZ3 1 
ATOM   693  C  CH2 . TRP A 1 98  ? -4.518  -8.629  4.772   1.00 14.74 ? 88  TRP A CH2 1 
ATOM   694  N  N   . ILE A 1 99  ? -2.993  -11.222 -1.540  1.00 10.88 ? 89  ILE A N   1 
ATOM   695  C  CA  . ILE A 1 99  ? -3.993  -10.792 -2.504  1.00 10.58 ? 89  ILE A CA  1 
ATOM   696  C  C   . ILE A 1 99  ? -3.347  -10.359 -3.814  1.00 12.44 ? 89  ILE A C   1 
ATOM   697  O  O   . ILE A 1 99  ? -2.279  -9.758  -3.813  1.00 13.35 ? 89  ILE A O   1 
ATOM   698  C  CB  . ILE A 1 99  ? -4.787  -9.577  -1.955  1.00 11.17 ? 89  ILE A CB  1 
ATOM   699  C  CG1 . ILE A 1 99  ? -5.357  -9.898  -0.570  1.00 11.00 ? 89  ILE A CG1 1 
ATOM   700  C  CG2 . ILE A 1 99  ? -5.899  -9.188  -2.924  1.00 9.45  ? 89  ILE A CG2 1 
ATOM   701  C  CD1 . ILE A 1 99  ? -6.345  -11.037 -0.553  1.00 13.85 ? 89  ILE A CD1 1 
ATOM   702  N  N   . GLU A 1 100 ? -4.001  -10.677 -4.926  1.00 13.78 ? 90  GLU A N   1 
ATOM   703  C  CA  . GLU A 1 100 ? -3.540  -10.271 -6.253  1.00 17.60 ? 90  GLU A CA  1 
ATOM   704  C  C   . GLU A 1 100 ? -4.805  -9.759  -6.937  1.00 19.26 ? 90  GLU A C   1 
ATOM   705  O  O   . GLU A 1 100 ? -5.651  -10.544 -7.357  1.00 20.08 ? 90  GLU A O   1 
ATOM   706  C  CB  . GLU A 1 100 ? -2.948  -11.457 -7.021  1.00 21.91 ? 90  GLU A CB  1 
ATOM   707  C  CG  . GLU A 1 100 ? -2.386  -11.082 -8.387  1.00 28.32 ? 90  GLU A CG  1 
ATOM   708  C  CD  . GLU A 1 100 ? -1.614  -12.215 -9.040  1.00 31.34 ? 90  GLU A CD  1 
ATOM   709  O  OE1 . GLU A 1 100 ? -2.209  -13.285 -9.292  1.00 34.44 ? 90  GLU A OE1 1 
ATOM   710  O  OE2 . GLU A 1 100 ? -0.407  -12.033 -9.302  1.00 34.71 ? 90  GLU A OE2 1 
ATOM   711  N  N   . LYS A 1 101 ? -4.939  -8.440  -7.027  1.00 19.15 ? 91  LYS A N   1 
ATOM   712  C  CA  . LYS A 1 101 ? -6.125  -7.826  -7.611  1.00 20.37 ? 91  LYS A CA  1 
ATOM   713  C  C   . LYS A 1 101 ? -5.874  -7.052  -8.898  1.00 19.78 ? 91  LYS A C   1 
ATOM   714  O  O   . LYS A 1 101 ? -4.846  -6.401  -9.057  1.00 14.08 ? 91  LYS A O   1 
ATOM   715  C  CB  . LYS A 1 101 ? -6.762  -6.881  -6.587  1.00 24.23 ? 91  LYS A CB  1 
ATOM   716  C  CG  . LYS A 1 101 ? -8.132  -7.299  -6.066  1.00 27.21 ? 91  LYS A CG  1 
ATOM   717  C  CD  . LYS A 1 101 ? -9.209  -7.086  -7.115  1.00 30.11 ? 91  LYS A CD  1 
ATOM   718  C  CE  . LYS A 1 101 ? -10.597 -7.238  -6.515  1.00 30.55 ? 91  LYS A CE  1 
ATOM   719  N  NZ  . LYS A 1 101 ? -10.824 -6.264  -5.414  1.00 32.38 ? 91  LYS A NZ  1 
ATOM   720  N  N   . ASP A 1 102 ? -6.829  -7.133  -9.817  1.00 19.18 ? 92  ASP A N   1 
ATOM   721  C  CA  . ASP A 1 102 ? -6.746  -6.401  -11.072 1.00 19.91 ? 92  ASP A CA  1 
ATOM   722  C  C   . ASP A 1 102 ? -7.746  -5.267  -10.931 1.00 19.40 ? 92  ASP A C   1 
ATOM   723  O  O   . ASP A 1 102 ? -8.952  -5.498  -10.849 1.00 19.97 ? 92  ASP A O   1 
ATOM   724  C  CB  . ASP A 1 102 ? -7.118  -7.298  -12.256 1.00 22.52 ? 92  ASP A CB  1 
ATOM   725  C  CG  . ASP A 1 102 ? -5.906  -7.719  -13.071 1.00 26.27 ? 92  ASP A CG  1 
ATOM   726  O  OD1 . ASP A 1 102 ? -5.263  -6.839  -13.686 1.00 28.65 ? 92  ASP A OD1 1 
ATOM   727  O  OD2 . ASP A 1 102 ? -5.592  -8.926  -13.097 1.00 26.94 ? 92  ASP A OD2 1 
ATOM   728  N  N   . LEU A 1 103 ? -7.239  -4.042  -10.876 1.00 18.45 ? 93  LEU A N   1 
ATOM   729  C  CA  . LEU A 1 103 ? -8.094  -2.873  -10.731 1.00 20.45 ? 93  LEU A CA  1 
ATOM   730  C  C   . LEU A 1 103 ? -8.559  -2.366  -12.087 1.00 20.63 ? 93  LEU A C   1 
ATOM   731  O  O   . LEU A 1 103 ? -7.966  -2.684  -13.118 1.00 20.30 ? 93  LEU A O   1 
ATOM   732  C  CB  . LEU A 1 103 ? -7.347  -1.758  -9.993  1.00 19.85 ? 93  LEU A CB  1 
ATOM   733  C  CG  . LEU A 1 103 ? -6.958  -2.016  -8.532  1.00 20.66 ? 93  LEU A CG  1 
ATOM   734  C  CD1 . LEU A 1 103 ? -5.895  -3.096  -8.454  1.00 22.13 ? 93  LEU A CD1 1 
ATOM   735  C  CD2 . LEU A 1 103 ? -6.439  -0.728  -7.913  1.00 20.90 ? 93  LEU A CD2 1 
ATOM   736  N  N   . VAL A 1 104 ? -9.633  -1.585  -12.082 1.00 21.99 ? 94  VAL A N   1 
ATOM   737  C  CA  . VAL A 1 104 ? -10.169 -1.032  -13.316 1.00 22.12 ? 94  VAL A CA  1 
ATOM   738  C  C   . VAL A 1 104 ? -9.832  0.450   -13.401 1.00 21.28 ? 94  VAL A C   1 
ATOM   739  O  O   . VAL A 1 104 ? -9.625  1.104   -12.379 1.00 19.82 ? 94  VAL A O   1 
ATOM   740  C  CB  . VAL A 1 104 ? -11.711 -1.190  -13.388 1.00 23.65 ? 94  VAL A CB  1 
ATOM   741  C  CG1 . VAL A 1 104 ? -12.377 -0.364  -12.299 1.00 24.40 ? 94  VAL A CG1 1 
ATOM   742  C  CG2 . VAL A 1 104 ? -12.211 -0.760  -14.755 1.00 25.32 ? 94  VAL A CG2 1 
ATOM   743  N  N   . HIS A 1 105 ? -9.759  0.964   -14.624 1.00 21.01 ? 95  HIS A N   1 
ATOM   744  C  CA  . HIS A 1 105 ? -9.474  2.374   -14.846 1.00 22.08 ? 95  HIS A CA  1 
ATOM   745  C  C   . HIS A 1 105 ? -10.780 3.084   -15.181 1.00 22.79 ? 95  HIS A C   1 
ATOM   746  O  O   . HIS A 1 105 ? -11.551 2.616   -16.019 1.00 22.62 ? 95  HIS A O   1 
ATOM   747  C  CB  . HIS A 1 105 ? -8.490  2.559   -16.007 1.00 23.88 ? 95  HIS A CB  1 
ATOM   748  C  CG  . HIS A 1 105 ? -8.320  3.986   -16.428 1.00 25.05 ? 95  HIS A CG  1 
ATOM   749  N  ND1 . HIS A 1 105 ? -7.801  4.953   -15.594 1.00 25.65 ? 95  HIS A ND1 1 
ATOM   750  C  CD2 . HIS A 1 105 ? -8.636  4.619   -17.583 1.00 25.63 ? 95  HIS A CD2 1 
ATOM   751  C  CE1 . HIS A 1 105 ? -7.805  6.118   -16.215 1.00 26.07 ? 95  HIS A CE1 1 
ATOM   752  N  NE2 . HIS A 1 105 ? -8.308  5.944   -17.425 1.00 25.98 ? 95  HIS A NE2 1 
ATOM   753  N  N   . THR A 1 106 ? -11.024 4.208   -14.517 1.00 23.34 ? 96  THR A N   1 
ATOM   754  C  CA  . THR A 1 106 ? -12.227 4.995   -14.748 1.00 24.81 ? 96  THR A CA  1 
ATOM   755  C  C   . THR A 1 106 ? -11.793 6.410   -15.126 1.00 25.11 ? 96  THR A C   1 
ATOM   756  O  O   . THR A 1 106 ? -11.143 7.096   -14.339 1.00 23.75 ? 96  THR A O   1 
ATOM   757  C  CB  . THR A 1 106 ? -13.108 5.053   -13.483 1.00 25.66 ? 96  THR A CB  1 
ATOM   758  O  OG1 . THR A 1 106 ? -13.397 3.721   -13.039 1.00 27.08 ? 96  THR A OG1 1 
ATOM   759  C  CG2 . THR A 1 106 ? -14.418 5.771   -13.776 1.00 27.18 ? 96  THR A CG2 1 
ATOM   760  N  N   . GLU A 1 107 ? -12.137 6.830   -16.339 1.00 26.53 ? 97  GLU A N   1 
ATOM   761  C  CA  . GLU A 1 107 ? -11.773 8.155   -16.829 1.00 26.67 ? 97  GLU A CA  1 
ATOM   762  C  C   . GLU A 1 107 ? -12.155 9.284   -15.878 1.00 25.05 ? 97  GLU A C   1 
ATOM   763  O  O   . GLU A 1 107 ? -13.309 9.403   -15.466 1.00 25.03 ? 97  GLU A O   1 
ATOM   764  C  CB  . GLU A 1 107 ? -12.418 8.406   -18.194 1.00 30.32 ? 97  GLU A CB  1 
ATOM   765  C  CG  . GLU A 1 107 ? -11.751 7.673   -19.346 1.00 33.92 ? 97  GLU A CG  1 
ATOM   766  C  CD  . GLU A 1 107 ? -10.387 8.245   -19.694 1.00 36.95 ? 97  GLU A CD  1 
ATOM   767  O  OE1 . GLU A 1 107 ? -9.480  8.212   -18.835 1.00 38.26 ? 97  GLU A OE1 1 
ATOM   768  O  OE2 . GLU A 1 107 ? -10.222 8.732   -20.834 1.00 37.71 ? 97  GLU A OE2 1 
ATOM   769  N  N   . GLY A 1 108 ? -11.168 10.107  -15.534 1.00 23.13 ? 98  GLY A N   1 
ATOM   770  C  CA  . GLY A 1 108 ? -11.402 11.236  -14.654 1.00 20.67 ? 98  GLY A CA  1 
ATOM   771  C  C   . GLY A 1 108 ? -11.677 10.907  -13.200 1.00 19.25 ? 98  GLY A C   1 
ATOM   772  O  O   . GLY A 1 108 ? -12.088 11.778  -12.435 1.00 19.17 ? 98  GLY A O   1 
ATOM   773  N  N   . GLN A 1 109 ? -11.442 9.660   -12.803 1.00 17.56 ? 99  GLN A N   1 
ATOM   774  C  CA  . GLN A 1 109 ? -11.697 9.263   -11.425 1.00 15.88 ? 99  GLN A CA  1 
ATOM   775  C  C   . GLN A 1 109 ? -10.543 8.486   -10.811 1.00 13.65 ? 99  GLN A C   1 
ATOM   776  O  O   . GLN A 1 109 ? -9.817  7.774   -11.504 1.00 13.59 ? 99  GLN A O   1 
ATOM   777  C  CB  . GLN A 1 109 ? -12.963 8.407   -11.360 1.00 18.86 ? 99  GLN A CB  1 
ATOM   778  C  CG  . GLN A 1 109 ? -14.195 9.082   -11.942 1.00 19.73 ? 99  GLN A CG  1 
ATOM   779  C  CD  . GLN A 1 109 ? -14.694 10.229  -11.086 1.00 23.11 ? 99  GLN A CD  1 
ATOM   780  O  OE1 . GLN A 1 109 ? -15.515 11.038  -11.525 1.00 25.59 ? 99  GLN A OE1 1 
ATOM   781  N  NE2 . GLN A 1 109 ? -14.211 10.298  -9.852  1.00 22.69 ? 99  GLN A NE2 1 
ATOM   782  N  N   . LEU A 1 110 ? -10.374 8.632   -9.504  1.00 12.50 ? 100 LEU A N   1 
ATOM   783  C  CA  . LEU A 1 110 ? -9.330  7.903   -8.802  1.00 11.26 ? 100 LEU A CA  1 
ATOM   784  C  C   . LEU A 1 110 ? -9.888  6.514   -8.578  1.00 11.04 ? 100 LEU A C   1 
ATOM   785  O  O   . LEU A 1 110 ? -11.094 6.288   -8.715  1.00 12.22 ? 100 LEU A O   1 
ATOM   786  C  CB  . LEU A 1 110 ? -9.023  8.535   -7.442  1.00 12.13 ? 100 LEU A CB  1 
ATOM   787  C  CG  . LEU A 1 110 ? -8.406  9.935   -7.421  1.00 12.53 ? 100 LEU A CG  1 
ATOM   788  C  CD1 . LEU A 1 110 ? -8.185  10.351  -5.980  1.00 13.24 ? 100 LEU A CD1 1 
ATOM   789  C  CD2 . LEU A 1 110 ? -7.096  9.947   -8.193  1.00 13.92 ? 100 LEU A CD2 1 
ATOM   790  N  N   . GLN A 1 111 ? -9.011  5.579   -8.249  1.00 10.77 ? 101 GLN A N   1 
ATOM   791  C  CA  . GLN A 1 111 ? -9.439  4.220   -7.984  1.00 9.49  ? 101 GLN A CA  1 
ATOM   792  C  C   . GLN A 1 111 ? -9.649  4.104   -6.483  1.00 10.71 ? 101 GLN A C   1 
ATOM   793  O  O   . GLN A 1 111 ? -8.836  4.589   -5.699  1.00 10.00 ? 101 GLN A O   1 
ATOM   794  C  CB  . GLN A 1 111 ? -8.363  3.229   -8.425  1.00 9.12  ? 101 GLN A CB  1 
ATOM   795  C  CG  . GLN A 1 111 ? -7.944  3.389   -9.879  1.00 8.52  ? 101 GLN A CG  1 
ATOM   796  C  CD  . GLN A 1 111 ? -6.776  2.491   -10.259 1.00 8.96  ? 101 GLN A CD  1 
ATOM   797  O  OE1 . GLN A 1 111 ? -6.940  1.519   -11.000 1.00 12.64 ? 101 GLN A OE1 1 
ATOM   798  N  NE2 . GLN A 1 111 ? -5.592  2.815   -9.756  1.00 7.22  ? 101 GLN A NE2 1 
ATOM   799  N  N   . ASN A 1 112 ? -10.748 3.476   -6.087  1.00 11.92 ? 102 ASN A N   1 
ATOM   800  C  CA  . ASN A 1 112 ? -11.051 3.274   -4.675  1.00 15.01 ? 102 ASN A CA  1 
ATOM   801  C  C   . ASN A 1 112 ? -11.468 1.817   -4.546  1.00 15.81 ? 102 ASN A C   1 
ATOM   802  O  O   . ASN A 1 112 ? -12.563 1.438   -4.964  1.00 16.58 ? 102 ASN A O   1 
ATOM   803  C  CB  . ASN A 1 112 ? -12.183 4.196   -4.219  1.00 17.44 ? 102 ASN A CB  1 
ATOM   804  C  CG  . ASN A 1 112 ? -11.789 5.665   -4.247  1.00 21.31 ? 102 ASN A CG  1 
ATOM   805  O  OD1 . ASN A 1 112 ? -11.649 6.265   -5.315  1.00 25.83 ? 102 ASN A OD1 1 
ATOM   806  N  ND2 . ASN A 1 112 ? -11.600 6.248   -3.072  1.00 24.23 ? 102 ASN A ND2 1 
ATOM   807  N  N   . GLU A 1 113 ? -10.582 1.005   -3.977  1.00 15.47 ? 103 GLU A N   1 
ATOM   808  C  CA  . GLU A 1 113 ? -10.838 -0.422  -3.831  1.00 17.13 ? 103 GLU A CA  1 
ATOM   809  C  C   . GLU A 1 113 ? -10.858 -0.869  -2.380  1.00 16.61 ? 103 GLU A C   1 
ATOM   810  O  O   . GLU A 1 113 ? -9.948  -0.563  -1.610  1.00 16.28 ? 103 GLU A O   1 
ATOM   811  C  CB  . GLU A 1 113 ? -9.764  -1.217  -4.575  1.00 19.28 ? 103 GLU A CB  1 
ATOM   812  C  CG  . GLU A 1 113 ? -10.238 -2.541  -5.150  1.00 25.81 ? 103 GLU A CG  1 
ATOM   813  C  CD  . GLU A 1 113 ? -11.157 -2.347  -6.338  1.00 26.85 ? 103 GLU A CD  1 
ATOM   814  O  OE1 . GLU A 1 113 ? -12.258 -1.782  -6.155  1.00 30.47 ? 103 GLU A OE1 1 
ATOM   815  O  OE2 . GLU A 1 113 ? -10.777 -2.750  -7.457  1.00 29.58 ? 103 GLU A OE2 1 
ATOM   816  N  N   . GLU A 1 114 ? -11.907 -1.597  -2.018  1.00 15.41 ? 104 GLU A N   1 
ATOM   817  C  CA  . GLU A 1 114 ? -12.047 -2.127  -0.674  1.00 17.37 ? 104 GLU A CA  1 
ATOM   818  C  C   . GLU A 1 114 ? -11.817 -3.629  -0.770  1.00 17.17 ? 104 GLU A C   1 
ATOM   819  O  O   . GLU A 1 114 ? -12.382 -4.295  -1.640  1.00 19.44 ? 104 GLU A O   1 
ATOM   820  C  CB  . GLU A 1 114 ? -13.447 -1.846  -0.132  1.00 18.94 ? 104 GLU A CB  1 
ATOM   821  C  CG  . GLU A 1 114 ? -13.722 -2.472  1.223   1.00 24.62 ? 104 GLU A CG  1 
ATOM   822  C  CD  . GLU A 1 114 ? -15.110 -2.139  1.737   1.00 27.49 ? 104 GLU A CD  1 
ATOM   823  O  OE1 . GLU A 1 114 ? -15.518 -2.718  2.768   1.00 28.98 ? 104 GLU A OE1 1 
ATOM   824  O  OE2 . GLU A 1 114 ? -15.788 -1.294  1.111   1.00 31.04 ? 104 GLU A OE2 1 
ATOM   825  N  N   . ILE A 1 115 ? -10.980 -4.160  0.114   1.00 16.25 ? 105 ILE A N   1 
ATOM   826  C  CA  . ILE A 1 115 ? -10.672 -5.585  0.109   1.00 15.84 ? 105 ILE A CA  1 
ATOM   827  C  C   . ILE A 1 115 ? -10.944 -6.146  1.496   1.00 15.30 ? 105 ILE A C   1 
ATOM   828  O  O   . ILE A 1 115 ? -10.279 -5.771  2.460   1.00 15.31 ? 105 ILE A O   1 
ATOM   829  C  CB  . ILE A 1 115 ? -9.190  -5.825  -0.239  1.00 16.15 ? 105 ILE A CB  1 
ATOM   830  C  CG1 . ILE A 1 115 ? -8.856  -5.174  -1.582  1.00 17.64 ? 105 ILE A CG1 1 
ATOM   831  C  CG2 . ILE A 1 115 ? -8.905  -7.322  -0.295  1.00 18.47 ? 105 ILE A CG2 1 
ATOM   832  C  CD1 . ILE A 1 115 ? -7.385  -5.196  -1.917  1.00 19.55 ? 105 ILE A CD1 1 
ATOM   833  N  N   . VAL A 1 116 ? -11.925 -7.038  1.602   1.00 14.24 ? 106 VAL A N   1 
ATOM   834  C  CA  . VAL A 1 116 ? -12.258 -7.628  2.891   1.00 14.12 ? 106 VAL A CA  1 
ATOM   835  C  C   . VAL A 1 116 ? -11.557 -8.965  3.085   1.00 15.09 ? 106 VAL A C   1 
ATOM   836  O  O   . VAL A 1 116 ? -12.007 -9.996  2.600   1.00 15.97 ? 106 VAL A O   1 
ATOM   837  C  CB  . VAL A 1 116 ? -13.774 -7.841  3.042   1.00 14.92 ? 106 VAL A CB  1 
ATOM   838  C  CG1 . VAL A 1 116 ? -14.078 -8.450  4.408   1.00 14.69 ? 106 VAL A CG1 1 
ATOM   839  C  CG2 . VAL A 1 116 ? -14.500 -6.518  2.882   1.00 15.82 ? 106 VAL A CG2 1 
ATOM   840  N  N   . ALA A 1 117 ? -10.446 -8.938  3.805   1.00 17.52 ? 107 ALA A N   1 
ATOM   841  C  CA  . ALA A 1 117 ? -9.686  -10.147 4.067   1.00 17.48 ? 107 ALA A CA  1 
ATOM   842  C  C   . ALA A 1 117 ? -9.011  -10.003 5.415   1.00 17.71 ? 107 ALA A C   1 
ATOM   843  O  O   . ALA A 1 117 ? -8.645  -8.897  5.817   1.00 16.13 ? 107 ALA A O   1 
ATOM   844  C  CB  . ALA A 1 117 ? -8.648  -10.351 2.982   1.00 18.17 ? 107 ALA A CB  1 
ATOM   845  N  N   . HIS A 1 118 ? -8.856  -11.123 6.113   1.00 19.31 ? 108 HIS A N   1 
ATOM   846  C  CA  . HIS A 1 118 ? -8.217  -11.115 7.420   1.00 18.79 ? 108 HIS A CA  1 
ATOM   847  C  C   . HIS A 1 118 ? -6.786  -11.632 7.358   1.00 18.29 ? 108 HIS A C   1 
ATOM   848  O  O   . HIS A 1 118 ? -6.449  -12.478 6.524   1.00 18.78 ? 108 HIS A O   1 
ATOM   849  C  CB  . HIS A 1 118 ? -9.022  -11.956 8.415   1.00 22.37 ? 108 HIS A CB  1 
ATOM   850  C  CG  . HIS A 1 118 ? -8.331  -12.154 9.732   1.00 25.75 ? 108 HIS A CG  1 
ATOM   851  N  ND1 . HIS A 1 118 ? -7.254  -13.000 9.886   1.00 26.40 ? 108 HIS A ND1 1 
ATOM   852  C  CD2 . HIS A 1 118 ? -8.531  -11.576 10.941  1.00 27.00 ? 108 HIS A CD2 1 
ATOM   853  C  CE1 . HIS A 1 118 ? -6.818  -12.934 11.132  1.00 26.77 ? 108 HIS A CE1 1 
ATOM   854  N  NE2 . HIS A 1 118 ? -7.575  -12.077 11.792  1.00 28.13 ? 108 HIS A NE2 1 
ATOM   855  N  N   . GLY A 1 119 ? -5.946  -11.110 8.243   1.00 14.93 ? 110 GLY A N   1 
ATOM   856  C  CA  . GLY A 1 119 ? -4.564  -11.550 8.289   1.00 13.99 ? 110 GLY A CA  1 
ATOM   857  C  C   . GLY A 1 119 ? -3.740  -10.812 9.322   1.00 12.75 ? 110 GLY A C   1 
ATOM   858  O  O   . GLY A 1 119 ? -3.932  -9.617  9.550   1.00 13.01 ? 110 GLY A O   1 
ATOM   859  N  N   . SER A 1 120 ? -2.827  -11.533 9.962   1.00 13.22 ? 111 SER A N   1 
ATOM   860  C  CA  . SER A 1 120 ? -1.939  -10.946 10.954  1.00 12.26 ? 111 SER A CA  1 
ATOM   861  C  C   . SER A 1 120 ? -0.711  -10.465 10.194  1.00 12.12 ? 111 SER A C   1 
ATOM   862  O  O   . SER A 1 120 ? -0.333  -11.058 9.176   1.00 10.35 ? 111 SER A O   1 
ATOM   863  C  CB  . SER A 1 120 ? -1.517  -11.991 11.992  1.00 13.34 ? 111 SER A CB  1 
ATOM   864  O  OG  . SER A 1 120 ? -2.622  -12.404 12.780  1.00 15.16 ? 111 SER A OG  1 
ATOM   865  N  N   . ALA A 1 121 ? -0.090  -9.393  10.671  1.00 11.11 ? 112 ALA A N   1 
ATOM   866  C  CA  . ALA A 1 121 ? 1.093   -8.885  9.992   1.00 11.02 ? 112 ALA A CA  1 
ATOM   867  C  C   . ALA A 1 121 ? 1.892   -7.860  10.770  1.00 10.53 ? 112 ALA A C   1 
ATOM   868  O  O   . ALA A 1 121 ? 1.379   -7.188  11.662  1.00 10.09 ? 112 ALA A O   1 
ATOM   869  C  CB  . ALA A 1 121 ? 0.695   -8.290  8.640   1.00 12.98 ? 112 ALA A CB  1 
ATOM   870  N  N   . THR A 1 122 ? 3.169   -7.766  10.420  1.00 9.81  ? 113 THR A N   1 
ATOM   871  C  CA  . THR A 1 122 ? 4.072   -6.787  11.005  1.00 9.12  ? 113 THR A CA  1 
ATOM   872  C  C   . THR A 1 122 ? 4.423   -5.854  9.850   1.00 9.14  ? 113 THR A C   1 
ATOM   873  O  O   . THR A 1 122 ? 4.785   -4.701  10.063  1.00 8.56  ? 113 THR A O   1 
ATOM   874  C  CB  . THR A 1 122 ? 5.357   -7.441  11.539  1.00 7.65  ? 113 THR A CB  1 
ATOM   875  O  OG1 . THR A 1 122 ? 5.829   -8.403  10.590  1.00 8.79  ? 113 THR A OG1 1 
ATOM   876  C  CG2 . THR A 1 122 ? 5.082   -8.129  12.873  1.00 7.04  ? 113 THR A CG2 1 
ATOM   877  N  N   . TYR A 1 123 ? 4.303   -6.375  8.626   1.00 8.45  ? 114 TYR A N   1 
ATOM   878  C  CA  . TYR A 1 123 ? 4.578   -5.602  7.405   1.00 7.53  ? 114 TYR A CA  1 
ATOM   879  C  C   . TYR A 1 123 ? 3.654   -6.041  6.275   1.00 7.30  ? 114 TYR A C   1 
ATOM   880  O  O   . TYR A 1 123 ? 3.200   -7.186  6.233   1.00 8.00  ? 114 TYR A O   1 
ATOM   881  C  CB  . TYR A 1 123 ? 6.001   -5.816  6.869   1.00 7.77  ? 114 TYR A CB  1 
ATOM   882  C  CG  . TYR A 1 123 ? 7.149   -5.499  7.791   1.00 8.32  ? 114 TYR A CG  1 
ATOM   883  C  CD1 . TYR A 1 123 ? 7.570   -6.416  8.749   1.00 8.75  ? 114 TYR A CD1 1 
ATOM   884  C  CD2 . TYR A 1 123 ? 7.848   -4.298  7.676   1.00 8.39  ? 114 TYR A CD2 1 
ATOM   885  C  CE1 . TYR A 1 123 ? 8.662   -6.152  9.571   1.00 8.68  ? 114 TYR A CE1 1 
ATOM   886  C  CE2 . TYR A 1 123 ? 8.948   -4.020  8.492   1.00 9.11  ? 114 TYR A CE2 1 
ATOM   887  C  CZ  . TYR A 1 123 ? 9.346   -4.954  9.434   1.00 8.99  ? 114 TYR A CZ  1 
ATOM   888  O  OH  . TYR A 1 123 ? 10.435  -4.696  10.232  1.00 12.01 ? 114 TYR A OH  1 
ATOM   889  N  N   . LEU A 1 124 ? 3.398   -5.120  5.352   1.00 7.97  ? 115 LEU A N   1 
ATOM   890  C  CA  . LEU A 1 124 ? 2.603   -5.398  4.164   1.00 6.79  ? 115 LEU A CA  1 
ATOM   891  C  C   . LEU A 1 124 ? 3.462   -4.896  3.017   1.00 8.12  ? 115 LEU A C   1 
ATOM   892  O  O   . LEU A 1 124 ? 4.052   -3.819  3.099   1.00 9.25  ? 115 LEU A O   1 
ATOM   893  C  CB  . LEU A 1 124 ? 1.271   -4.639  4.158   1.00 6.84  ? 115 LEU A CB  1 
ATOM   894  C  CG  . LEU A 1 124 ? 0.167   -5.007  5.154   1.00 8.59  ? 115 LEU A CG  1 
ATOM   895  C  CD1 . LEU A 1 124 ? -1.078  -4.193  4.815   1.00 9.76  ? 115 LEU A CD1 1 
ATOM   896  C  CD2 . LEU A 1 124 ? -0.145  -6.496  5.094   1.00 7.01  ? 115 LEU A CD2 1 
ATOM   897  N  N   . ARG A 1 125 ? 3.552   -5.693  1.962   1.00 6.48  ? 116 ARG A N   1 
ATOM   898  C  CA  . ARG A 1 125 ? 4.330   -5.336  0.788   1.00 7.16  ? 116 ARG A CA  1 
ATOM   899  C  C   . ARG A 1 125 ? 3.329   -5.106  -0.332  1.00 8.05  ? 116 ARG A C   1 
ATOM   900  O  O   . ARG A 1 125 ? 2.542   -5.986  -0.650  1.00 7.17  ? 116 ARG A O   1 
ATOM   901  C  CB  . ARG A 1 125 ? 5.276   -6.488  0.432   1.00 7.58  ? 116 ARG A CB  1 
ATOM   902  C  CG  . ARG A 1 125 ? 6.067   -6.317  -0.858  1.00 8.03  ? 116 ARG A CG  1 
ATOM   903  C  CD  . ARG A 1 125 ? 6.739   -7.635  -1.236  1.00 13.75 ? 116 ARG A CD  1 
ATOM   904  N  NE  . ARG A 1 125 ? 7.575   -7.522  -2.427  1.00 15.28 ? 116 ARG A NE  1 
ATOM   905  C  CZ  . ARG A 1 125 ? 8.171   -8.553  -3.020  1.00 16.32 ? 116 ARG A CZ  1 
ATOM   906  N  NH1 . ARG A 1 125 ? 8.019   -9.779  -2.535  1.00 17.66 ? 116 ARG A NH1 1 
ATOM   907  N  NH2 . ARG A 1 125 ? 8.927   -8.359  -4.091  1.00 15.66 ? 116 ARG A NH2 1 
ATOM   908  N  N   . PHE A 1 126 ? 3.335   -3.907  -0.907  1.00 7.25  ? 117 PHE A N   1 
ATOM   909  C  CA  . PHE A 1 126 ? 2.418   -3.596  -1.993  1.00 7.06  ? 117 PHE A CA  1 
ATOM   910  C  C   . PHE A 1 126 ? 3.194   -3.516  -3.280  1.00 5.90  ? 117 PHE A C   1 
ATOM   911  O  O   . PHE A 1 126 ? 4.085   -2.685  -3.428  1.00 8.98  ? 117 PHE A O   1 
ATOM   912  C  CB  . PHE A 1 126 ? 1.696   -2.274  -1.735  1.00 6.40  ? 117 PHE A CB  1 
ATOM   913  C  CG  . PHE A 1 126 ? 0.677   -2.354  -0.645  1.00 8.42  ? 117 PHE A CG  1 
ATOM   914  C  CD1 . PHE A 1 126 ? 1.061   -2.320  0.695   1.00 9.87  ? 117 PHE A CD1 1 
ATOM   915  C  CD2 . PHE A 1 126 ? -0.673  -2.498  -0.954  1.00 10.93 ? 117 PHE A CD2 1 
ATOM   916  C  CE1 . PHE A 1 126 ? 0.112   -2.428  1.710   1.00 12.14 ? 117 PHE A CE1 1 
ATOM   917  C  CE2 . PHE A 1 126 ? -1.629  -2.609  0.058   1.00 12.23 ? 117 PHE A CE2 1 
ATOM   918  C  CZ  . PHE A 1 126 ? -1.232  -2.573  1.392   1.00 12.77 ? 117 PHE A CZ  1 
ATOM   919  N  N   . ILE A 1 127 ? 2.832   -4.376  -4.224  1.00 6.78  ? 118 ILE A N   1 
ATOM   920  C  CA  . ILE A 1 127 ? 3.506   -4.430  -5.502  1.00 5.65  ? 118 ILE A CA  1 
ATOM   921  C  C   . ILE A 1 127 ? 2.617   -3.973  -6.645  1.00 5.95  ? 118 ILE A C   1 
ATOM   922  O  O   . ILE A 1 127 ? 1.554   -4.552  -6.882  1.00 7.31  ? 118 ILE A O   1 
ATOM   923  C  CB  . ILE A 1 127 ? 3.961   -5.872  -5.813  1.00 6.49  ? 118 ILE A CB  1 
ATOM   924  C  CG1 . ILE A 1 127 ? 4.778   -6.425  -4.646  1.00 7.82  ? 118 ILE A CG1 1 
ATOM   925  C  CG2 . ILE A 1 127 ? 4.790   -5.893  -7.100  1.00 6.39  ? 118 ILE A CG2 1 
ATOM   926  C  CD1 . ILE A 1 127 ? 4.959   -7.914  -4.701  1.00 10.58 ? 118 ILE A CD1 1 
ATOM   927  N  N   . ILE A 1 128 ? 3.041   -2.916  -7.334  1.00 6.37  ? 119 ILE A N   1 
ATOM   928  C  CA  . ILE A 1 128 ? 2.307   -2.452  -8.500  1.00 4.50  ? 119 ILE A CA  1 
ATOM   929  C  C   . ILE A 1 128 ? 2.955   -3.254  -9.627  1.00 5.02  ? 119 ILE A C   1 
ATOM   930  O  O   . ILE A 1 128 ? 4.032   -2.925  -10.114 1.00 6.75  ? 119 ILE A O   1 
ATOM   931  C  CB  . ILE A 1 128 ? 2.501   -0.943  -8.749  1.00 6.59  ? 119 ILE A CB  1 
ATOM   932  C  CG1 . ILE A 1 128 ? 1.952   -0.151  -7.558  1.00 10.76 ? 119 ILE A CG1 1 
ATOM   933  C  CG2 . ILE A 1 128 ? 1.780   -0.538  -10.040 1.00 8.43  ? 119 ILE A CG2 1 
ATOM   934  C  CD1 . ILE A 1 128 ? 2.165   1.353   -7.677  1.00 11.84 ? 119 ILE A CD1 1 
ATOM   935  N  N   . VAL A 1 129 ? 2.302   -4.343  -10.003 1.00 5.79  ? 120 VAL A N   1 
ATOM   936  C  CA  . VAL A 1 129 ? 2.806   -5.229  -11.043 1.00 5.04  ? 120 VAL A CA  1 
ATOM   937  C  C   . VAL A 1 129 ? 2.777   -4.582  -12.424 1.00 6.04  ? 120 VAL A C   1 
ATOM   938  O  O   . VAL A 1 129 ? 3.698   -4.757  -13.221 1.00 4.98  ? 120 VAL A O   1 
ATOM   939  C  CB  . VAL A 1 129 ? 1.978   -6.526  -11.046 1.00 6.02  ? 120 VAL A CB  1 
ATOM   940  C  CG1 . VAL A 1 129 ? 2.455   -7.464  -12.147 1.00 6.56  ? 120 VAL A CG1 1 
ATOM   941  C  CG2 . VAL A 1 129 ? 2.094   -7.194  -9.685  1.00 4.81  ? 120 VAL A CG2 1 
ATOM   942  N  N   . SER A 1 130 ? 1.719   -3.825  -12.696 1.00 5.40  ? 121 SER A N   1 
ATOM   943  C  CA  . SER A 1 130 ? 1.566   -3.163  -13.988 1.00 6.10  ? 121 SER A CA  1 
ATOM   944  C  C   . SER A 1 130 ? 0.674   -1.947  -13.817 1.00 5.61  ? 121 SER A C   1 
ATOM   945  O  O   . SER A 1 130 ? -0.030  -1.823  -12.817 1.00 6.02  ? 121 SER A O   1 
ATOM   946  C  CB  . SER A 1 130 ? 0.933   -4.114  -15.007 1.00 7.50  ? 121 SER A CB  1 
ATOM   947  O  OG  . SER A 1 130 ? -0.368  -4.504  -14.600 1.00 8.54  ? 121 SER A OG  1 
ATOM   948  N  N   . ALA A 1 131 ? 0.700   -1.068  -14.808 1.00 6.42  ? 122 ALA A N   1 
ATOM   949  C  CA  . ALA A 1 131 ? -0.086  0.157   -14.770 1.00 7.01  ? 122 ALA A CA  1 
ATOM   950  C  C   . ALA A 1 131 ? -0.819  0.354   -16.089 1.00 8.98  ? 122 ALA A C   1 
ATOM   951  O  O   . ALA A 1 131 ? -0.469  -0.257  -17.101 1.00 9.90  ? 122 ALA A O   1 
ATOM   952  C  CB  . ALA A 1 131 ? 0.833   1.342   -14.504 1.00 7.10  ? 122 ALA A CB  1 
ATOM   953  N  N   . PHE A 1 132 ? -1.838  1.210   -16.061 1.00 9.49  ? 123 PHE A N   1 
ATOM   954  C  CA  . PHE A 1 132 ? -2.629  1.523   -17.247 1.00 10.75 ? 123 PHE A CA  1 
ATOM   955  C  C   . PHE A 1 132 ? -1.923  2.570   -18.100 1.00 11.95 ? 123 PHE A C   1 
ATOM   956  O  O   . PHE A 1 132 ? -2.394  2.927   -19.185 1.00 13.69 ? 123 PHE A O   1 
ATOM   957  C  CB  . PHE A 1 132 ? -4.008  2.032   -16.834 1.00 11.90 ? 123 PHE A CB  1 
ATOM   958  C  CG  . PHE A 1 132 ? -4.940  0.941   -16.393 1.00 11.63 ? 123 PHE A CG  1 
ATOM   959  C  CD1 . PHE A 1 132 ? -5.422  0.014   -17.307 1.00 14.17 ? 123 PHE A CD1 1 
ATOM   960  C  CD2 . PHE A 1 132 ? -5.315  0.823   -15.059 1.00 13.96 ? 123 PHE A CD2 1 
ATOM   961  C  CE1 . PHE A 1 132 ? -6.264  -1.023  -16.900 1.00 12.01 ? 123 PHE A CE1 1 
ATOM   962  C  CE2 . PHE A 1 132 ? -6.155  -0.209  -14.643 1.00 10.18 ? 123 PHE A CE2 1 
ATOM   963  C  CZ  . PHE A 1 132 ? -6.628  -1.131  -15.566 1.00 12.64 ? 123 PHE A CZ  1 
ATOM   964  N  N   . ASP A 1 133 ? -0.798  3.068   -17.600 1.00 11.78 ? 124 ASP A N   1 
ATOM   965  C  CA  . ASP A 1 133 ? -0.013  4.069   -18.315 1.00 12.06 ? 124 ASP A CA  1 
ATOM   966  C  C   . ASP A 1 133 ? 1.467   3.846   -17.998 1.00 12.00 ? 124 ASP A C   1 
ATOM   967  O  O   . ASP A 1 133 ? 1.851   2.784   -17.497 1.00 11.13 ? 124 ASP A O   1 
ATOM   968  C  CB  . ASP A 1 133 ? -0.454  5.479   -17.893 1.00 14.57 ? 124 ASP A CB  1 
ATOM   969  C  CG  . ASP A 1 133 ? -0.235  6.517   -18.987 1.00 17.34 ? 124 ASP A CG  1 
ATOM   970  O  OD1 . ASP A 1 133 ? 0.929   6.738   -19.384 1.00 18.88 ? 124 ASP A OD1 1 
ATOM   971  O  OD2 . ASP A 1 133 ? -1.231  7.113   -19.453 1.00 20.15 ? 124 ASP A OD2 1 
ATOM   972  N  N   . HIS A 1 134 ? 2.301   4.844   -18.281 1.00 11.54 ? 125 HIS A N   1 
ATOM   973  C  CA  . HIS A 1 134 ? 3.738   4.731   -18.026 1.00 11.16 ? 125 HIS A CA  1 
ATOM   974  C  C   . HIS A 1 134 ? 4.060   4.823   -16.543 1.00 11.19 ? 125 HIS A C   1 
ATOM   975  O  O   . HIS A 1 134 ? 5.190   4.565   -16.130 1.00 11.94 ? 125 HIS A O   1 
ATOM   976  C  CB  . HIS A 1 134 ? 4.489   5.840   -18.756 1.00 11.04 ? 125 HIS A CB  1 
ATOM   977  C  CG  . HIS A 1 134 ? 4.403   5.753   -20.248 1.00 9.22  ? 125 HIS A CG  1 
ATOM   978  N  ND1 . HIS A 1 134 ? 4.803   6.781   -21.071 1.00 13.06 ? 125 HIS A ND1 1 
ATOM   979  C  CD2 . HIS A 1 134 ? 3.989   4.754   -21.062 1.00 12.83 ? 125 HIS A CD2 1 
ATOM   980  C  CE1 . HIS A 1 134 ? 4.641   6.420   -22.332 1.00 11.21 ? 125 HIS A CE1 1 
ATOM   981  N  NE2 . HIS A 1 134 ? 4.149   5.195   -22.355 1.00 11.31 ? 125 HIS A NE2 1 
ATOM   982  N  N   . PHE A 1 135 ? 3.062   5.197   -15.750 1.00 9.99  ? 126 PHE A N   1 
ATOM   983  C  CA  . PHE A 1 135 ? 3.251   5.347   -14.320 1.00 8.41  ? 126 PHE A CA  1 
ATOM   984  C  C   . PHE A 1 135 ? 1.959   5.023   -13.593 1.00 7.54  ? 126 PHE A C   1 
ATOM   985  O  O   . PHE A 1 135 ? 0.904   4.892   -14.210 1.00 7.06  ? 126 PHE A O   1 
ATOM   986  C  CB  . PHE A 1 135 ? 3.667   6.792   -14.002 1.00 10.29 ? 126 PHE A CB  1 
ATOM   987  C  CG  . PHE A 1 135 ? 2.541   7.788   -14.118 1.00 10.48 ? 126 PHE A CG  1 
ATOM   988  C  CD1 . PHE A 1 135 ? 1.714   8.056   -13.027 1.00 12.25 ? 126 PHE A CD1 1 
ATOM   989  C  CD2 . PHE A 1 135 ? 2.289   8.441   -15.325 1.00 13.49 ? 126 PHE A CD2 1 
ATOM   990  C  CE1 . PHE A 1 135 ? 0.649   8.959   -13.133 1.00 10.83 ? 126 PHE A CE1 1 
ATOM   991  C  CE2 . PHE A 1 135 ? 1.227   9.345   -15.440 1.00 12.59 ? 126 PHE A CE2 1 
ATOM   992  C  CZ  . PHE A 1 135 ? 0.408   9.603   -14.341 1.00 13.56 ? 126 PHE A CZ  1 
ATOM   993  N  N   . ALA A 1 136 ? 2.055   4.889   -12.276 1.00 6.83  ? 127 ALA A N   1 
ATOM   994  C  CA  . ALA A 1 136 ? 0.896   4.629   -11.433 1.00 7.06  ? 127 ALA A CA  1 
ATOM   995  C  C   . ALA A 1 136 ? 1.125   5.393   -10.136 1.00 5.65  ? 127 ALA A C   1 
ATOM   996  O  O   . ALA A 1 136 ? 2.268   5.716   -9.789  1.00 5.54  ? 127 ALA A O   1 
ATOM   997  C  CB  . ALA A 1 136 ? 0.751   3.136   -11.165 1.00 8.13  ? 127 ALA A CB  1 
ATOM   998  N  N   . SER A 1 137 ? 0.048   5.686   -9.419  1.00 4.72  ? 128 SER A N   1 
ATOM   999  C  CA  . SER A 1 137 ? 0.159   6.442   -8.180  1.00 5.81  ? 128 SER A CA  1 
ATOM   1000 C  C   . SER A 1 137 ? -0.673  5.824   -7.082  1.00 3.89  ? 128 SER A C   1 
ATOM   1001 O  O   . SER A 1 137 ? -1.692  5.201   -7.345  1.00 6.14  ? 128 SER A O   1 
ATOM   1002 C  CB  . SER A 1 137 ? -0.318  7.883   -8.406  1.00 4.71  ? 128 SER A CB  1 
ATOM   1003 O  OG  . SER A 1 137 ? 0.491   8.547   -9.355  1.00 6.60  ? 128 SER A OG  1 
ATOM   1004 N  N   . VAL A 1 138 ? -0.217  5.995   -5.847  1.00 5.17  ? 129 VAL A N   1 
ATOM   1005 C  CA  . VAL A 1 138 ? -0.944  5.495   -4.697  1.00 5.44  ? 129 VAL A CA  1 
ATOM   1006 C  C   . VAL A 1 138 ? -1.211  6.675   -3.778  1.00 4.38  ? 129 VAL A C   1 
ATOM   1007 O  O   . VAL A 1 138 ? -0.289  7.268   -3.221  1.00 5.31  ? 129 VAL A O   1 
ATOM   1008 C  CB  . VAL A 1 138 ? -0.155  4.417   -3.929  1.00 7.21  ? 129 VAL A CB  1 
ATOM   1009 C  CG1 . VAL A 1 138 ? -0.884  4.060   -2.635  1.00 7.51  ? 129 VAL A CG1 1 
ATOM   1010 C  CG2 . VAL A 1 138 ? -0.008  3.173   -4.792  1.00 8.06  ? 129 VAL A CG2 1 
ATOM   1011 N  N   . HIS A 1 139 ? -2.487  7.014   -3.639  1.00 5.13  ? 130 HIS A N   1 
ATOM   1012 C  CA  . HIS A 1 139 ? -2.906  8.130   -2.805  1.00 6.13  ? 130 HIS A CA  1 
ATOM   1013 C  C   . HIS A 1 139 ? -3.028  7.748   -1.338  1.00 6.57  ? 130 HIS A C   1 
ATOM   1014 O  O   . HIS A 1 139 ? -2.664  8.512   -0.455  1.00 6.89  ? 130 HIS A O   1 
ATOM   1015 C  CB  . HIS A 1 139 ? -4.244  8.666   -3.311  1.00 7.39  ? 130 HIS A CB  1 
ATOM   1016 C  CG  . HIS A 1 139 ? -4.123  9.503   -4.548  1.00 8.54  ? 130 HIS A CG  1 
ATOM   1017 N  ND1 . HIS A 1 139 ? -3.570  9.038   -5.720  1.00 8.73  ? 130 HIS A ND1 1 
ATOM   1018 C  CD2 . HIS A 1 139 ? -4.463  10.794  -4.778  1.00 7.95  ? 130 HIS A CD2 1 
ATOM   1019 C  CE1 . HIS A 1 139 ? -3.572  10.008  -6.622  1.00 6.33  ? 130 HIS A CE1 1 
ATOM   1020 N  NE2 . HIS A 1 139 ? -4.109  11.081  -6.074  1.00 9.54  ? 130 HIS A NE2 1 
ATOM   1021 N  N   . SER A 1 140 ? -3.545  6.560   -1.075  1.00 7.27  ? 131 SER A N   1 
ATOM   1022 C  CA  . SER A 1 140 ? -3.704  6.120   0.301   1.00 7.86  ? 131 SER A CA  1 
ATOM   1023 C  C   . SER A 1 140 ? -3.865  4.619   0.399   1.00 7.48  ? 131 SER A C   1 
ATOM   1024 O  O   . SER A 1 140 ? -4.374  3.976   -0.518  1.00 7.33  ? 131 SER A O   1 
ATOM   1025 C  CB  . SER A 1 140 ? -4.935  6.782   0.921   1.00 10.03 ? 131 SER A CB  1 
ATOM   1026 O  OG  . SER A 1 140 ? -5.133  6.351   2.259   1.00 17.08 ? 131 SER A OG  1 
ATOM   1027 N  N   . VAL A 1 141 ? -3.399  4.076   1.516   1.00 7.81  ? 132 VAL A N   1 
ATOM   1028 C  CA  . VAL A 1 141 ? -3.546  2.665   1.815   1.00 7.40  ? 132 VAL A CA  1 
ATOM   1029 C  C   . VAL A 1 141 ? -3.994  2.638   3.265   1.00 8.21  ? 132 VAL A C   1 
ATOM   1030 O  O   . VAL A 1 141 ? -3.331  3.203   4.137   1.00 9.40  ? 132 VAL A O   1 
ATOM   1031 C  CB  . VAL A 1 141 ? -2.233  1.883   1.662   1.00 6.50  ? 132 VAL A CB  1 
ATOM   1032 C  CG1 . VAL A 1 141 ? -2.381  0.506   2.303   1.00 9.85  ? 132 VAL A CG1 1 
ATOM   1033 C  CG2 . VAL A 1 141 ? -1.901  1.728   0.183   1.00 6.74  ? 132 VAL A CG2 1 
ATOM   1034 N  N   . SER A 1 142 ? -5.140  2.008   3.504   1.00 9.54  ? 133 SER A N   1 
ATOM   1035 C  CA  . SER A 1 142 ? -5.715  1.911   4.837   1.00 11.86 ? 133 SER A CA  1 
ATOM   1036 C  C   . SER A 1 142 ? -5.947  0.464   5.237   1.00 10.95 ? 133 SER A C   1 
ATOM   1037 O  O   . SER A 1 142 ? -6.220  -0.385  4.395   1.00 12.75 ? 133 SER A O   1 
ATOM   1038 C  CB  . SER A 1 142 ? -7.060  2.644   4.887   1.00 14.16 ? 133 SER A CB  1 
ATOM   1039 O  OG  . SER A 1 142 ? -6.926  4.011   4.551   1.00 16.97 ? 133 SER A OG  1 
ATOM   1040 N  N   . ALA A 1 143 ? -5.841  0.198   6.533   1.00 12.29 ? 134 ALA A N   1 
ATOM   1041 C  CA  . ALA A 1 143 ? -6.071  -1.140  7.055   1.00 13.48 ? 134 ALA A CA  1 
ATOM   1042 C  C   . ALA A 1 143 ? -6.883  -1.010  8.331   1.00 14.78 ? 134 ALA A C   1 
ATOM   1043 O  O   . ALA A 1 143 ? -6.543  -0.231  9.224   1.00 15.54 ? 134 ALA A O   1 
ATOM   1044 C  CB  . ALA A 1 143 ? -4.751  -1.838  7.334   1.00 15.40 ? 134 ALA A CB  1 
ATOM   1045 N  N   . GLU A 1 144 ? -7.976  -1.760  8.400   1.00 13.70 ? 135 GLU A N   1 
ATOM   1046 C  CA  . GLU A 1 144 ? -8.850  -1.747  9.562   1.00 13.74 ? 135 GLU A CA  1 
ATOM   1047 C  C   . GLU A 1 144 ? -8.517  -2.983  10.378  1.00 12.26 ? 135 GLU A C   1 
ATOM   1048 O  O   . GLU A 1 144 ? -8.325  -4.058  9.822   1.00 11.03 ? 135 GLU A O   1 
ATOM   1049 C  CB  . GLU A 1 144 ? -10.310 -1.793  9.104   1.00 16.73 ? 135 GLU A CB  1 
ATOM   1050 C  CG  . GLU A 1 144 ? -11.329 -1.709  10.223  1.00 22.30 ? 135 GLU A CG  1 
ATOM   1051 C  CD  . GLU A 1 144 ? -12.745 -1.602  9.693   1.00 25.40 ? 135 GLU A CD  1 
ATOM   1052 O  OE1 . GLU A 1 144 ? -13.023 -0.638  8.947   1.00 26.70 ? 135 GLU A OE1 1 
ATOM   1053 O  OE2 . GLU A 1 144 ? -13.572 -2.481  10.019  1.00 28.23 ? 135 GLU A OE2 1 
ATOM   1054 N  N   . GLY A 1 145 ? -8.440  -2.828  11.694  1.00 11.85 ? 136 GLY A N   1 
ATOM   1055 C  CA  . GLY A 1 145 ? -8.129  -3.971  12.528  1.00 11.38 ? 136 GLY A CA  1 
ATOM   1056 C  C   . GLY A 1 145 ? -7.748  -3.597  13.940  1.00 12.39 ? 136 GLY A C   1 
ATOM   1057 O  O   . GLY A 1 145 ? -8.097  -2.518  14.427  1.00 13.41 ? 136 GLY A O   1 
ATOM   1058 N  N   . THR A 1 146 ? -7.014  -4.490  14.592  1.00 10.32 ? 137 THR A N   1 
ATOM   1059 C  CA  . THR A 1 146 ? -6.599  -4.286  15.969  1.00 12.85 ? 137 THR A CA  1 
ATOM   1060 C  C   . THR A 1 146 ? -5.122  -4.594  16.167  1.00 12.80 ? 137 THR A C   1 
ATOM   1061 O  O   . THR A 1 146 ? -4.555  -5.421  15.461  1.00 12.32 ? 137 THR A O   1 
ATOM   1062 C  CB  . THR A 1 146 ? -7.397  -5.205  16.917  1.00 14.22 ? 137 THR A CB  1 
ATOM   1063 O  OG1 . THR A 1 146 ? -8.792  -5.118  16.605  1.00 14.23 ? 137 THR A OG1 1 
ATOM   1064 C  CG2 . THR A 1 146 ? -7.182  -4.795  18.371  1.00 14.72 ? 137 THR A CG2 1 
ATOM   1065 N  N   . VAL A 1 147 ? -4.511  -3.925  17.138  1.00 14.24 ? 138 VAL A N   1 
ATOM   1066 C  CA  . VAL A 1 147 ? -3.109  -4.150  17.465  1.00 14.94 ? 138 VAL A CA  1 
ATOM   1067 C  C   . VAL A 1 147 ? -3.035  -5.311  18.456  1.00 16.97 ? 138 VAL A C   1 
ATOM   1068 O  O   . VAL A 1 147 ? -3.846  -5.399  19.381  1.00 16.88 ? 138 VAL A O   1 
ATOM   1069 C  CB  . VAL A 1 147 ? -2.478  -2.908  18.125  1.00 13.25 ? 138 VAL A CB  1 
ATOM   1070 C  CG1 . VAL A 1 147 ? -1.053  -3.219  18.563  1.00 14.12 ? 138 VAL A CG1 1 
ATOM   1071 C  CG2 . VAL A 1 147 ? -2.499  -1.736  17.162  1.00 15.26 ? 138 VAL A CG2 1 
ATOM   1072 N  N   . VAL A 1 148 ? -2.065  -6.195  18.252  1.00 19.42 ? 139 VAL A N   1 
ATOM   1073 C  CA  . VAL A 1 148 ? -1.862  -7.355  19.116  1.00 22.58 ? 139 VAL A CA  1 
ATOM   1074 C  C   . VAL A 1 148 ? -0.575  -7.162  19.913  1.00 24.75 ? 139 VAL A C   1 
ATOM   1075 O  O   . VAL A 1 148 ? 0.453   -6.785  19.353  1.00 24.88 ? 139 VAL A O   1 
ATOM   1076 C  CB  . VAL A 1 148 ? -1.734  -8.647  18.284  1.00 24.09 ? 139 VAL A CB  1 
ATOM   1077 C  CG1 . VAL A 1 148 ? -1.593  -9.849  19.201  1.00 25.80 ? 139 VAL A CG1 1 
ATOM   1078 C  CG2 . VAL A 1 148 ? -2.941  -8.800  17.378  1.00 25.74 ? 139 VAL A CG2 1 
ATOM   1079 N  N   . SER A 1 149 ? -0.630  -7.417  21.217  1.00 26.32 ? 140 SER A N   1 
ATOM   1080 C  CA  . SER A 1 149 ? 0.549   -7.258  22.065  1.00 29.19 ? 140 SER A CA  1 
ATOM   1081 C  C   . SER A 1 149 ? 1.331   -8.558  22.215  1.00 30.48 ? 140 SER A C   1 
ATOM   1082 O  O   . SER A 1 149 ? 2.504   -8.589  21.779  1.00 32.59 ? 140 SER A O   1 
ATOM   1083 C  CB  . SER A 1 149 ? 0.141   -6.739  23.447  1.00 29.42 ? 140 SER A CB  1 
ATOM   1084 O  OG  . SER A 1 149 ? -0.388  -5.424  23.359  1.00 30.19 ? 140 SER A OG  1 
HETATM 1085 CA CA  . CA  B 2 .   ? -2.044  10.660  0.774   1.00 6.05  ? 221 CA  A CA  1 
HETATM 1086 SM SM  . SM  C 3 .   ? -5.093  -11.140 -13.040 0.50 23.62 ? 331 SM  A SM  1 
HETATM 1087 O  O   . HOH D 4 .   ? 1.518   14.430  -3.740  1.00 7.79  ? 332 HOH A O   1 
HETATM 1088 O  O   . HOH D 4 .   ? 3.684   0.704   -18.026 1.00 7.81  ? 333 HOH A O   1 
HETATM 1089 O  O   . HOH D 4 .   ? -3.579  9.302   2.411   1.00 8.08  ? 334 HOH A O   1 
HETATM 1090 O  O   . HOH D 4 .   ? 2.770   -1.811  -16.998 1.00 8.24  ? 335 HOH A O   1 
HETATM 1091 O  O   . HOH D 4 .   ? 5.724   -6.571  -14.167 1.00 9.65  ? 336 HOH A O   1 
HETATM 1092 O  O   . HOH D 4 .   ? -6.960  4.572   -12.845 1.00 10.03 ? 337 HOH A O   1 
HETATM 1093 O  O   . HOH D 4 .   ? 6.607   4.788   -13.768 1.00 10.57 ? 338 HOH A O   1 
HETATM 1094 O  O   . HOH D 4 .   ? 11.745  3.716   -10.025 1.00 13.06 ? 339 HOH A O   1 
HETATM 1095 O  O   . HOH D 4 .   ? 7.925   8.825   -5.904  1.00 13.41 ? 340 HOH A O   1 
HETATM 1096 O  O   . HOH D 4 .   ? 11.590  4.211   0.644   1.00 13.81 ? 341 HOH A O   1 
HETATM 1097 O  O   . HOH D 4 .   ? 6.375   6.948   6.314   1.00 14.00 ? 342 HOH A O   1 
HETATM 1098 O  O   . HOH D 4 .   ? 8.701   9.499   2.728   1.00 14.05 ? 343 HOH A O   1 
HETATM 1099 O  O   . HOH D 4 .   ? 6.717   -13.789 7.892   1.00 14.08 ? 344 HOH A O   1 
HETATM 1100 O  O   . HOH D 4 .   ? 2.790   10.286  6.383   1.00 14.32 ? 345 HOH A O   1 
HETATM 1101 O  O   . HOH D 4 .   ? 7.344   3.246   -17.193 1.00 14.86 ? 346 HOH A O   1 
HETATM 1102 O  O   . HOH D 4 .   ? -9.736  5.127   -12.065 1.00 14.92 ? 347 HOH A O   1 
HETATM 1103 O  O   . HOH D 4 .   ? 6.429   -4.069  12.283  1.00 15.01 ? 348 HOH A O   1 
HETATM 1104 O  O   . HOH D 4 .   ? 10.268  -12.164 1.210   1.00 15.92 ? 349 HOH A O   1 
HETATM 1105 O  O   . HOH D 4 .   ? -1.183  -7.079  -15.212 1.00 16.38 ? 350 HOH A O   1 
HETATM 1106 O  O   . HOH D 4 .   ? -7.143  4.358   1.904   1.00 16.71 ? 351 HOH A O   1 
HETATM 1107 O  O   . HOH D 4 .   ? 10.997  -0.772  -9.683  1.00 16.83 ? 352 HOH A O   1 
HETATM 1108 O  O   . HOH D 4 .   ? 11.719  -2.140  9.577   1.00 16.84 ? 353 HOH A O   1 
HETATM 1109 O  O   . HOH D 4 .   ? -12.282 2.146   -8.383  1.00 16.88 ? 354 HOH A O   1 
HETATM 1110 O  O   . HOH D 4 .   ? 14.389  -14.741 6.407   1.00 17.36 ? 355 HOH A O   1 
HETATM 1111 O  O   . HOH D 4 .   ? -5.868  -1.482  18.279  1.00 17.66 ? 356 HOH A O   1 
HETATM 1112 O  O   . HOH D 4 .   ? -4.919  11.193  -16.826 1.00 17.75 ? 357 HOH A O   1 
HETATM 1113 O  O   . HOH D 4 .   ? -2.795  1.639   15.895  1.00 18.26 ? 358 HOH A O   1 
HETATM 1114 O  O   . HOH D 4 .   ? -0.375  18.580  -1.409  1.00 18.34 ? 359 HOH A O   1 
HETATM 1115 O  O   . HOH D 4 .   ? -6.962  8.197   4.663   1.00 18.52 ? 360 HOH A O   1 
HETATM 1116 O  O   . HOH D 4 .   ? 14.223  1.010   -7.511  1.00 18.65 ? 361 HOH A O   1 
HETATM 1117 O  O   . HOH D 4 .   ? -1.056  0.620   13.713  1.00 18.66 ? 362 HOH A O   1 
HETATM 1118 O  O   . HOH D 4 .   ? -3.837  7.634   4.517   1.00 19.22 ? 363 HOH A O   1 
HETATM 1119 O  O   . HOH D 4 .   ? -11.027 -8.324  -3.614  1.00 19.24 ? 364 HOH A O   1 
HETATM 1120 O  O   . HOH D 4 .   ? -12.203 -9.667  7.191   1.00 19.64 ? 365 HOH A O   1 
HETATM 1121 O  O   . HOH D 4 .   ? -7.328  -13.519 3.213   1.00 19.83 ? 366 HOH A O   1 
HETATM 1122 O  O   . HOH D 4 .   ? -0.211  -9.798  14.652  1.00 20.04 ? 367 HOH A O   1 
HETATM 1123 O  O   . HOH D 4 .   ? 10.645  -12.886 13.176  1.00 20.56 ? 368 HOH A O   1 
HETATM 1124 O  O   . HOH D 4 .   ? -0.954  9.915   9.295   1.00 21.08 ? 369 HOH A O   1 
HETATM 1125 O  O   . HOH D 4 .   ? 10.705  5.432   3.100   1.00 21.42 ? 370 HOH A O   1 
HETATM 1126 O  O   . HOH D 4 .   ? 13.264  -11.197 10.984  1.00 21.56 ? 371 HOH A O   1 
HETATM 1127 O  O   . HOH D 4 .   ? 8.366   -6.027  -6.931  1.00 21.68 ? 372 HOH A O   1 
HETATM 1128 O  O   . HOH D 4 .   ? 0.253   -14.025 15.771  1.00 21.90 ? 373 HOH A O   1 
HETATM 1129 O  O   . HOH D 4 .   ? -2.972  -14.614 9.537   1.00 21.96 ? 374 HOH A O   1 
HETATM 1130 O  O   . HOH D 4 .   ? -2.740  5.493   5.831   1.00 22.19 ? 375 HOH A O   1 
HETATM 1131 O  O   . HOH D 4 .   ? 7.678   -10.607 14.646  1.00 22.53 ? 376 HOH A O   1 
HETATM 1132 O  O   . HOH D 4 .   ? 12.694  7.766   -8.128  1.00 22.84 ? 377 HOH A O   1 
HETATM 1133 O  O   . HOH D 4 .   ? 2.420   -5.136  18.886  1.00 23.08 ? 378 HOH A O   1 
HETATM 1134 O  O   . HOH D 4 .   ? 10.852  -3.015  -1.498  1.00 23.11 ? 379 HOH A O   1 
HETATM 1135 O  O   . HOH D 4 .   ? 0.464   -17.664 1.702   1.00 23.25 ? 380 HOH A O   1 
HETATM 1136 O  O   . HOH D 4 .   ? -11.552 2.999   -11.139 1.00 23.29 ? 381 HOH A O   1 
HETATM 1137 O  O   . HOH D 4 .   ? -3.709  -14.747 -3.327  1.00 23.75 ? 382 HOH A O   1 
HETATM 1138 O  O   . HOH D 4 .   ? -3.082  18.782  0.195   1.00 23.81 ? 383 HOH A O   1 
HETATM 1139 O  O   . HOH D 4 .   ? -10.085 -0.762  -17.188 1.00 23.88 ? 384 HOH A O   1 
HETATM 1140 O  O   . HOH D 4 .   ? 3.530   15.681  -2.007  1.00 24.24 ? 385 HOH A O   1 
HETATM 1141 O  O   . HOH D 4 .   ? 10.947  -4.331  -8.495  1.00 24.80 ? 386 HOH A O   1 
HETATM 1142 O  O   . HOH D 4 .   ? -9.078  -9.338  -9.180  1.00 25.49 ? 387 HOH A O   1 
HETATM 1143 O  O   . HOH D 4 .   ? -0.695  -0.027  -19.837 1.00 25.76 ? 388 HOH A O   1 
HETATM 1144 O  O   . HOH D 4 .   ? -3.166  10.920  10.360  1.00 25.92 ? 389 HOH A O   1 
HETATM 1145 O  O   . HOH D 4 .   ? -11.994 10.641  -8.010  1.00 26.19 ? 390 HOH A O   1 
HETATM 1146 O  O   . HOH D 4 .   ? -13.952 -2.505  -4.337  1.00 26.53 ? 391 HOH A O   1 
HETATM 1147 O  O   . HOH D 4 .   ? 6.208   9.845   -12.599 1.00 26.66 ? 392 HOH A O   1 
HETATM 1148 O  O   . HOH D 4 .   ? 7.613   -8.547  -7.956  1.00 26.76 ? 393 HOH A O   1 
HETATM 1149 O  O   . HOH D 4 .   ? 2.713   -13.747 7.170   1.00 26.77 ? 394 HOH A O   1 
HETATM 1150 O  O   . HOH D 4 .   ? 11.173  10.936  -1.829  1.00 27.25 ? 395 HOH A O   1 
HETATM 1151 O  O   . HOH D 4 .   ? 6.549   3.528   15.410  1.00 27.38 ? 396 HOH A O   1 
HETATM 1152 O  O   . HOH D 4 .   ? -0.562  -16.255 7.454   1.00 27.84 ? 397 HOH A O   1 
HETATM 1153 O  O   . HOH D 4 .   ? 3.712   12.857  6.394   1.00 28.12 ? 398 HOH A O   1 
HETATM 1154 O  O   . HOH D 4 .   ? -6.662  9.450   2.286   1.00 28.29 ? 399 HOH A O   1 
HETATM 1155 O  O   . HOH D 4 .   ? 4.109   17.852  -5.290  1.00 28.66 ? 400 HOH A O   1 
HETATM 1156 O  O   . HOH D 4 .   ? 7.772   -7.241  15.196  1.00 28.87 ? 401 HOH A O   1 
HETATM 1157 O  O   . HOH D 4 .   ? 4.006   -16.652 -1.902  1.00 29.36 ? 402 HOH A O   1 
HETATM 1158 O  O   . HOH D 4 .   ? 0.374   12.323  9.637   1.00 29.82 ? 403 HOH A O   1 
HETATM 1159 O  O   . HOH D 4 .   ? 8.512   -14.267 -2.849  1.00 29.85 ? 404 HOH A O   1 
HETATM 1160 O  O   . HOH D 4 .   ? -7.488  1.135   -5.581  1.00 30.10 ? 405 HOH A O   1 
HETATM 1161 O  O   . HOH D 4 .   ? 5.736   7.323   9.096   1.00 30.33 ? 406 HOH A O   1 
HETATM 1162 O  O   . HOH D 4 .   ? 1.742   1.658   13.604  1.00 30.93 ? 407 HOH A O   1 
HETATM 1163 O  O   . HOH D 4 .   ? 11.276  5.171   5.807   1.00 30.95 ? 408 HOH A O   1 
HETATM 1164 O  O   . HOH D 4 .   ? 13.687  1.607   -13.766 1.00 31.48 ? 409 HOH A O   1 
HETATM 1165 O  O   . HOH D 4 .   ? -1.745  -11.988 15.361  1.00 31.52 ? 410 HOH A O   1 
HETATM 1166 O  O   . HOH D 4 .   ? 8.370   7.325   4.487   1.00 31.66 ? 411 HOH A O   1 
HETATM 1167 O  O   . HOH D 4 .   ? 2.785   11.449  -11.035 1.00 31.66 ? 412 HOH A O   1 
HETATM 1168 O  O   . HOH D 4 .   ? -5.705  -2.528  20.938  1.00 32.50 ? 413 HOH A O   1 
HETATM 1169 O  O   . HOH D 4 .   ? -10.283 0.271   -9.243  1.00 32.98 ? 414 HOH A O   1 
HETATM 1170 O  O   . HOH D 4 .   ? 2.554   4.730   -24.719 1.00 33.06 ? 415 HOH A O   1 
HETATM 1171 O  O   . HOH D 4 .   ? -4.400  8.631   13.953  1.00 33.19 ? 416 HOH A O   1 
HETATM 1172 O  O   . HOH D 4 .   ? -2.279  4.107   -21.662 1.00 33.37 ? 417 HOH A O   1 
HETATM 1173 O  O   . HOH D 4 .   ? -10.357 -13.499 6.024   1.00 33.43 ? 418 HOH A O   1 
HETATM 1174 O  O   . HOH D 4 .   ? 16.803  16.631  -3.159  1.00 33.46 ? 419 HOH A O   1 
HETATM 1175 O  O   . HOH D 4 .   ? 5.236   7.214   12.337  1.00 33.64 ? 420 HOH A O   1 
HETATM 1176 O  O   . HOH D 4 .   ? -4.586  6.337   -20.013 1.00 34.31 ? 421 HOH A O   1 
HETATM 1177 O  O   . HOH D 4 .   ? -18.091 -4.142  -4.399  1.00 34.36 ? 422 HOH A O   1 
HETATM 1178 O  O   . HOH D 4 .   ? 7.599   7.043   -15.284 1.00 34.45 ? 423 HOH A O   1 
HETATM 1179 O  O   . HOH D 4 .   ? -8.600  0.581   15.047  1.00 34.62 ? 424 HOH A O   1 
HETATM 1180 O  O   . HOH D 4 .   ? 12.258  18.348  0.277   1.00 35.33 ? 425 HOH A O   1 
HETATM 1181 O  O   . HOH D 4 .   ? 15.640  -6.885  14.527  1.00 35.42 ? 426 HOH A O   1 
HETATM 1182 O  O   . HOH D 4 .   ? 13.672  -1.519  -8.440  1.00 35.71 ? 427 HOH A O   1 
HETATM 1183 O  O   . HOH D 4 .   ? 11.861  8.284   -0.690  1.00 35.91 ? 428 HOH A O   1 
HETATM 1184 O  O   . HOH D 4 .   ? -11.557 -4.606  -9.392  1.00 35.99 ? 429 HOH A O   1 
HETATM 1185 O  O   . HOH D 4 .   ? 6.211   -14.553 13.308  1.00 36.06 ? 430 HOH A O   1 
HETATM 1186 O  O   . HOH D 4 .   ? 16.126  8.219   -2.482  1.00 36.35 ? 431 HOH A O   1 
HETATM 1187 O  O   . HOH D 4 .   ? 5.104   0.837   17.783  1.00 36.45 ? 432 HOH A O   1 
HETATM 1188 O  O   . HOH D 4 .   ? -4.148  -14.647 -10.752 1.00 36.77 ? 433 HOH A O   1 
HETATM 1189 O  O   . HOH D 4 .   ? -9.599  6.047   2.586   1.00 37.19 ? 434 HOH A O   1 
HETATM 1190 O  O   . HOH D 4 .   ? -2.903  -4.522  21.895  1.00 37.48 ? 435 HOH A O   1 
HETATM 1191 O  O   . HOH D 4 .   ? -13.106 2.205   13.105  1.00 38.88 ? 436 HOH A O   1 
HETATM 1192 O  O   . HOH D 4 .   ? -14.599 3.499   -7.249  1.00 39.07 ? 437 HOH A O   1 
HETATM 1193 O  O   . HOH D 4 .   ? -15.637 1.288   -1.395  1.00 39.44 ? 438 HOH A O   1 
HETATM 1194 O  O   . HOH D 4 .   ? 2.026   -19.495 0.535   1.00 39.93 ? 439 HOH A O   1 
HETATM 1195 O  O   . HOH D 4 .   ? -14.593 5.553   -10.210 1.00 40.00 ? 440 HOH A O   1 
HETATM 1196 O  O   . HOH D 4 .   ? 12.073  4.526   12.401  1.00 40.82 ? 441 HOH A O   1 
HETATM 1197 O  O   . HOH D 4 .   ? 13.567  -2.560  12.087  1.00 42.49 ? 442 HOH A O   1 
HETATM 1198 O  O   . HOH D 4 .   ? -3.190  3.149   -3.858  1.00 43.51 ? 443 HOH A O   1 
HETATM 1199 O  O   . HOH D 4 .   ? -15.150 11.483  -15.653 1.00 44.18 ? 444 HOH A O   1 
HETATM 1200 O  O   . HOH D 4 .   ? 10.510  -16.079 -1.840  1.00 50.51 ? 445 HOH A O   1 
HETATM 1201 O  O   . HOH D 4 .   ? 1.865   -2.884  6.479   1.00 53.16 ? 446 HOH A O   1 
HETATM 1202 O  O   . HOH D 4 .   ? 8.891   9.342   -3.493  1.00 55.79 ? 447 HOH A O   1 
# 
